data_6UBB
#
_entry.id   6UBB
#
_cell.length_a   121.349
_cell.length_b   152.733
_cell.length_c   169.135
_cell.angle_alpha   90.00
_cell.angle_beta   90.00
_cell.angle_gamma   90.00
#
_symmetry.space_group_name_H-M   'P 21 21 21'
#
loop_
_entity.id
_entity.type
_entity.pdbx_description
1 polymer 'Glyco_hydro_cc domain-containing protein'
2 branched beta-D-glucopyranose-(1-3)-beta-D-glucopyranose
3 water water
#
_entity_poly.entity_id   1
_entity_poly.type   'polypeptide(L)'
_entity_poly.pdbx_seq_one_letter_code
;MGSSHHHHHHSSGLVPAGSHMVKKRVLLWDYTNTRDVKWAMDKINFKGPLHSCSNWNTWYPDELKHRLPFRPMIHGKNNL
TGGEWQNILKTNEEVIHFFNEPERAGISPEEAAKIWNDQVLALRTSHHKRLVSPSCASDPAGIAWIKKWMNLVAKNPPDY
LGLHWYGTKGDEMIRYLESMHKEHPHQPIIVSEWASTSRSYPDVLGLTVQLANWMDSTPWVAEYALFGCMRQMADDFVSP
EAQLMNKDGSFTDLMWKYMSDQPMHI
;
_entity_poly.pdbx_strand_id   A,B,C,D,E,F,G,H,I,J
#
# COMPACT_ATOMS: atom_id res chain seq x y z
N HIS A 20 19.75 -7.90 -7.14
CA HIS A 20 19.66 -8.91 -6.04
C HIS A 20 20.29 -10.23 -6.50
N MET A 21 21.23 -10.76 -5.70
CA MET A 21 21.95 -12.03 -5.99
C MET A 21 21.00 -13.22 -5.73
N VAL A 22 20.67 -13.98 -6.78
CA VAL A 22 19.90 -15.25 -6.68
C VAL A 22 20.85 -16.32 -6.12
N LYS A 23 20.46 -16.98 -5.03
CA LYS A 23 21.29 -18.01 -4.33
C LYS A 23 20.42 -19.24 -4.05
N LYS A 24 20.49 -20.24 -4.94
CA LYS A 24 19.82 -21.55 -4.78
C LYS A 24 20.69 -22.65 -5.41
N ARG A 25 22.02 -22.51 -5.31
CA ARG A 25 23.01 -23.49 -5.83
C ARG A 25 23.61 -24.28 -4.66
N VAL A 26 23.34 -25.59 -4.63
CA VAL A 26 23.83 -26.54 -3.59
C VAL A 26 25.26 -26.94 -3.94
N LEU A 27 26.17 -26.89 -2.96
CA LEU A 27 27.54 -27.47 -3.08
C LEU A 27 27.48 -28.95 -2.67
N LEU A 28 27.38 -29.85 -3.66
CA LEU A 28 27.55 -31.31 -3.45
C LEU A 28 29.02 -31.56 -3.07
N TRP A 29 29.26 -31.98 -1.82
CA TRP A 29 30.62 -32.23 -1.26
C TRP A 29 30.76 -33.72 -0.96
N ASP A 30 31.13 -34.52 -1.98
CA ASP A 30 31.34 -35.98 -1.86
C ASP A 30 32.30 -36.26 -0.69
N TYR A 31 32.04 -37.32 0.07
CA TYR A 31 32.78 -37.67 1.31
C TYR A 31 34.27 -37.91 1.00
N THR A 32 34.62 -38.20 -0.26
CA THR A 32 36.02 -38.39 -0.73
C THR A 32 36.79 -37.06 -0.59
N ASN A 33 36.11 -35.93 -0.75
CA ASN A 33 36.70 -34.58 -0.53
C ASN A 33 37.11 -34.44 0.94
N THR A 34 36.19 -34.79 1.86
CA THR A 34 36.38 -34.73 3.33
C THR A 34 37.54 -35.65 3.74
N ARG A 35 37.70 -36.80 3.06
CA ARG A 35 38.69 -37.86 3.40
C ARG A 35 40.09 -37.42 2.99
N ASP A 36 40.26 -36.88 1.78
CA ASP A 36 41.57 -36.65 1.12
C ASP A 36 41.95 -35.16 1.15
N VAL A 37 41.03 -34.28 0.74
CA VAL A 37 41.31 -32.84 0.46
C VAL A 37 40.29 -31.95 1.20
N LYS A 38 40.37 -31.90 2.53
CA LYS A 38 39.61 -30.96 3.41
C LYS A 38 39.83 -29.53 2.93
N TRP A 39 41.11 -29.15 2.79
CA TRP A 39 41.61 -27.78 2.43
C TRP A 39 40.88 -27.21 1.21
N ALA A 40 40.33 -28.06 0.34
CA ALA A 40 39.59 -27.68 -0.89
C ALA A 40 38.36 -26.81 -0.54
N MET A 41 37.73 -27.06 0.61
CA MET A 41 36.49 -26.37 1.07
C MET A 41 36.77 -24.89 1.34
N ASP A 42 38.01 -24.53 1.70
CA ASP A 42 38.42 -23.13 2.04
C ASP A 42 38.69 -22.33 0.76
N LYS A 43 38.88 -23.01 -0.38
CA LYS A 43 39.11 -22.38 -1.71
C LYS A 43 37.76 -22.04 -2.37
N ILE A 44 36.65 -22.45 -1.75
CA ILE A 44 35.25 -22.13 -2.19
C ILE A 44 35.05 -20.61 -2.17
N ASN A 45 34.22 -20.10 -3.08
CA ASN A 45 33.71 -18.70 -3.11
C ASN A 45 32.33 -18.68 -2.45
N PHE A 46 32.25 -18.18 -1.22
CA PHE A 46 31.02 -18.18 -0.37
C PHE A 46 30.24 -16.87 -0.55
N LYS A 47 30.78 -15.91 -1.31
CA LYS A 47 30.16 -14.59 -1.59
C LYS A 47 29.48 -14.60 -2.96
N GLY A 48 29.11 -15.79 -3.46
CA GLY A 48 28.45 -15.99 -4.77
C GLY A 48 27.08 -16.67 -4.61
N PRO A 49 26.52 -17.23 -5.70
CA PRO A 49 25.21 -17.90 -5.62
C PRO A 49 25.15 -19.19 -4.80
N LEU A 50 26.25 -19.63 -4.17
CA LEU A 50 26.25 -20.84 -3.29
C LEU A 50 25.38 -20.57 -2.06
N HIS A 51 24.51 -21.52 -1.75
CA HIS A 51 23.30 -21.37 -0.91
C HIS A 51 23.29 -22.39 0.24
N SER A 52 23.61 -23.66 -0.06
CA SER A 52 23.60 -24.79 0.89
C SER A 52 24.66 -25.83 0.49
N CYS A 53 24.74 -26.94 1.22
CA CYS A 53 25.70 -28.06 1.02
C CYS A 53 25.04 -29.39 1.39
N SER A 54 25.45 -30.48 0.72
CA SER A 54 25.02 -31.87 1.04
C SER A 54 26.13 -32.85 0.61
N ASN A 55 26.16 -34.04 1.21
CA ASN A 55 27.28 -35.01 1.07
C ASN A 55 26.78 -36.47 1.10
N TRP A 56 25.49 -36.70 0.82
CA TRP A 56 24.86 -38.05 0.71
C TRP A 56 24.91 -38.82 2.04
N ASN A 57 25.27 -38.17 3.14
CA ASN A 57 25.46 -38.84 4.46
C ASN A 57 24.71 -38.07 5.55
N THR A 58 24.55 -38.70 6.72
CA THR A 58 23.87 -38.17 7.94
C THR A 58 24.82 -37.21 8.67
N TRP A 59 26.13 -37.49 8.62
CA TRP A 59 27.18 -36.76 9.39
C TRP A 59 27.57 -35.47 8.65
N TYR A 60 28.20 -34.55 9.37
CA TYR A 60 28.47 -33.14 8.95
C TYR A 60 29.92 -33.01 8.50
N PRO A 61 30.18 -32.37 7.33
CA PRO A 61 31.55 -32.08 6.90
C PRO A 61 32.12 -30.86 7.64
N ASP A 62 32.94 -31.11 8.67
CA ASP A 62 33.40 -30.09 9.65
C ASP A 62 34.14 -28.96 8.93
N GLU A 63 34.83 -29.26 7.82
CA GLU A 63 35.62 -28.29 7.03
C GLU A 63 34.70 -27.19 6.45
N LEU A 64 33.40 -27.45 6.34
CA LEU A 64 32.36 -26.45 5.93
C LEU A 64 32.35 -25.27 6.91
N LYS A 65 32.61 -25.52 8.19
CA LYS A 65 32.61 -24.53 9.31
C LYS A 65 31.33 -23.70 9.30
N HIS A 66 30.18 -24.32 8.98
CA HIS A 66 28.83 -23.69 9.06
C HIS A 66 28.74 -22.45 8.16
N ARG A 67 29.51 -22.38 7.08
CA ARG A 67 29.53 -21.23 6.13
C ARG A 67 28.35 -21.36 5.16
N LEU A 68 27.75 -22.55 5.06
CA LEU A 68 26.49 -22.81 4.31
C LEU A 68 25.58 -23.70 5.16
N PRO A 69 24.24 -23.53 5.10
CA PRO A 69 23.33 -24.54 5.60
C PRO A 69 23.66 -25.93 5.02
N PHE A 70 23.74 -26.93 5.88
CA PHE A 70 23.98 -28.35 5.50
C PHE A 70 22.66 -29.11 5.55
N ARG A 71 22.39 -29.94 4.53
CA ARG A 71 21.21 -30.85 4.47
C ARG A 71 21.69 -32.28 4.69
N PRO A 72 21.58 -32.83 5.93
CA PRO A 72 21.78 -34.26 6.14
C PRO A 72 20.88 -35.10 5.23
N MET A 73 21.36 -36.28 4.84
CA MET A 73 20.61 -37.24 3.98
C MET A 73 20.48 -38.58 4.71
N ILE A 74 19.28 -39.16 4.69
CA ILE A 74 19.01 -40.58 5.04
C ILE A 74 19.13 -41.39 3.73
N HIS A 75 20.37 -41.75 3.36
CA HIS A 75 20.74 -42.31 2.03
C HIS A 75 19.98 -43.61 1.75
N GLY A 76 20.03 -44.56 2.68
CA GLY A 76 19.41 -45.90 2.53
C GLY A 76 19.04 -46.53 3.87
N LYS A 77 18.64 -47.81 3.84
CA LYS A 77 18.17 -48.58 5.02
C LYS A 77 19.29 -48.76 6.04
N ASN A 78 20.54 -48.49 5.65
CA ASN A 78 21.74 -48.60 6.52
C ASN A 78 21.90 -47.35 7.40
N ASN A 79 21.14 -46.28 7.14
CA ASN A 79 21.21 -44.99 7.89
C ASN A 79 19.95 -44.77 8.74
N LEU A 80 19.27 -45.86 9.12
CA LEU A 80 18.01 -45.82 9.93
C LEU A 80 18.27 -46.24 11.38
N THR A 81 19.47 -46.76 11.69
CA THR A 81 19.84 -47.31 13.02
C THR A 81 21.21 -46.79 13.46
N GLY A 82 21.54 -46.97 14.74
CA GLY A 82 22.87 -46.71 15.33
C GLY A 82 23.30 -45.26 15.16
N GLY A 83 24.62 -45.03 15.10
CA GLY A 83 25.24 -43.69 14.98
C GLY A 83 24.66 -42.88 13.85
N GLU A 84 24.32 -43.52 12.73
CA GLU A 84 23.74 -42.88 11.52
C GLU A 84 22.42 -42.17 11.90
N TRP A 85 21.55 -42.84 12.65
CA TRP A 85 20.23 -42.28 13.07
C TRP A 85 20.43 -41.19 14.13
N GLN A 86 21.40 -41.35 15.04
CA GLN A 86 21.73 -40.35 16.09
C GLN A 86 22.14 -39.03 15.42
N ASN A 87 22.96 -39.11 14.37
CA ASN A 87 23.43 -37.95 13.57
C ASN A 87 22.21 -37.17 13.06
N ILE A 88 21.17 -37.89 12.63
CA ILE A 88 19.90 -37.31 12.08
C ILE A 88 19.06 -36.71 13.22
N LEU A 89 18.94 -37.42 14.36
CA LEU A 89 18.10 -37.01 15.52
C LEU A 89 18.66 -35.73 16.17
N LYS A 90 19.99 -35.52 16.11
CA LYS A 90 20.70 -34.51 16.95
C LYS A 90 21.08 -33.27 16.13
N THR A 91 20.82 -33.24 14.81
CA THR A 91 21.25 -32.14 13.91
C THR A 91 20.44 -30.87 14.21
N ASN A 92 21.11 -29.70 14.16
CA ASN A 92 20.49 -28.35 14.29
C ASN A 92 20.09 -27.84 12.91
N GLU A 93 20.54 -28.51 11.84
CA GLU A 93 20.26 -28.14 10.43
C GLU A 93 18.77 -28.39 10.15
N GLU A 94 18.18 -27.61 9.24
CA GLU A 94 16.70 -27.42 9.13
C GLU A 94 16.08 -28.44 8.18
N VAL A 95 16.80 -28.84 7.12
CA VAL A 95 16.25 -29.63 5.98
C VAL A 95 16.99 -30.97 5.87
N ILE A 96 16.25 -32.07 5.74
CA ILE A 96 16.78 -33.46 5.70
C ILE A 96 16.24 -34.17 4.44
N HIS A 97 17.12 -34.73 3.62
CA HIS A 97 16.79 -35.58 2.43
C HIS A 97 16.44 -37.00 2.89
N PHE A 98 15.51 -37.66 2.20
CA PHE A 98 15.18 -39.10 2.36
C PHE A 98 16.04 -39.90 1.37
N PHE A 99 15.62 -41.11 1.00
CA PHE A 99 16.45 -42.13 0.28
C PHE A 99 17.00 -41.55 -1.02
N ASN A 100 18.22 -41.96 -1.39
CA ASN A 100 18.88 -41.64 -2.68
C ASN A 100 18.60 -42.78 -3.67
N GLU A 101 17.90 -42.47 -4.77
CA GLU A 101 17.53 -43.43 -5.85
C GLU A 101 17.15 -44.78 -5.23
N PRO A 102 16.09 -44.83 -4.40
CA PRO A 102 15.67 -46.08 -3.75
C PRO A 102 15.23 -47.18 -4.73
N GLU A 103 14.77 -46.81 -5.92
CA GLU A 103 14.28 -47.74 -6.97
C GLU A 103 15.45 -48.64 -7.46
N ARG A 104 16.68 -48.14 -7.37
CA ARG A 104 17.92 -48.85 -7.78
C ARG A 104 18.63 -49.48 -6.57
N ALA A 105 17.89 -49.76 -5.48
CA ALA A 105 18.43 -50.35 -4.24
C ALA A 105 17.41 -51.27 -3.54
N GLY A 106 16.41 -51.76 -4.28
CA GLY A 106 15.45 -52.78 -3.81
C GLY A 106 14.52 -52.26 -2.71
N ILE A 107 14.38 -50.94 -2.57
CA ILE A 107 13.41 -50.29 -1.62
C ILE A 107 12.15 -49.93 -2.43
N SER A 108 11.03 -50.62 -2.19
CA SER A 108 9.73 -50.38 -2.86
C SER A 108 9.09 -49.11 -2.30
N PRO A 109 8.13 -48.49 -3.02
CA PRO A 109 7.36 -47.38 -2.46
C PRO A 109 6.62 -47.77 -1.17
N GLU A 110 6.09 -48.99 -1.11
CA GLU A 110 5.39 -49.57 0.07
C GLU A 110 6.33 -49.52 1.29
N GLU A 111 7.58 -49.93 1.09
CA GLU A 111 8.64 -50.04 2.13
C GLU A 111 8.99 -48.64 2.65
N ALA A 112 9.41 -47.75 1.76
CA ALA A 112 9.89 -46.37 2.06
C ALA A 112 8.77 -45.56 2.73
N ALA A 113 7.52 -45.75 2.30
CA ALA A 113 6.31 -45.11 2.85
C ALA A 113 6.10 -45.54 4.31
N LYS A 114 6.28 -46.83 4.59
CA LYS A 114 6.06 -47.45 5.92
C LYS A 114 7.19 -47.01 6.87
N ILE A 115 8.39 -46.74 6.36
CA ILE A 115 9.53 -46.15 7.11
C ILE A 115 9.24 -44.66 7.36
N TRP A 116 8.79 -43.96 6.32
CA TRP A 116 8.46 -42.50 6.35
C TRP A 116 7.47 -42.20 7.49
N ASN A 117 6.40 -43.02 7.60
CA ASN A 117 5.34 -42.86 8.64
C ASN A 117 5.91 -43.19 10.02
N ASP A 118 6.71 -44.26 10.13
CA ASP A 118 7.04 -44.93 11.41
C ASP A 118 8.23 -44.24 12.11
N GLN A 119 9.11 -43.52 11.39
CA GLN A 119 10.34 -42.95 12.01
C GLN A 119 10.74 -41.60 11.40
N VAL A 120 10.59 -41.39 10.09
CA VAL A 120 11.08 -40.14 9.42
C VAL A 120 10.12 -38.99 9.72
N LEU A 121 8.80 -39.26 9.77
CA LEU A 121 7.73 -38.26 10.04
C LEU A 121 8.05 -37.48 11.32
N ALA A 122 8.49 -38.18 12.37
CA ALA A 122 8.78 -37.64 13.72
C ALA A 122 9.71 -36.42 13.62
N LEU A 123 10.59 -36.38 12.62
CA LEU A 123 11.56 -35.27 12.40
C LEU A 123 10.81 -33.96 12.08
N ARG A 124 9.61 -34.03 11.50
CA ARG A 124 8.75 -32.84 11.25
C ARG A 124 7.84 -32.59 12.45
N THR A 125 7.12 -33.61 12.91
CA THR A 125 6.03 -33.50 13.93
C THR A 125 6.63 -33.14 15.31
N SER A 126 7.85 -33.59 15.60
CA SER A 126 8.53 -33.41 16.91
C SER A 126 9.71 -32.43 16.81
N HIS A 127 10.64 -32.66 15.88
CA HIS A 127 11.93 -31.92 15.77
C HIS A 127 11.78 -30.74 14.78
N HIS A 128 10.63 -30.64 14.11
CA HIS A 128 10.24 -29.51 13.22
C HIS A 128 11.33 -29.27 12.16
N LYS A 129 11.70 -30.33 11.47
CA LYS A 129 12.60 -30.32 10.28
C LYS A 129 11.75 -30.41 9.02
N ARG A 130 12.24 -29.84 7.92
CA ARG A 130 11.60 -29.98 6.57
C ARG A 130 12.24 -31.16 5.84
N LEU A 131 11.41 -31.97 5.19
CA LEU A 131 11.77 -33.30 4.63
C LEU A 131 11.67 -33.26 3.11
N VAL A 132 12.78 -33.57 2.42
CA VAL A 132 12.82 -33.78 0.94
C VAL A 132 12.48 -35.24 0.67
N SER A 133 11.60 -35.48 -0.31
CA SER A 133 11.21 -36.84 -0.78
C SER A 133 12.47 -37.61 -1.19
N PRO A 134 12.38 -38.95 -1.38
CA PRO A 134 13.45 -39.68 -2.04
C PRO A 134 13.71 -39.09 -3.43
N SER A 135 14.98 -38.86 -3.77
CA SER A 135 15.43 -38.36 -5.10
C SER A 135 15.70 -39.54 -6.03
N CYS A 136 14.70 -39.92 -6.83
CA CYS A 136 14.77 -41.00 -7.86
C CYS A 136 15.40 -40.44 -9.14
N ALA A 137 15.80 -41.33 -10.05
CA ALA A 137 16.37 -40.99 -11.38
C ALA A 137 15.24 -40.52 -12.29
N SER A 138 15.59 -39.82 -13.38
CA SER A 138 14.64 -39.21 -14.35
C SER A 138 14.23 -40.22 -15.44
N ASP A 139 14.44 -41.52 -15.20
CA ASP A 139 14.04 -42.62 -16.12
C ASP A 139 12.67 -43.14 -15.69
N PRO A 140 11.92 -43.83 -16.58
CA PRO A 140 10.57 -44.31 -16.26
C PRO A 140 10.40 -44.97 -14.87
N ALA A 141 11.33 -45.85 -14.48
CA ALA A 141 11.31 -46.60 -13.20
C ALA A 141 11.32 -45.62 -12.03
N GLY A 142 12.17 -44.59 -12.09
CA GLY A 142 12.30 -43.55 -11.06
C GLY A 142 11.05 -42.70 -10.95
N ILE A 143 10.49 -42.28 -12.09
CA ILE A 143 9.28 -41.41 -12.18
C ILE A 143 8.08 -42.17 -11.63
N ALA A 144 7.97 -43.47 -11.96
CA ALA A 144 6.88 -44.37 -11.50
C ALA A 144 7.00 -44.61 -9.98
N TRP A 145 8.24 -44.71 -9.48
CA TRP A 145 8.53 -44.99 -8.05
C TRP A 145 8.09 -43.80 -7.19
N ILE A 146 8.49 -42.58 -7.55
CA ILE A 146 8.14 -41.34 -6.79
C ILE A 146 6.64 -41.10 -6.91
N LYS A 147 6.05 -41.34 -8.10
CA LYS A 147 4.60 -41.18 -8.37
C LYS A 147 3.81 -41.97 -7.32
N LYS A 148 4.13 -43.25 -7.16
CA LYS A 148 3.38 -44.20 -6.28
C LYS A 148 3.66 -43.87 -4.80
N TRP A 149 4.91 -43.50 -4.46
CA TRP A 149 5.32 -43.18 -3.06
C TRP A 149 4.58 -41.93 -2.59
N MET A 150 4.65 -40.84 -3.36
CA MET A 150 3.95 -39.55 -3.08
C MET A 150 2.46 -39.81 -2.82
N ASN A 151 1.87 -40.76 -3.56
CA ASN A 151 0.44 -41.16 -3.44
C ASN A 151 0.21 -41.86 -2.10
N LEU A 152 1.11 -42.78 -1.71
CA LEU A 152 0.99 -43.58 -0.46
C LEU A 152 1.10 -42.68 0.78
N VAL A 153 1.85 -41.57 0.69
CA VAL A 153 2.13 -40.65 1.82
C VAL A 153 1.51 -39.27 1.56
N ALA A 154 0.39 -39.22 0.82
CA ALA A 154 -0.29 -37.98 0.37
C ALA A 154 -0.84 -37.21 1.58
N LYS A 155 -1.28 -37.92 2.63
CA LYS A 155 -1.84 -37.31 3.87
C LYS A 155 -0.73 -36.65 4.69
N ASN A 156 0.52 -37.07 4.50
CA ASN A 156 1.73 -36.50 5.17
C ASN A 156 2.79 -36.24 4.11
N PRO A 157 2.55 -35.29 3.17
CA PRO A 157 3.44 -35.11 2.02
C PRO A 157 4.78 -34.50 2.44
N PRO A 158 5.87 -34.73 1.68
CA PRO A 158 7.14 -34.05 1.92
C PRO A 158 7.02 -32.53 1.73
N ASP A 159 7.97 -31.77 2.28
CA ASP A 159 8.02 -30.28 2.17
C ASP A 159 8.66 -29.89 0.83
N TYR A 160 9.50 -30.78 0.27
CA TYR A 160 10.22 -30.59 -1.02
C TYR A 160 10.14 -31.88 -1.84
N LEU A 161 10.01 -31.75 -3.17
CA LEU A 161 10.16 -32.88 -4.12
C LEU A 161 11.60 -32.93 -4.62
N GLY A 162 12.31 -34.03 -4.32
CA GLY A 162 13.71 -34.26 -4.73
C GLY A 162 13.79 -34.94 -6.08
N LEU A 163 14.59 -34.38 -7.01
CA LEU A 163 14.78 -34.91 -8.38
C LEU A 163 16.28 -35.02 -8.70
N HIS A 164 16.65 -36.03 -9.50
CA HIS A 164 17.92 -36.11 -10.26
C HIS A 164 17.60 -35.93 -11.75
N TRP A 165 18.52 -35.35 -12.52
CA TRP A 165 18.47 -35.35 -14.01
C TRP A 165 19.88 -35.44 -14.59
N TYR A 166 20.06 -36.32 -15.58
CA TYR A 166 21.31 -36.50 -16.36
C TYR A 166 20.98 -36.65 -17.84
N GLY A 167 21.73 -35.95 -18.70
CA GLY A 167 21.53 -35.97 -20.17
C GLY A 167 22.39 -34.91 -20.84
N THR A 168 22.16 -34.67 -22.14
CA THR A 168 22.97 -33.76 -23.00
C THR A 168 22.12 -32.58 -23.50
N LYS A 169 20.79 -32.67 -23.39
CA LYS A 169 19.83 -31.67 -23.95
C LYS A 169 19.21 -30.88 -22.78
N GLY A 170 19.63 -29.62 -22.62
CA GLY A 170 19.12 -28.67 -21.62
C GLY A 170 17.62 -28.48 -21.73
N ASP A 171 17.09 -28.39 -22.96
CA ASP A 171 15.65 -28.21 -23.26
C ASP A 171 14.86 -29.41 -22.70
N GLU A 172 15.51 -30.57 -22.56
CA GLU A 172 14.87 -31.85 -22.13
C GLU A 172 14.80 -31.91 -20.60
N MET A 173 15.79 -31.35 -19.89
CA MET A 173 15.80 -31.23 -18.40
C MET A 173 14.67 -30.29 -17.98
N ILE A 174 14.52 -29.17 -18.69
CA ILE A 174 13.48 -28.13 -18.43
C ILE A 174 12.10 -28.79 -18.49
N ARG A 175 11.77 -29.44 -19.60
CA ARG A 175 10.47 -30.14 -19.82
C ARG A 175 10.22 -31.13 -18.68
N TYR A 176 11.27 -31.84 -18.22
CA TYR A 176 11.18 -32.84 -17.12
C TYR A 176 10.78 -32.13 -15.82
N LEU A 177 11.43 -31.01 -15.49
CA LEU A 177 11.12 -30.20 -14.28
C LEU A 177 9.71 -29.62 -14.39
N GLU A 178 9.36 -29.06 -15.55
CA GLU A 178 8.00 -28.54 -15.85
C GLU A 178 6.99 -29.68 -15.74
N SER A 179 7.35 -30.88 -16.21
CA SER A 179 6.50 -32.09 -16.22
C SER A 179 6.28 -32.60 -14.79
N MET A 180 7.33 -32.59 -13.96
CA MET A 180 7.27 -33.10 -12.56
C MET A 180 6.59 -32.06 -11.65
N HIS A 181 6.74 -30.76 -11.95
CA HIS A 181 6.03 -29.66 -11.26
C HIS A 181 4.53 -29.73 -11.56
N LYS A 182 4.16 -30.19 -12.76
CA LYS A 182 2.76 -30.37 -13.21
C LYS A 182 2.14 -31.59 -12.51
N GLU A 183 2.91 -32.68 -12.39
CA GLU A 183 2.46 -33.98 -11.82
C GLU A 183 2.35 -33.87 -10.30
N HIS A 184 3.29 -33.17 -9.66
CA HIS A 184 3.39 -33.00 -8.19
C HIS A 184 3.43 -31.51 -7.86
N PRO A 185 2.27 -30.81 -7.91
CA PRO A 185 2.24 -29.35 -7.85
C PRO A 185 2.24 -28.70 -6.46
N HIS A 186 2.22 -29.51 -5.39
CA HIS A 186 1.85 -29.07 -4.01
C HIS A 186 3.07 -28.73 -3.15
N GLN A 187 4.29 -28.82 -3.68
CA GLN A 187 5.53 -28.33 -2.97
C GLN A 187 6.55 -27.83 -3.98
N PRO A 188 7.60 -27.11 -3.52
CA PRO A 188 8.73 -26.73 -4.37
C PRO A 188 9.59 -27.96 -4.74
N ILE A 189 10.47 -27.78 -5.73
CA ILE A 189 11.38 -28.84 -6.27
C ILE A 189 12.81 -28.51 -5.85
N ILE A 190 13.55 -29.52 -5.39
CA ILE A 190 15.04 -29.49 -5.24
C ILE A 190 15.63 -30.49 -6.24
N VAL A 191 16.54 -30.03 -7.11
CA VAL A 191 17.35 -30.90 -8.00
C VAL A 191 18.61 -31.30 -7.22
N SER A 192 18.53 -32.42 -6.48
CA SER A 192 19.57 -32.90 -5.52
C SER A 192 20.82 -33.37 -6.26
N GLU A 193 20.69 -33.77 -7.53
CA GLU A 193 21.81 -34.06 -8.45
C GLU A 193 21.40 -33.70 -9.88
N TRP A 194 22.32 -33.12 -10.66
CA TRP A 194 22.16 -32.92 -12.12
C TRP A 194 23.52 -32.59 -12.76
N ALA A 195 23.68 -32.90 -14.04
CA ALA A 195 24.91 -32.67 -14.83
C ALA A 195 24.63 -32.98 -16.30
N SER A 196 25.39 -32.32 -17.20
CA SER A 196 25.56 -32.73 -18.61
C SER A 196 26.40 -34.01 -18.64
N THR A 197 25.93 -35.04 -19.34
CA THR A 197 26.67 -36.32 -19.58
C THR A 197 27.45 -36.21 -20.91
N SER A 198 27.42 -35.04 -21.56
CA SER A 198 28.05 -34.78 -22.88
C SER A 198 29.58 -34.84 -22.74
N ARG A 199 30.25 -35.46 -23.72
CA ARG A 199 31.73 -35.57 -23.81
C ARG A 199 32.29 -34.35 -24.54
N SER A 200 31.42 -33.50 -25.08
CA SER A 200 31.75 -32.17 -25.66
C SER A 200 31.61 -31.10 -24.56
N TYR A 201 32.70 -30.40 -24.24
CA TYR A 201 32.75 -29.40 -23.13
C TYR A 201 31.83 -28.22 -23.43
N PRO A 202 31.85 -27.63 -24.65
CA PRO A 202 30.93 -26.54 -24.98
C PRO A 202 29.45 -26.91 -24.72
N ASP A 203 29.08 -28.16 -24.96
CA ASP A 203 27.71 -28.70 -24.74
C ASP A 203 27.45 -28.88 -23.24
N VAL A 204 28.48 -29.20 -22.45
CA VAL A 204 28.41 -29.28 -20.96
C VAL A 204 28.21 -27.86 -20.43
N LEU A 205 29.19 -26.98 -20.67
CA LEU A 205 29.15 -25.53 -20.31
C LEU A 205 27.81 -24.94 -20.77
N GLY A 206 27.43 -25.20 -22.02
CA GLY A 206 26.18 -24.73 -22.65
C GLY A 206 24.95 -25.11 -21.82
N LEU A 207 24.81 -26.40 -21.49
CA LEU A 207 23.65 -26.92 -20.71
C LEU A 207 23.69 -26.34 -19.30
N THR A 208 24.80 -26.51 -18.59
CA THR A 208 25.02 -26.03 -17.20
C THR A 208 24.57 -24.57 -17.08
N VAL A 209 25.07 -23.70 -17.97
CA VAL A 209 24.81 -22.23 -17.97
C VAL A 209 23.32 -21.96 -18.24
N GLN A 210 22.72 -22.68 -19.21
CA GLN A 210 21.29 -22.51 -19.59
C GLN A 210 20.39 -22.76 -18.37
N LEU A 211 20.54 -23.92 -17.73
CA LEU A 211 19.62 -24.43 -16.68
C LEU A 211 19.86 -23.67 -15.36
N ALA A 212 21.12 -23.39 -15.02
CA ALA A 212 21.49 -22.56 -13.84
C ALA A 212 20.70 -21.25 -13.88
N ASN A 213 20.78 -20.53 -15.00
CA ASN A 213 20.10 -19.23 -15.24
C ASN A 213 18.58 -19.44 -15.28
N TRP A 214 18.11 -20.56 -15.85
CA TRP A 214 16.67 -20.90 -15.98
C TRP A 214 16.07 -21.20 -14.60
N MET A 215 16.73 -22.08 -13.84
CA MET A 215 16.27 -22.57 -12.51
C MET A 215 16.33 -21.43 -11.48
N ASP A 216 17.29 -20.51 -11.63
CA ASP A 216 17.47 -19.31 -10.78
C ASP A 216 16.18 -18.48 -10.76
N SER A 217 15.59 -18.24 -11.94
CA SER A 217 14.41 -17.36 -12.15
C SER A 217 13.12 -18.18 -12.28
N THR A 218 13.12 -19.44 -11.80
CA THR A 218 11.92 -20.30 -11.65
C THR A 218 11.59 -20.40 -10.17
N PRO A 219 10.49 -19.78 -9.68
CA PRO A 219 10.23 -19.67 -8.24
C PRO A 219 10.05 -21.01 -7.52
N TRP A 220 9.51 -22.03 -8.20
CA TRP A 220 9.15 -23.34 -7.60
C TRP A 220 10.34 -24.32 -7.63
N VAL A 221 11.49 -23.90 -8.16
CA VAL A 221 12.80 -24.58 -7.96
C VAL A 221 13.47 -23.92 -6.75
N ALA A 222 13.52 -24.63 -5.62
CA ALA A 222 14.05 -24.12 -4.33
C ALA A 222 15.58 -24.06 -4.38
N GLU A 223 16.21 -25.13 -4.85
CA GLU A 223 17.70 -25.21 -5.04
C GLU A 223 18.04 -26.36 -6.00
N TYR A 224 19.21 -26.29 -6.63
CA TYR A 224 19.74 -27.29 -7.59
C TYR A 224 21.23 -27.53 -7.32
N ALA A 225 21.68 -28.77 -7.50
CA ALA A 225 23.00 -29.27 -7.02
C ALA A 225 23.79 -29.89 -8.19
N LEU A 226 24.73 -29.12 -8.76
CA LEU A 226 25.56 -29.56 -9.92
C LEU A 226 26.55 -30.64 -9.45
N PHE A 227 26.48 -31.83 -10.06
CA PHE A 227 27.35 -33.00 -9.76
C PHE A 227 28.71 -32.83 -10.42
N GLY A 228 29.76 -33.42 -9.82
CA GLY A 228 31.10 -33.56 -10.41
C GLY A 228 32.22 -32.98 -9.58
N CYS A 229 31.95 -32.53 -8.35
CA CYS A 229 32.99 -31.96 -7.43
C CYS A 229 33.61 -33.09 -6.60
N MET A 230 34.61 -33.75 -7.18
CA MET A 230 35.36 -34.90 -6.62
C MET A 230 36.52 -35.22 -7.58
N ARG A 231 37.61 -35.78 -7.06
CA ARG A 231 38.89 -35.95 -7.81
C ARG A 231 38.74 -37.06 -8.85
N GLN A 232 38.28 -38.24 -8.42
CA GLN A 232 38.09 -39.44 -9.27
C GLN A 232 36.68 -39.41 -9.89
N MET A 233 36.55 -39.96 -11.11
CA MET A 233 35.24 -40.16 -11.80
C MET A 233 34.39 -41.12 -10.96
N ALA A 234 33.14 -40.73 -10.65
CA ALA A 234 32.18 -41.52 -9.84
C ALA A 234 31.89 -42.85 -10.56
N ASP A 235 31.79 -42.83 -11.88
CA ASP A 235 31.49 -44.02 -12.73
C ASP A 235 31.74 -43.66 -14.21
N ASP A 236 31.44 -44.60 -15.12
CA ASP A 236 31.56 -44.42 -16.59
C ASP A 236 30.45 -43.50 -17.11
N PHE A 237 29.27 -43.56 -16.49
CA PHE A 237 28.02 -42.87 -16.94
C PHE A 237 28.24 -41.36 -17.05
N VAL A 238 28.83 -40.73 -16.03
CA VAL A 238 29.05 -39.25 -15.98
C VAL A 238 30.27 -38.90 -16.84
N SER A 239 30.42 -37.61 -17.18
CA SER A 239 31.39 -37.08 -18.17
C SER A 239 32.62 -36.50 -17.46
N PRO A 240 33.85 -36.88 -17.88
CA PRO A 240 35.07 -36.19 -17.46
C PRO A 240 35.06 -34.67 -17.69
N GLU A 241 34.34 -34.20 -18.71
CA GLU A 241 34.30 -32.78 -19.13
C GLU A 241 33.38 -31.98 -18.19
N ALA A 242 32.53 -32.67 -17.43
CA ALA A 242 31.56 -32.08 -16.46
C ALA A 242 32.13 -32.08 -15.04
N GLN A 243 33.40 -32.46 -14.87
CA GLN A 243 34.09 -32.48 -13.55
C GLN A 243 34.27 -31.05 -13.04
N LEU A 244 34.04 -30.84 -11.74
CA LEU A 244 34.12 -29.53 -11.06
C LEU A 244 35.42 -29.45 -10.23
N MET A 245 36.10 -30.59 -10.06
CA MET A 245 37.39 -30.70 -9.32
C MET A 245 38.38 -31.50 -10.17
N ASN A 246 39.62 -30.99 -10.29
CA ASN A 246 40.74 -31.66 -11.00
C ASN A 246 41.27 -32.79 -10.11
N LYS A 247 42.24 -33.56 -10.61
CA LYS A 247 42.79 -34.78 -9.94
C LYS A 247 43.66 -34.39 -8.74
N ASP A 248 44.10 -33.12 -8.65
CA ASP A 248 44.95 -32.61 -7.54
C ASP A 248 44.08 -31.93 -6.47
N GLY A 249 42.77 -31.81 -6.70
CA GLY A 249 41.81 -31.26 -5.73
C GLY A 249 41.46 -29.80 -6.01
N SER A 250 42.17 -29.15 -6.94
CA SER A 250 41.88 -27.77 -7.42
C SER A 250 40.57 -27.79 -8.22
N PHE A 251 39.98 -26.61 -8.45
CA PHE A 251 38.65 -26.44 -9.09
C PHE A 251 38.82 -26.18 -10.59
N THR A 252 37.84 -26.65 -11.38
CA THR A 252 37.75 -26.44 -12.85
C THR A 252 37.12 -25.07 -13.11
N ASP A 253 37.05 -24.66 -14.37
CA ASP A 253 36.39 -23.38 -14.77
C ASP A 253 34.87 -23.52 -14.59
N LEU A 254 34.33 -24.71 -14.89
CA LEU A 254 32.88 -25.02 -14.72
C LEU A 254 32.47 -24.81 -13.26
N MET A 255 33.30 -25.29 -12.33
CA MET A 255 33.07 -25.13 -10.86
C MET A 255 33.15 -23.65 -10.50
N TRP A 256 34.21 -22.96 -10.94
CA TRP A 256 34.41 -21.51 -10.65
C TRP A 256 33.15 -20.74 -11.04
N LYS A 257 32.70 -20.90 -12.29
CA LYS A 257 31.51 -20.21 -12.86
C LYS A 257 30.27 -20.58 -12.04
N TYR A 258 30.11 -21.87 -11.72
CA TYR A 258 28.97 -22.43 -10.93
C TYR A 258 28.85 -21.68 -9.60
N MET A 259 29.97 -21.36 -8.95
CA MET A 259 30.01 -20.83 -7.55
C MET A 259 30.24 -19.32 -7.53
N SER A 260 30.65 -18.70 -8.64
CA SER A 260 31.09 -17.28 -8.71
C SER A 260 30.14 -16.41 -9.54
N ASP A 261 29.49 -16.98 -10.57
CA ASP A 261 28.77 -16.20 -11.62
C ASP A 261 27.25 -16.37 -11.50
N GLN A 262 26.53 -15.26 -11.33
CA GLN A 262 25.04 -15.19 -11.36
C GLN A 262 24.63 -13.84 -11.93
N PRO A 263 24.14 -13.76 -13.19
CA PRO A 263 23.85 -14.92 -14.01
C PRO A 263 25.12 -15.65 -14.49
N MET A 264 25.02 -16.95 -14.73
CA MET A 264 26.09 -17.78 -15.38
C MET A 264 26.22 -17.33 -16.84
N HIS A 265 27.43 -17.46 -17.40
CA HIS A 265 27.75 -17.11 -18.82
C HIS A 265 28.75 -18.13 -19.38
N ILE A 266 28.69 -18.35 -20.70
CA ILE A 266 29.59 -19.29 -21.44
C ILE A 266 30.96 -18.63 -21.62
N HIS B 20 60.04 12.69 -7.18
CA HIS B 20 58.79 12.16 -6.54
C HIS B 20 58.28 10.95 -7.33
N MET B 21 57.75 9.95 -6.62
CA MET B 21 57.29 8.65 -7.18
C MET B 21 56.01 8.89 -8.01
N VAL B 22 56.09 8.66 -9.33
CA VAL B 22 54.91 8.69 -10.25
C VAL B 22 54.23 7.31 -10.17
N LYS B 23 53.05 7.25 -9.56
CA LYS B 23 52.27 6.01 -9.32
C LYS B 23 50.98 6.06 -10.15
N LYS B 24 50.97 5.43 -11.33
CA LYS B 24 49.77 5.35 -12.20
C LYS B 24 49.77 4.05 -13.03
N ARG B 25 50.26 2.95 -12.44
CA ARG B 25 50.25 1.61 -13.08
C ARG B 25 49.14 0.78 -12.43
N VAL B 26 48.31 0.12 -13.26
CA VAL B 26 47.17 -0.73 -12.83
C VAL B 26 47.63 -2.19 -12.85
N LEU B 27 47.22 -2.98 -11.85
CA LEU B 27 47.46 -4.44 -11.79
C LEU B 27 46.25 -5.17 -12.39
N LEU B 28 46.36 -5.58 -13.66
CA LEU B 28 45.35 -6.47 -14.31
C LEU B 28 45.43 -7.85 -13.64
N TRP B 29 44.39 -8.23 -12.90
CA TRP B 29 44.34 -9.48 -12.10
C TRP B 29 43.27 -10.41 -12.66
N ASP B 30 43.60 -11.16 -13.71
CA ASP B 30 42.69 -12.13 -14.37
C ASP B 30 42.08 -13.05 -13.30
N TYR B 31 40.85 -13.51 -13.51
CA TYR B 31 40.05 -14.31 -12.55
C TYR B 31 40.67 -15.70 -12.36
N THR B 32 41.49 -16.16 -13.33
CA THR B 32 42.26 -17.43 -13.25
C THR B 32 43.24 -17.38 -12.07
N ASN B 33 43.83 -16.20 -11.81
CA ASN B 33 44.72 -15.95 -10.63
C ASN B 33 43.93 -16.20 -9.35
N THR B 34 42.75 -15.57 -9.22
CA THR B 34 41.84 -15.68 -8.05
C THR B 34 41.35 -17.13 -7.89
N ARG B 35 41.17 -17.84 -9.00
CA ARG B 35 40.66 -19.24 -9.03
C ARG B 35 41.77 -20.22 -8.64
N ASP B 36 42.97 -20.05 -9.18
CA ASP B 36 44.09 -21.03 -9.12
C ASP B 36 45.13 -20.61 -8.07
N VAL B 37 45.61 -19.37 -8.13
CA VAL B 37 46.81 -18.90 -7.36
C VAL B 37 46.53 -17.55 -6.68
N LYS B 38 45.58 -17.53 -5.72
CA LYS B 38 45.32 -16.36 -4.82
C LYS B 38 46.65 -15.87 -4.25
N TRP B 39 47.45 -16.82 -3.74
CA TRP B 39 48.69 -16.59 -2.95
C TRP B 39 49.67 -15.66 -3.66
N ALA B 40 49.60 -15.56 -4.99
CA ALA B 40 50.50 -14.73 -5.83
C ALA B 40 50.29 -13.24 -5.52
N MET B 41 49.10 -12.84 -5.07
CA MET B 41 48.76 -11.43 -4.76
C MET B 41 49.63 -10.91 -3.62
N ASP B 42 49.99 -11.76 -2.66
CA ASP B 42 50.83 -11.41 -1.48
C ASP B 42 52.30 -11.25 -1.91
N LYS B 43 52.64 -11.62 -3.14
CA LYS B 43 54.00 -11.48 -3.73
C LYS B 43 54.12 -10.14 -4.48
N ILE B 44 53.02 -9.39 -4.62
CA ILE B 44 52.98 -8.08 -5.34
C ILE B 44 53.74 -7.03 -4.53
N ASN B 45 54.47 -6.15 -5.22
CA ASN B 45 55.18 -4.98 -4.63
C ASN B 45 54.21 -3.79 -4.60
N PHE B 46 53.73 -3.42 -3.40
CA PHE B 46 52.71 -2.37 -3.17
C PHE B 46 53.39 -1.03 -2.86
N LYS B 47 54.67 -1.06 -2.50
CA LYS B 47 55.50 0.14 -2.18
C LYS B 47 56.14 0.67 -3.46
N GLY B 48 55.85 0.02 -4.60
CA GLY B 48 56.21 0.45 -5.96
C GLY B 48 55.09 1.25 -6.62
N PRO B 49 55.14 1.50 -7.94
CA PRO B 49 54.19 2.39 -8.62
C PRO B 49 52.81 1.80 -8.98
N LEU B 50 52.46 0.61 -8.50
CA LEU B 50 51.08 0.05 -8.61
C LEU B 50 50.15 0.92 -7.76
N HIS B 51 49.16 1.58 -8.38
CA HIS B 51 48.27 2.57 -7.70
C HIS B 51 46.79 2.12 -7.79
N SER B 52 46.49 1.00 -8.45
CA SER B 52 45.11 0.44 -8.59
C SER B 52 45.14 -0.98 -9.17
N CYS B 53 43.96 -1.61 -9.27
CA CYS B 53 43.77 -3.03 -9.69
C CYS B 53 42.39 -3.18 -10.37
N SER B 54 42.33 -3.94 -11.46
CA SER B 54 41.07 -4.34 -12.17
C SER B 54 41.15 -5.83 -12.52
N ASN B 55 39.98 -6.47 -12.77
CA ASN B 55 39.89 -7.94 -12.98
C ASN B 55 38.79 -8.31 -14.00
N TRP B 56 38.34 -7.37 -14.83
CA TRP B 56 37.31 -7.57 -15.89
C TRP B 56 35.96 -8.02 -15.31
N ASN B 57 35.75 -7.90 -14.00
CA ASN B 57 34.56 -8.47 -13.31
C ASN B 57 33.99 -7.46 -12.31
N THR B 58 32.73 -7.67 -11.91
CA THR B 58 31.96 -6.84 -10.95
C THR B 58 32.44 -7.14 -9.52
N TRP B 59 32.79 -8.41 -9.25
CA TRP B 59 33.13 -8.92 -7.89
C TRP B 59 34.57 -8.54 -7.53
N TYR B 60 34.89 -8.58 -6.22
CA TYR B 60 36.16 -8.11 -5.62
C TYR B 60 37.15 -9.26 -5.53
N PRO B 61 38.43 -9.05 -5.89
CA PRO B 61 39.48 -10.04 -5.59
C PRO B 61 39.87 -9.93 -4.10
N ASP B 62 39.34 -10.82 -3.28
CA ASP B 62 39.51 -10.83 -1.79
C ASP B 62 41.01 -10.77 -1.44
N GLU B 63 41.82 -11.60 -2.09
CA GLU B 63 43.29 -11.73 -1.86
C GLU B 63 43.98 -10.35 -1.89
N LEU B 64 43.42 -9.38 -2.61
CA LEU B 64 43.96 -7.99 -2.70
C LEU B 64 43.88 -7.31 -1.32
N LYS B 65 42.87 -7.61 -0.52
CA LYS B 65 42.63 -7.04 0.84
C LYS B 65 42.86 -5.53 0.83
N HIS B 66 42.34 -4.83 -0.19
CA HIS B 66 42.19 -3.35 -0.27
C HIS B 66 43.53 -2.61 -0.17
N ARG B 67 44.66 -3.23 -0.55
CA ARG B 67 45.99 -2.55 -0.57
C ARG B 67 46.05 -1.59 -1.76
N LEU B 68 45.23 -1.83 -2.79
CA LEU B 68 45.05 -0.94 -3.97
C LEU B 68 43.57 -0.68 -4.19
N PRO B 69 43.17 0.52 -4.66
CA PRO B 69 41.78 0.76 -5.03
C PRO B 69 41.39 -0.12 -6.23
N PHE B 70 40.24 -0.81 -6.11
CA PHE B 70 39.69 -1.73 -7.15
C PHE B 70 38.73 -0.95 -8.05
N ARG B 71 38.81 -1.19 -9.35
CA ARG B 71 37.82 -0.69 -10.36
C ARG B 71 36.98 -1.88 -10.82
N PRO B 72 35.75 -2.06 -10.30
CA PRO B 72 34.85 -3.09 -10.84
C PRO B 72 34.56 -2.77 -12.32
N MET B 73 34.14 -3.78 -13.08
CA MET B 73 33.84 -3.63 -14.53
C MET B 73 32.47 -4.24 -14.83
N ILE B 74 31.65 -3.51 -15.60
CA ILE B 74 30.43 -4.04 -16.29
C ILE B 74 30.88 -4.55 -17.65
N HIS B 75 31.41 -5.78 -17.69
CA HIS B 75 32.12 -6.39 -18.85
C HIS B 75 31.20 -6.42 -20.08
N GLY B 76 30.01 -7.01 -19.95
CA GLY B 76 29.04 -7.18 -21.04
C GLY B 76 27.61 -7.13 -20.55
N LYS B 77 26.65 -7.53 -21.40
CA LYS B 77 25.18 -7.48 -21.13
C LYS B 77 24.83 -8.45 -19.99
N ASN B 78 25.63 -9.51 -19.80
CA ASN B 78 25.47 -10.53 -18.72
C ASN B 78 25.69 -9.90 -17.33
N ASN B 79 26.25 -8.69 -17.25
CA ASN B 79 26.68 -8.04 -15.98
C ASN B 79 25.70 -6.92 -15.57
N LEU B 80 24.53 -6.82 -16.21
CA LEU B 80 23.56 -5.70 -16.02
C LEU B 80 22.44 -6.11 -15.05
N THR B 81 22.37 -7.39 -14.64
CA THR B 81 21.27 -7.97 -13.83
C THR B 81 21.81 -8.83 -12.68
N GLY B 82 20.91 -9.28 -11.80
CA GLY B 82 21.15 -10.28 -10.76
C GLY B 82 22.29 -9.90 -9.83
N GLY B 83 23.01 -10.92 -9.31
CA GLY B 83 24.15 -10.75 -8.40
C GLY B 83 25.23 -9.86 -8.98
N GLU B 84 25.48 -9.98 -10.29
CA GLU B 84 26.48 -9.16 -11.03
C GLU B 84 26.23 -7.67 -10.78
N TRP B 85 24.97 -7.23 -10.90
CA TRP B 85 24.57 -5.81 -10.76
C TRP B 85 24.62 -5.39 -9.29
N GLN B 86 24.17 -6.27 -8.38
CA GLN B 86 24.22 -6.05 -6.90
C GLN B 86 25.66 -5.69 -6.51
N ASN B 87 26.65 -6.39 -7.08
CA ASN B 87 28.10 -6.17 -6.83
C ASN B 87 28.47 -4.72 -7.18
N ILE B 88 27.91 -4.19 -8.27
CA ILE B 88 28.19 -2.82 -8.79
C ILE B 88 27.51 -1.77 -7.90
N LEU B 89 26.29 -2.04 -7.42
CA LEU B 89 25.49 -1.08 -6.60
C LEU B 89 26.05 -0.98 -5.18
N LYS B 90 26.62 -2.07 -4.64
CA LYS B 90 27.01 -2.18 -3.22
C LYS B 90 28.45 -1.70 -2.99
N THR B 91 29.23 -1.46 -4.06
CA THR B 91 30.70 -1.22 -3.98
C THR B 91 30.99 0.13 -3.31
N ASN B 92 32.05 0.17 -2.50
CA ASN B 92 32.62 1.41 -1.90
C ASN B 92 33.71 1.98 -2.82
N GLU B 93 34.11 1.22 -3.84
CA GLU B 93 35.19 1.59 -4.79
C GLU B 93 34.70 2.76 -5.66
N GLU B 94 35.61 3.63 -6.09
CA GLU B 94 35.31 5.00 -6.58
C GLU B 94 35.03 4.99 -8.09
N VAL B 95 35.83 4.26 -8.88
CA VAL B 95 35.78 4.27 -10.37
C VAL B 95 35.26 2.93 -10.88
N ILE B 96 34.34 2.95 -11.86
CA ILE B 96 33.72 1.75 -12.47
C ILE B 96 33.96 1.78 -13.99
N HIS B 97 34.43 0.66 -14.54
CA HIS B 97 34.63 0.43 -16.00
C HIS B 97 33.31 -0.01 -16.65
N PHE B 98 33.05 0.45 -17.87
CA PHE B 98 31.90 0.01 -18.71
C PHE B 98 32.38 -1.12 -19.64
N PHE B 99 31.66 -1.39 -20.74
CA PHE B 99 31.78 -2.62 -21.55
C PHE B 99 33.21 -2.81 -22.07
N ASN B 100 33.74 -4.03 -21.93
CA ASN B 100 35.03 -4.47 -22.53
C ASN B 100 34.81 -4.73 -24.02
N GLU B 101 35.52 -4.01 -24.90
CA GLU B 101 35.49 -4.18 -26.37
C GLU B 101 34.07 -4.52 -26.81
N PRO B 102 33.11 -3.57 -26.69
CA PRO B 102 31.71 -3.84 -27.00
C PRO B 102 31.46 -4.16 -28.49
N GLU B 103 32.34 -3.69 -29.38
CA GLU B 103 32.21 -3.84 -30.85
C GLU B 103 32.37 -5.31 -31.25
N ARG B 104 33.05 -6.13 -30.43
CA ARG B 104 33.33 -7.56 -30.70
C ARG B 104 32.35 -8.47 -29.94
N ALA B 105 31.34 -7.89 -29.28
CA ALA B 105 30.34 -8.60 -28.44
C ALA B 105 28.93 -8.39 -28.97
N GLY B 106 28.78 -7.77 -30.15
CA GLY B 106 27.48 -7.53 -30.80
C GLY B 106 26.66 -6.45 -30.10
N ILE B 107 27.34 -5.52 -29.41
CA ILE B 107 26.73 -4.33 -28.75
C ILE B 107 27.03 -3.11 -29.64
N SER B 108 25.98 -2.43 -30.12
CA SER B 108 26.08 -1.20 -30.96
C SER B 108 26.25 0.03 -30.06
N PRO B 109 26.86 1.13 -30.57
CA PRO B 109 26.89 2.39 -29.83
C PRO B 109 25.50 2.86 -29.37
N GLU B 110 24.47 2.65 -30.18
CA GLU B 110 23.06 3.02 -29.89
C GLU B 110 22.59 2.26 -28.64
N GLU B 111 22.94 0.98 -28.52
CA GLU B 111 22.47 0.08 -27.43
C GLU B 111 23.20 0.41 -26.13
N ALA B 112 24.53 0.56 -26.20
CA ALA B 112 25.41 0.94 -25.06
C ALA B 112 24.98 2.32 -24.53
N ALA B 113 24.57 3.22 -25.42
CA ALA B 113 24.09 4.59 -25.11
C ALA B 113 22.82 4.51 -24.25
N LYS B 114 21.91 3.59 -24.57
CA LYS B 114 20.61 3.40 -23.86
C LYS B 114 20.88 2.86 -22.45
N ILE B 115 21.64 1.77 -22.34
CA ILE B 115 22.04 1.11 -21.07
C ILE B 115 22.73 2.14 -20.16
N TRP B 116 23.60 2.98 -20.75
CA TRP B 116 24.35 4.07 -20.05
C TRP B 116 23.37 5.10 -19.47
N ASN B 117 22.37 5.50 -20.24
CA ASN B 117 21.34 6.49 -19.83
C ASN B 117 20.36 5.87 -18.83
N ASP B 118 20.05 4.58 -18.97
CA ASP B 118 18.91 3.91 -18.29
C ASP B 118 19.32 3.33 -16.93
N GLN B 119 20.57 2.88 -16.74
CA GLN B 119 20.97 2.20 -15.48
C GLN B 119 22.41 2.52 -15.02
N VAL B 120 23.34 2.89 -15.91
CA VAL B 120 24.78 3.06 -15.55
C VAL B 120 25.04 4.49 -15.02
N LEU B 121 24.33 5.50 -15.52
CA LEU B 121 24.55 6.93 -15.14
C LEU B 121 24.13 7.16 -13.68
N ALA B 122 23.12 6.43 -13.21
CA ALA B 122 22.67 6.42 -11.80
C ALA B 122 23.89 6.28 -10.86
N LEU B 123 24.88 5.48 -11.27
CA LEU B 123 26.14 5.23 -10.51
C LEU B 123 26.85 6.57 -10.23
N ARG B 124 26.75 7.54 -11.13
CA ARG B 124 27.34 8.89 -10.95
C ARG B 124 26.36 9.82 -10.21
N THR B 125 25.17 10.03 -10.79
CA THR B 125 24.18 11.05 -10.34
C THR B 125 23.70 10.73 -8.92
N SER B 126 23.58 9.43 -8.58
CA SER B 126 22.96 8.92 -7.34
C SER B 126 24.02 8.34 -6.37
N HIS B 127 24.97 7.55 -6.88
CA HIS B 127 25.98 6.79 -6.07
C HIS B 127 27.34 7.50 -6.08
N HIS B 128 27.57 8.44 -7.01
CA HIS B 128 28.76 9.34 -7.06
C HIS B 128 30.03 8.54 -7.36
N LYS B 129 29.95 7.63 -8.34
CA LYS B 129 31.11 6.93 -8.94
C LYS B 129 31.55 7.71 -10.18
N ARG B 130 32.85 7.68 -10.50
CA ARG B 130 33.39 8.21 -11.78
C ARG B 130 33.40 7.05 -12.79
N LEU B 131 32.77 7.25 -13.95
CA LEU B 131 32.50 6.18 -14.96
C LEU B 131 33.54 6.25 -16.08
N VAL B 132 34.15 5.12 -16.40
CA VAL B 132 35.09 4.94 -17.55
C VAL B 132 34.25 4.51 -18.75
N SER B 133 34.51 5.10 -19.93
CA SER B 133 33.86 4.72 -21.22
C SER B 133 34.09 3.23 -21.47
N PRO B 134 33.31 2.59 -22.37
CA PRO B 134 33.65 1.25 -22.83
C PRO B 134 35.04 1.28 -23.47
N SER B 135 35.92 0.35 -23.11
CA SER B 135 37.30 0.23 -23.65
C SER B 135 37.25 -0.59 -24.95
N CYS B 136 37.38 0.08 -26.09
CA CYS B 136 37.37 -0.53 -27.45
C CYS B 136 38.81 -0.79 -27.93
N ALA B 137 38.97 -1.74 -28.86
CA ALA B 137 40.25 -2.07 -29.53
C ALA B 137 40.71 -0.88 -30.37
N SER B 138 41.99 -0.84 -30.71
CA SER B 138 42.65 0.28 -31.45
C SER B 138 42.50 0.12 -32.97
N ASP B 139 41.71 -0.86 -33.43
CA ASP B 139 41.43 -1.10 -34.87
C ASP B 139 40.33 -0.13 -35.32
N PRO B 140 40.22 0.16 -36.64
CA PRO B 140 39.23 1.11 -37.15
C PRO B 140 37.79 0.94 -36.60
N ALA B 141 37.32 -0.31 -36.46
CA ALA B 141 35.97 -0.64 -35.94
C ALA B 141 35.84 -0.12 -34.50
N GLY B 142 36.84 -0.38 -33.67
CA GLY B 142 36.90 0.06 -32.26
C GLY B 142 36.97 1.58 -32.15
N ILE B 143 37.84 2.21 -32.92
CA ILE B 143 38.04 3.70 -32.98
C ILE B 143 36.71 4.36 -33.38
N ALA B 144 36.00 3.78 -34.36
CA ALA B 144 34.76 4.34 -34.93
C ALA B 144 33.57 4.07 -33.99
N TRP B 145 33.62 2.97 -33.23
CA TRP B 145 32.60 2.61 -32.21
C TRP B 145 32.60 3.68 -31.10
N ILE B 146 33.76 3.92 -30.50
CA ILE B 146 33.94 4.87 -29.36
C ILE B 146 33.61 6.29 -29.82
N LYS B 147 33.96 6.65 -31.07
CA LYS B 147 33.66 7.99 -31.66
C LYS B 147 32.13 8.19 -31.68
N LYS B 148 31.37 7.17 -32.11
CA LYS B 148 29.89 7.22 -32.21
C LYS B 148 29.28 7.30 -30.80
N TRP B 149 29.64 6.36 -29.92
CA TRP B 149 29.06 6.22 -28.55
C TRP B 149 29.33 7.49 -27.73
N MET B 150 30.57 7.99 -27.76
CA MET B 150 30.98 9.24 -27.04
C MET B 150 30.13 10.42 -27.51
N ASN B 151 29.61 10.37 -28.75
CA ASN B 151 28.78 11.43 -29.37
C ASN B 151 27.31 11.26 -28.96
N LEU B 152 26.80 10.02 -28.91
CA LEU B 152 25.40 9.71 -28.50
C LEU B 152 25.18 10.14 -27.03
N VAL B 153 26.23 10.07 -26.21
CA VAL B 153 26.16 10.34 -24.73
C VAL B 153 26.99 11.60 -24.42
N ALA B 154 27.08 12.54 -25.36
CA ALA B 154 27.96 13.73 -25.30
C ALA B 154 27.53 14.68 -24.18
N LYS B 155 26.23 14.75 -23.87
CA LYS B 155 25.66 15.67 -22.84
C LYS B 155 25.85 15.07 -21.44
N ASN B 156 26.08 13.75 -21.34
CA ASN B 156 26.43 13.04 -20.07
C ASN B 156 27.69 12.22 -20.31
N PRO B 157 28.85 12.88 -20.59
CA PRO B 157 30.05 12.16 -21.01
C PRO B 157 30.70 11.39 -19.86
N PRO B 158 31.58 10.41 -20.16
CA PRO B 158 32.27 9.65 -19.11
C PRO B 158 33.40 10.50 -18.52
N ASP B 159 33.88 10.12 -17.33
CA ASP B 159 34.96 10.84 -16.61
C ASP B 159 36.32 10.45 -17.20
N TYR B 160 36.43 9.23 -17.73
CA TYR B 160 37.67 8.64 -18.31
C TYR B 160 37.37 8.04 -19.68
N LEU B 161 38.26 8.27 -20.66
CA LEU B 161 38.27 7.58 -21.97
C LEU B 161 39.10 6.29 -21.83
N GLY B 162 38.43 5.14 -21.88
CA GLY B 162 39.06 3.80 -21.81
C GLY B 162 39.57 3.36 -23.17
N LEU B 163 40.86 2.98 -23.26
CA LEU B 163 41.52 2.54 -24.51
C LEU B 163 42.20 1.18 -24.30
N HIS B 164 42.20 0.34 -25.34
CA HIS B 164 43.09 -0.84 -25.51
C HIS B 164 44.10 -0.53 -26.62
N TRP B 165 45.34 -1.03 -26.49
CA TRP B 165 46.36 -0.99 -27.58
C TRP B 165 47.29 -2.20 -27.46
N TYR B 166 47.44 -2.95 -28.56
CA TYR B 166 48.38 -4.08 -28.71
C TYR B 166 49.13 -3.93 -30.04
N GLY B 167 50.47 -3.90 -29.99
CA GLY B 167 51.35 -3.76 -31.17
C GLY B 167 52.81 -3.99 -30.81
N THR B 168 53.73 -3.68 -31.73
CA THR B 168 55.20 -3.89 -31.58
C THR B 168 55.96 -2.56 -31.63
N LYS B 169 55.42 -1.56 -32.33
CA LYS B 169 56.07 -0.24 -32.55
C LYS B 169 55.57 0.74 -31.49
N GLY B 170 56.44 1.13 -30.55
CA GLY B 170 56.13 2.01 -29.42
C GLY B 170 55.65 3.38 -29.86
N ASP B 171 56.22 3.89 -30.96
CA ASP B 171 55.86 5.22 -31.54
C ASP B 171 54.42 5.18 -32.07
N GLU B 172 53.92 4.00 -32.46
CA GLU B 172 52.52 3.80 -32.92
C GLU B 172 51.55 3.96 -31.74
N MET B 173 51.87 3.36 -30.59
CA MET B 173 51.01 3.45 -29.36
C MET B 173 50.89 4.90 -28.93
N ILE B 174 52.02 5.63 -28.87
CA ILE B 174 52.07 7.07 -28.50
C ILE B 174 51.19 7.88 -29.46
N ARG B 175 51.44 7.73 -30.77
CA ARG B 175 50.71 8.45 -31.85
C ARG B 175 49.20 8.20 -31.73
N TYR B 176 48.80 6.99 -31.32
CA TYR B 176 47.38 6.57 -31.13
C TYR B 176 46.80 7.25 -29.89
N LEU B 177 47.59 7.39 -28.82
CA LEU B 177 47.15 8.05 -27.55
C LEU B 177 47.02 9.55 -27.77
N GLU B 178 48.01 10.18 -28.42
CA GLU B 178 47.99 11.62 -28.79
C GLU B 178 46.80 11.87 -29.74
N SER B 179 46.42 10.87 -30.53
CA SER B 179 45.32 10.93 -31.53
C SER B 179 43.95 10.92 -30.84
N MET B 180 43.71 9.95 -29.94
CA MET B 180 42.43 9.79 -29.21
C MET B 180 42.28 10.92 -28.18
N HIS B 181 43.39 11.53 -27.75
CA HIS B 181 43.41 12.68 -26.80
C HIS B 181 42.97 13.96 -27.53
N LYS B 182 43.44 14.17 -28.77
CA LYS B 182 43.06 15.34 -29.61
C LYS B 182 41.63 15.15 -30.12
N GLU B 183 41.18 13.89 -30.27
CA GLU B 183 39.84 13.51 -30.76
C GLU B 183 38.81 13.63 -29.62
N HIS B 184 39.23 13.36 -28.38
CA HIS B 184 38.39 13.39 -27.15
C HIS B 184 39.13 14.14 -26.05
N PRO B 185 39.22 15.49 -26.13
CA PRO B 185 40.08 16.26 -25.24
C PRO B 185 39.50 16.65 -23.87
N HIS B 186 38.27 16.23 -23.56
CA HIS B 186 37.49 16.68 -22.37
C HIS B 186 37.64 15.72 -21.18
N GLN B 187 38.34 14.59 -21.36
CA GLN B 187 38.67 13.65 -20.25
C GLN B 187 40.16 13.31 -20.26
N PRO B 188 40.71 12.85 -19.12
CA PRO B 188 41.94 12.07 -19.11
C PRO B 188 41.70 10.67 -19.69
N ILE B 189 42.78 9.96 -20.06
CA ILE B 189 42.73 8.61 -20.68
C ILE B 189 43.18 7.58 -19.63
N ILE B 190 42.41 6.49 -19.51
CA ILE B 190 42.84 5.21 -18.86
C ILE B 190 43.10 4.20 -19.97
N VAL B 191 44.33 3.66 -20.05
CA VAL B 191 44.70 2.53 -20.94
C VAL B 191 44.41 1.24 -20.17
N SER B 192 43.19 0.70 -20.29
CA SER B 192 42.66 -0.42 -19.47
C SER B 192 43.33 -1.75 -19.84
N GLU B 193 43.90 -1.84 -21.05
CA GLU B 193 44.75 -2.97 -21.51
C GLU B 193 45.82 -2.46 -22.48
N TRP B 194 47.06 -2.92 -22.35
CA TRP B 194 48.13 -2.69 -23.35
C TRP B 194 49.27 -3.70 -23.15
N ALA B 195 50.04 -3.94 -24.22
CA ALA B 195 51.19 -4.87 -24.26
C ALA B 195 51.89 -4.78 -25.62
N SER B 196 53.19 -5.05 -25.64
CA SER B 196 53.95 -5.40 -26.87
C SER B 196 53.55 -6.82 -27.28
N THR B 197 53.24 -7.04 -28.57
CA THR B 197 52.88 -8.36 -29.15
C THR B 197 54.11 -8.95 -29.87
N SER B 198 55.29 -8.35 -29.68
CA SER B 198 56.58 -8.81 -30.27
C SER B 198 56.96 -10.17 -29.69
N ARG B 199 57.48 -11.08 -30.53
CA ARG B 199 58.03 -12.40 -30.11
C ARG B 199 59.53 -12.25 -29.79
N SER B 200 60.08 -11.05 -30.02
CA SER B 200 61.44 -10.64 -29.56
C SER B 200 61.33 -10.00 -28.17
N TYR B 201 61.95 -10.59 -27.15
CA TYR B 201 61.85 -10.11 -25.74
C TYR B 201 62.46 -8.71 -25.62
N PRO B 202 63.67 -8.45 -26.18
CA PRO B 202 64.24 -7.09 -26.14
C PRO B 202 63.26 -6.02 -26.66
N ASP B 203 62.47 -6.37 -27.69
CA ASP B 203 61.50 -5.45 -28.34
C ASP B 203 60.25 -5.30 -27.45
N VAL B 204 59.84 -6.37 -26.75
CA VAL B 204 58.76 -6.33 -25.72
C VAL B 204 59.19 -5.38 -24.61
N LEU B 205 60.39 -5.60 -24.06
CA LEU B 205 61.00 -4.85 -22.94
C LEU B 205 61.21 -3.39 -23.35
N GLY B 206 61.73 -3.15 -24.55
CA GLY B 206 61.98 -1.80 -25.11
C GLY B 206 60.71 -0.96 -25.14
N LEU B 207 59.61 -1.52 -25.66
CA LEU B 207 58.28 -0.86 -25.77
C LEU B 207 57.74 -0.58 -24.37
N THR B 208 57.62 -1.62 -23.54
CA THR B 208 57.05 -1.57 -22.16
C THR B 208 57.74 -0.46 -21.35
N VAL B 209 59.08 -0.42 -21.39
CA VAL B 209 59.92 0.60 -20.68
C VAL B 209 59.60 1.99 -21.26
N GLN B 210 59.64 2.13 -22.59
CA GLN B 210 59.44 3.42 -23.31
C GLN B 210 58.11 4.07 -22.88
N LEU B 211 57.01 3.30 -22.99
CA LEU B 211 55.62 3.82 -22.85
C LEU B 211 55.29 4.09 -21.39
N ALA B 212 55.72 3.21 -20.47
CA ALA B 212 55.54 3.38 -19.00
C ALA B 212 56.15 4.71 -18.56
N ASN B 213 57.37 5.03 -19.03
CA ASN B 213 58.07 6.31 -18.78
C ASN B 213 57.31 7.47 -19.44
N TRP B 214 56.90 7.29 -20.71
CA TRP B 214 56.19 8.32 -21.50
C TRP B 214 54.85 8.67 -20.84
N MET B 215 54.07 7.66 -20.48
CA MET B 215 52.71 7.81 -19.89
C MET B 215 52.81 8.32 -18.45
N ASP B 216 53.86 7.93 -17.72
CA ASP B 216 54.18 8.45 -16.36
C ASP B 216 54.24 9.99 -16.42
N SER B 217 54.93 10.53 -17.43
CA SER B 217 55.26 11.96 -17.58
C SER B 217 54.21 12.71 -18.41
N THR B 218 53.11 12.06 -18.80
CA THR B 218 51.97 12.66 -19.54
C THR B 218 50.79 12.85 -18.59
N PRO B 219 50.46 14.11 -18.21
CA PRO B 219 49.36 14.37 -17.28
C PRO B 219 47.99 13.79 -17.68
N TRP B 220 47.64 13.81 -18.97
CA TRP B 220 46.28 13.44 -19.46
C TRP B 220 46.12 11.91 -19.56
N VAL B 221 47.13 11.13 -19.18
CA VAL B 221 47.00 9.65 -18.95
C VAL B 221 46.85 9.43 -17.43
N ALA B 222 45.67 9.00 -16.99
CA ALA B 222 45.31 8.78 -15.57
C ALA B 222 46.03 7.54 -15.05
N GLU B 223 45.89 6.41 -15.75
CA GLU B 223 46.54 5.12 -15.39
C GLU B 223 46.61 4.23 -16.65
N TYR B 224 47.62 3.35 -16.70
CA TYR B 224 47.83 2.35 -17.79
C TYR B 224 48.01 0.96 -17.19
N ALA B 225 47.42 -0.06 -17.82
CA ALA B 225 47.25 -1.43 -17.28
C ALA B 225 47.89 -2.46 -18.22
N LEU B 226 49.10 -2.91 -17.90
CA LEU B 226 49.89 -3.86 -18.74
C LEU B 226 49.30 -5.28 -18.61
N PHE B 227 48.94 -5.90 -19.75
CA PHE B 227 48.34 -7.25 -19.86
C PHE B 227 49.45 -8.30 -19.76
N GLY B 228 49.14 -9.47 -19.20
CA GLY B 228 50.02 -10.66 -19.23
C GLY B 228 50.05 -11.44 -17.93
N CYS B 229 49.74 -10.80 -16.79
CA CYS B 229 49.88 -11.42 -15.43
C CYS B 229 48.81 -12.50 -15.26
N MET B 230 49.02 -13.65 -15.90
CA MET B 230 48.16 -14.87 -15.83
C MET B 230 49.02 -16.06 -16.28
N ARG B 231 48.66 -17.27 -15.84
CA ARG B 231 49.46 -18.52 -16.08
C ARG B 231 49.48 -18.85 -17.56
N GLN B 232 48.34 -19.29 -18.11
CA GLN B 232 48.19 -19.73 -19.52
C GLN B 232 48.10 -18.48 -20.42
N MET B 233 48.43 -18.64 -21.71
CA MET B 233 48.24 -17.58 -22.74
C MET B 233 46.72 -17.43 -22.98
N ALA B 234 46.24 -16.19 -23.12
CA ALA B 234 44.83 -15.85 -23.41
C ALA B 234 44.46 -16.36 -24.80
N ASP B 235 45.33 -16.14 -25.79
CA ASP B 235 45.09 -16.44 -27.22
C ASP B 235 46.43 -16.59 -27.95
N ASP B 236 46.38 -16.85 -29.25
CA ASP B 236 47.56 -16.93 -30.16
C ASP B 236 48.16 -15.53 -30.34
N PHE B 237 47.34 -14.48 -30.20
CA PHE B 237 47.67 -13.07 -30.57
C PHE B 237 48.70 -12.49 -29.59
N VAL B 238 48.49 -12.63 -28.28
CA VAL B 238 49.42 -12.09 -27.24
C VAL B 238 50.72 -12.90 -27.25
N SER B 239 51.84 -12.24 -26.98
CA SER B 239 53.22 -12.81 -27.04
C SER B 239 53.54 -13.54 -25.74
N PRO B 240 54.04 -14.80 -25.80
CA PRO B 240 54.60 -15.47 -24.62
C PRO B 240 55.75 -14.70 -23.94
N GLU B 241 56.44 -13.85 -24.71
CA GLU B 241 57.59 -13.03 -24.22
C GLU B 241 57.10 -11.92 -23.29
N ALA B 242 55.85 -11.48 -23.45
CA ALA B 242 55.25 -10.33 -22.71
C ALA B 242 54.46 -10.83 -21.48
N GLN B 243 54.55 -12.12 -21.15
CA GLN B 243 53.90 -12.71 -19.94
C GLN B 243 54.52 -12.08 -18.69
N LEU B 244 53.68 -11.80 -17.69
CA LEU B 244 54.06 -11.20 -16.38
C LEU B 244 53.97 -12.25 -15.27
N MET B 245 53.55 -13.48 -15.61
CA MET B 245 53.43 -14.62 -14.66
C MET B 245 53.82 -15.91 -15.40
N ASN B 246 54.72 -16.71 -14.79
CA ASN B 246 55.16 -18.03 -15.32
C ASN B 246 54.05 -19.05 -15.06
N LYS B 247 54.20 -20.27 -15.59
CA LYS B 247 53.18 -21.35 -15.53
C LYS B 247 53.00 -21.85 -14.08
N ASP B 248 53.99 -21.61 -13.21
CA ASP B 248 53.99 -22.07 -11.79
C ASP B 248 53.23 -21.07 -10.90
N GLY B 249 53.19 -19.79 -11.30
CA GLY B 249 52.52 -18.71 -10.55
C GLY B 249 53.47 -17.58 -10.18
N SER B 250 54.78 -17.86 -10.21
CA SER B 250 55.87 -16.87 -10.00
C SER B 250 55.78 -15.77 -11.06
N PHE B 251 56.21 -14.55 -10.72
CA PHE B 251 56.21 -13.37 -11.62
C PHE B 251 57.51 -13.38 -12.44
N THR B 252 57.43 -12.90 -13.69
CA THR B 252 58.58 -12.76 -14.62
C THR B 252 59.34 -11.48 -14.26
N ASP B 253 60.55 -11.30 -14.79
CA ASP B 253 61.39 -10.10 -14.55
C ASP B 253 60.63 -8.86 -15.04
N LEU B 254 59.89 -8.99 -16.15
CA LEU B 254 59.11 -7.89 -16.77
C LEU B 254 58.03 -7.42 -15.79
N MET B 255 57.36 -8.35 -15.12
CA MET B 255 56.35 -8.06 -14.06
C MET B 255 57.03 -7.31 -12.91
N TRP B 256 58.22 -7.75 -12.51
CA TRP B 256 59.02 -7.11 -11.44
C TRP B 256 59.31 -5.65 -11.81
N LYS B 257 59.86 -5.44 -13.01
CA LYS B 257 60.25 -4.09 -13.53
C LYS B 257 59.00 -3.21 -13.62
N TYR B 258 57.86 -3.76 -14.05
CA TYR B 258 56.55 -3.08 -14.13
C TYR B 258 56.15 -2.55 -12.74
N MET B 259 56.25 -3.40 -11.71
CA MET B 259 55.63 -3.15 -10.39
C MET B 259 56.66 -2.66 -9.35
N SER B 260 57.88 -2.31 -9.76
CA SER B 260 58.98 -1.93 -8.82
C SER B 260 59.77 -0.69 -9.30
N ASP B 261 59.98 -0.52 -10.61
CA ASP B 261 60.93 0.48 -11.18
C ASP B 261 60.17 1.70 -11.72
N GLN B 262 60.55 2.90 -11.28
CA GLN B 262 60.01 4.21 -11.75
C GLN B 262 61.11 5.26 -11.67
N PRO B 263 61.77 5.62 -12.80
CA PRO B 263 61.40 5.13 -14.13
C PRO B 263 61.72 3.64 -14.32
N MET B 264 61.11 3.02 -15.34
CA MET B 264 61.48 1.67 -15.84
C MET B 264 62.81 1.79 -16.60
N HIS B 265 63.65 0.75 -16.54
CA HIS B 265 64.93 0.64 -17.28
C HIS B 265 64.99 -0.73 -17.96
N ILE B 266 65.69 -0.81 -19.10
CA ILE B 266 65.92 -2.08 -19.87
C ILE B 266 66.94 -2.94 -19.12
N GLY C 18 -14.96 -17.56 9.62
CA GLY C 18 -14.61 -16.29 10.33
C GLY C 18 -15.71 -15.88 11.30
N SER C 19 -16.20 -14.64 11.17
CA SER C 19 -17.27 -14.03 12.01
C SER C 19 -18.59 -13.91 11.24
N HIS C 20 -18.54 -13.98 9.90
CA HIS C 20 -19.71 -13.84 8.98
C HIS C 20 -19.53 -14.77 7.78
N MET C 21 -20.60 -15.01 7.02
CA MET C 21 -20.53 -15.56 5.63
C MET C 21 -20.02 -14.45 4.71
N VAL C 22 -19.16 -14.79 3.76
CA VAL C 22 -18.56 -13.82 2.79
C VAL C 22 -19.59 -13.59 1.67
N LYS C 23 -19.95 -12.32 1.43
CA LYS C 23 -21.01 -11.91 0.46
C LYS C 23 -20.43 -10.83 -0.47
N LYS C 24 -19.83 -11.24 -1.58
CA LYS C 24 -19.29 -10.35 -2.64
C LYS C 24 -19.88 -10.69 -4.02
N ARG C 25 -20.80 -11.66 -4.09
CA ARG C 25 -21.25 -12.24 -5.39
C ARG C 25 -22.34 -11.35 -5.99
N VAL C 26 -22.11 -10.87 -7.22
CA VAL C 26 -23.05 -9.99 -8.00
C VAL C 26 -23.93 -10.91 -8.86
N LEU C 27 -25.25 -10.69 -8.83
CA LEU C 27 -26.21 -11.35 -9.76
C LEU C 27 -26.35 -10.49 -11.02
N LEU C 28 -25.64 -10.85 -12.09
CA LEU C 28 -25.84 -10.28 -13.45
C LEU C 28 -27.19 -10.76 -13.98
N TRP C 29 -28.13 -9.84 -14.20
CA TRP C 29 -29.53 -10.14 -14.63
C TRP C 29 -29.77 -9.46 -15.98
N ASP C 30 -29.41 -10.14 -17.08
CA ASP C 30 -29.58 -9.66 -18.48
C ASP C 30 -31.05 -9.30 -18.70
N TYR C 31 -31.32 -8.29 -19.54
CA TYR C 31 -32.66 -7.70 -19.77
C TYR C 31 -33.61 -8.74 -20.40
N THR C 32 -33.06 -9.76 -21.08
CA THR C 32 -33.82 -10.88 -21.70
C THR C 32 -34.58 -11.66 -20.62
N ASN C 33 -34.03 -11.72 -19.39
CA ASN C 33 -34.68 -12.37 -18.21
C ASN C 33 -35.90 -11.54 -17.81
N THR C 34 -35.74 -10.23 -17.66
CA THR C 34 -36.80 -9.25 -17.34
C THR C 34 -37.89 -9.31 -18.42
N ARG C 35 -37.50 -9.49 -19.68
CA ARG C 35 -38.39 -9.49 -20.87
C ARG C 35 -39.24 -10.77 -20.90
N ASP C 36 -38.61 -11.93 -20.68
CA ASP C 36 -39.20 -13.27 -20.97
C ASP C 36 -39.57 -14.02 -19.68
N VAL C 37 -38.67 -14.02 -18.68
CA VAL C 37 -38.74 -14.93 -17.50
C VAL C 37 -38.49 -14.14 -16.20
N LYS C 38 -39.41 -13.23 -15.85
CA LYS C 38 -39.42 -12.50 -14.55
C LYS C 38 -39.36 -13.51 -13.39
N TRP C 39 -40.28 -14.48 -13.43
CA TRP C 39 -40.49 -15.53 -12.39
C TRP C 39 -39.15 -16.16 -11.96
N ALA C 40 -38.14 -16.15 -12.83
CA ALA C 40 -36.78 -16.69 -12.58
C ALA C 40 -36.13 -16.02 -11.36
N MET C 41 -36.39 -14.73 -11.13
CA MET C 41 -35.78 -13.93 -10.05
C MET C 41 -36.23 -14.46 -8.67
N ASP C 42 -37.46 -14.96 -8.56
CA ASP C 42 -38.05 -15.48 -7.31
C ASP C 42 -37.47 -16.87 -6.97
N LYS C 43 -36.77 -17.50 -7.93
CA LYS C 43 -36.11 -18.82 -7.75
C LYS C 43 -34.68 -18.63 -7.22
N ILE C 44 -34.16 -17.40 -7.26
CA ILE C 44 -32.81 -17.01 -6.73
C ILE C 44 -32.74 -17.35 -5.23
N ASN C 45 -31.52 -17.62 -4.73
CA ASN C 45 -31.21 -17.81 -3.29
C ASN C 45 -30.65 -16.49 -2.76
N PHE C 46 -31.38 -15.82 -1.86
CA PHE C 46 -31.05 -14.48 -1.29
C PHE C 46 -30.37 -14.65 0.08
N LYS C 47 -30.37 -15.86 0.63
CA LYS C 47 -29.78 -16.20 1.96
C LYS C 47 -28.26 -16.42 1.80
N GLY C 48 -27.85 -16.94 0.65
CA GLY C 48 -26.44 -17.29 0.35
C GLY C 48 -25.57 -16.06 0.10
N PRO C 49 -24.39 -16.22 -0.52
CA PRO C 49 -23.44 -15.12 -0.70
C PRO C 49 -23.72 -14.09 -1.81
N LEU C 50 -24.94 -14.05 -2.37
CA LEU C 50 -25.38 -12.93 -3.26
C LEU C 50 -25.51 -11.66 -2.41
N HIS C 51 -24.98 -10.54 -2.91
CA HIS C 51 -24.80 -9.27 -2.14
C HIS C 51 -25.18 -8.04 -2.99
N SER C 52 -25.32 -8.16 -4.32
CA SER C 52 -25.72 -7.05 -5.22
C SER C 52 -26.21 -7.59 -6.57
N CYS C 53 -26.66 -6.69 -7.44
CA CYS C 53 -27.25 -6.99 -8.78
C CYS C 53 -26.89 -5.89 -9.79
N SER C 54 -26.83 -6.23 -11.08
CA SER C 54 -26.61 -5.30 -12.22
C SER C 54 -27.24 -5.91 -13.49
N ASN C 55 -27.55 -5.07 -14.48
CA ASN C 55 -28.25 -5.52 -15.73
C ASN C 55 -27.80 -4.72 -16.96
N TRP C 56 -26.63 -4.06 -16.91
CA TRP C 56 -26.02 -3.30 -18.05
C TRP C 56 -26.92 -2.13 -18.49
N ASN C 57 -27.89 -1.73 -17.68
CA ASN C 57 -28.92 -0.73 -18.05
C ASN C 57 -29.09 0.30 -16.93
N THR C 58 -29.64 1.47 -17.28
CA THR C 58 -29.94 2.59 -16.34
C THR C 58 -31.14 2.20 -15.46
N TRP C 59 -32.08 1.41 -16.00
CA TRP C 59 -33.41 1.12 -15.40
C TRP C 59 -33.31 -0.06 -14.42
N TYR C 60 -34.20 -0.07 -13.42
CA TYR C 60 -34.23 -1.05 -12.31
C TYR C 60 -35.01 -2.30 -12.73
N PRO C 61 -34.48 -3.52 -12.50
CA PRO C 61 -35.26 -4.75 -12.68
C PRO C 61 -36.27 -4.94 -11.54
N ASP C 62 -37.55 -4.66 -11.80
CA ASP C 62 -38.65 -4.60 -10.80
C ASP C 62 -38.76 -5.92 -10.02
N GLU C 63 -38.62 -7.05 -10.71
CA GLU C 63 -38.80 -8.42 -10.15
C GLU C 63 -37.80 -8.68 -9.00
N LEU C 64 -36.71 -7.91 -8.94
CA LEU C 64 -35.71 -7.96 -7.83
C LEU C 64 -36.38 -7.60 -6.50
N LYS C 65 -37.35 -6.68 -6.52
CA LYS C 65 -38.11 -6.17 -5.34
C LYS C 65 -37.12 -5.75 -4.25
N HIS C 66 -36.04 -5.06 -4.64
CA HIS C 66 -35.00 -4.48 -3.75
C HIS C 66 -34.45 -5.53 -2.78
N ARG C 67 -34.44 -6.81 -3.19
CA ARG C 67 -33.99 -7.95 -2.33
C ARG C 67 -32.45 -7.96 -2.27
N LEU C 68 -31.79 -7.31 -3.24
CA LEU C 68 -30.33 -6.99 -3.20
C LEU C 68 -30.15 -5.56 -3.72
N PRO C 69 -29.05 -4.86 -3.34
CA PRO C 69 -28.75 -3.56 -3.94
C PRO C 69 -28.50 -3.71 -5.45
N PHE C 70 -29.01 -2.76 -6.24
CA PHE C 70 -28.85 -2.72 -7.71
C PHE C 70 -27.84 -1.62 -8.07
N ARG C 71 -26.91 -1.91 -8.98
CA ARG C 71 -25.94 -0.93 -9.54
C ARG C 71 -26.38 -0.56 -10.94
N PRO C 72 -27.01 0.63 -11.15
CA PRO C 72 -27.32 1.11 -12.50
C PRO C 72 -26.02 1.29 -13.31
N MET C 73 -26.12 1.19 -14.64
CA MET C 73 -24.96 1.34 -15.56
C MET C 73 -25.27 2.41 -16.61
N ILE C 74 -24.29 3.28 -16.87
CA ILE C 74 -24.21 4.14 -18.08
C ILE C 74 -23.42 3.35 -19.13
N HIS C 75 -24.09 2.43 -19.83
CA HIS C 75 -23.48 1.41 -20.73
C HIS C 75 -22.69 2.09 -21.85
N GLY C 76 -23.30 3.05 -22.54
CA GLY C 76 -22.68 3.77 -23.68
C GLY C 76 -23.20 5.20 -23.82
N LYS C 77 -22.84 5.86 -24.92
CA LYS C 77 -23.18 7.28 -25.22
C LYS C 77 -24.70 7.46 -25.35
N ASN C 78 -25.43 6.38 -25.64
CA ASN C 78 -26.91 6.37 -25.78
C ASN C 78 -27.61 6.60 -24.43
N ASN C 79 -26.89 6.44 -23.31
CA ASN C 79 -27.47 6.50 -21.94
C ASN C 79 -27.16 7.84 -21.25
N LEU C 80 -26.74 8.86 -22.00
CA LEU C 80 -26.32 10.19 -21.46
C LEU C 80 -27.47 11.21 -21.53
N THR C 81 -28.55 10.91 -22.27
CA THR C 81 -29.66 11.87 -22.54
C THR C 81 -31.02 11.22 -22.28
N GLY C 82 -32.06 12.06 -22.14
CA GLY C 82 -33.47 11.66 -22.06
C GLY C 82 -33.76 10.76 -20.87
N GLY C 83 -34.76 9.88 -21.00
CA GLY C 83 -35.26 8.98 -19.94
C GLY C 83 -34.18 8.08 -19.37
N GLU C 84 -33.16 7.74 -20.18
CA GLU C 84 -31.99 6.92 -19.75
C GLU C 84 -31.23 7.65 -18.63
N TRP C 85 -30.90 8.92 -18.84
CA TRP C 85 -30.12 9.75 -17.88
C TRP C 85 -30.99 10.09 -16.66
N GLN C 86 -32.32 10.15 -16.83
CA GLN C 86 -33.29 10.38 -15.72
C GLN C 86 -33.27 9.20 -14.75
N ASN C 87 -33.18 7.98 -15.28
CA ASN C 87 -33.08 6.72 -14.49
C ASN C 87 -31.86 6.82 -13.56
N ILE C 88 -30.78 7.47 -14.02
CA ILE C 88 -29.51 7.65 -13.25
C ILE C 88 -29.70 8.74 -12.18
N LEU C 89 -30.22 9.91 -12.57
CA LEU C 89 -30.31 11.11 -11.69
C LEU C 89 -31.30 10.87 -10.53
N LYS C 90 -32.25 9.93 -10.67
CA LYS C 90 -33.40 9.77 -9.73
C LYS C 90 -33.21 8.55 -8.81
N THR C 91 -32.24 7.67 -9.08
CA THR C 91 -32.05 6.37 -8.37
C THR C 91 -31.68 6.62 -6.90
N ASN C 92 -32.14 5.75 -5.99
CA ASN C 92 -31.77 5.72 -4.55
C ASN C 92 -30.55 4.83 -4.33
N GLU C 93 -30.23 3.97 -5.30
CA GLU C 93 -29.14 2.96 -5.20
C GLU C 93 -27.79 3.69 -5.21
N GLU C 94 -26.79 3.16 -4.49
CA GLU C 94 -25.58 3.91 -4.06
C GLU C 94 -24.47 3.87 -5.13
N VAL C 95 -24.26 2.73 -5.79
CA VAL C 95 -23.11 2.50 -6.73
C VAL C 95 -23.61 2.53 -8.17
N ILE C 96 -22.94 3.27 -9.05
CA ILE C 96 -23.27 3.43 -10.50
C ILE C 96 -22.03 3.09 -11.34
N HIS C 97 -22.19 2.23 -12.36
CA HIS C 97 -21.14 1.84 -13.33
C HIS C 97 -21.09 2.87 -14.48
N PHE C 98 -19.88 3.22 -14.93
CA PHE C 98 -19.64 3.99 -16.19
C PHE C 98 -19.56 2.97 -17.34
N PHE C 99 -18.98 3.36 -18.48
CA PHE C 99 -19.17 2.69 -19.80
C PHE C 99 -18.75 1.21 -19.74
N ASN C 100 -19.46 0.38 -20.50
CA ASN C 100 -19.18 -1.07 -20.70
C ASN C 100 -18.29 -1.24 -21.93
N GLU C 101 -17.02 -1.59 -21.73
CA GLU C 101 -16.04 -1.86 -22.82
C GLU C 101 -16.06 -0.70 -23.82
N PRO C 102 -15.69 0.53 -23.39
CA PRO C 102 -15.69 1.69 -24.27
C PRO C 102 -14.76 1.54 -25.49
N GLU C 103 -13.64 0.83 -25.33
CA GLU C 103 -12.59 0.65 -26.35
C GLU C 103 -13.16 -0.10 -27.57
N ARG C 104 -14.30 -0.78 -27.42
CA ARG C 104 -14.95 -1.61 -28.47
C ARG C 104 -16.22 -0.93 -29.01
N ALA C 105 -16.51 0.31 -28.58
CA ALA C 105 -17.68 1.10 -29.04
C ALA C 105 -17.23 2.48 -29.56
N GLY C 106 -15.96 2.59 -29.97
CA GLY C 106 -15.38 3.80 -30.58
C GLY C 106 -15.36 4.99 -29.64
N ILE C 107 -15.39 4.74 -28.32
CA ILE C 107 -15.27 5.79 -27.25
C ILE C 107 -13.80 5.84 -26.82
N SER C 108 -13.11 6.96 -27.08
CA SER C 108 -11.71 7.21 -26.69
C SER C 108 -11.64 7.60 -25.22
N PRO C 109 -10.51 7.38 -24.52
CA PRO C 109 -10.33 7.88 -23.16
C PRO C 109 -10.62 9.39 -23.03
N GLU C 110 -10.10 10.18 -23.96
CA GLU C 110 -10.25 11.66 -24.03
C GLU C 110 -11.73 12.03 -23.94
N GLU C 111 -12.57 11.33 -24.72
CA GLU C 111 -14.02 11.61 -24.86
C GLU C 111 -14.76 11.20 -23.58
N ALA C 112 -14.40 10.03 -23.01
CA ALA C 112 -15.02 9.47 -21.78
C ALA C 112 -14.64 10.31 -20.56
N ALA C 113 -13.42 10.86 -20.54
CA ALA C 113 -12.88 11.73 -19.47
C ALA C 113 -13.65 13.05 -19.43
N LYS C 114 -14.02 13.59 -20.59
CA LYS C 114 -14.78 14.85 -20.73
C LYS C 114 -16.22 14.64 -20.24
N ILE C 115 -16.82 13.52 -20.62
CA ILE C 115 -18.21 13.11 -20.21
C ILE C 115 -18.22 12.89 -18.69
N TRP C 116 -17.16 12.28 -18.15
CA TRP C 116 -16.94 12.05 -16.69
C TRP C 116 -17.01 13.38 -15.93
N ASN C 117 -16.23 14.37 -16.36
CA ASN C 117 -16.05 15.68 -15.68
C ASN C 117 -17.32 16.54 -15.83
N ASP C 118 -17.92 16.55 -17.02
CA ASP C 118 -18.99 17.50 -17.42
C ASP C 118 -20.37 17.03 -16.90
N GLN C 119 -20.53 15.74 -16.61
CA GLN C 119 -21.87 15.11 -16.44
C GLN C 119 -21.89 14.10 -15.27
N VAL C 120 -20.97 13.12 -15.25
CA VAL C 120 -21.04 11.95 -14.33
C VAL C 120 -20.62 12.37 -12.92
N LEU C 121 -19.48 13.06 -12.77
CA LEU C 121 -18.88 13.44 -11.46
C LEU C 121 -19.94 14.02 -10.53
N ALA C 122 -20.86 14.83 -11.06
CA ALA C 122 -21.98 15.47 -10.33
C ALA C 122 -22.74 14.42 -9.49
N LEU C 123 -22.86 13.19 -10.00
CA LEU C 123 -23.54 12.06 -9.31
C LEU C 123 -22.88 11.78 -7.95
N ARG C 124 -21.60 12.13 -7.78
CA ARG C 124 -20.85 11.99 -6.50
C ARG C 124 -20.87 13.31 -5.72
N THR C 125 -20.41 14.39 -6.35
CA THR C 125 -20.22 15.72 -5.70
C THR C 125 -21.57 16.27 -5.22
N SER C 126 -22.67 15.92 -5.90
CA SER C 126 -24.03 16.48 -5.68
C SER C 126 -25.00 15.42 -5.14
N HIS C 127 -25.00 14.19 -5.68
CA HIS C 127 -25.94 13.10 -5.31
C HIS C 127 -25.27 12.09 -4.37
N HIS C 128 -23.96 12.21 -4.14
CA HIS C 128 -23.15 11.36 -3.22
C HIS C 128 -23.31 9.87 -3.58
N LYS C 129 -23.27 9.56 -4.87
CA LYS C 129 -23.19 8.18 -5.42
C LYS C 129 -21.71 7.81 -5.56
N ARG C 130 -21.36 6.53 -5.42
CA ARG C 130 -20.01 6.01 -5.70
C ARG C 130 -19.99 5.48 -7.15
N LEU C 131 -18.93 5.78 -7.89
CA LEU C 131 -18.83 5.56 -9.35
C LEU C 131 -17.76 4.51 -9.65
N VAL C 132 -18.13 3.48 -10.42
CA VAL C 132 -17.18 2.47 -10.99
C VAL C 132 -16.68 3.01 -12.33
N SER C 133 -15.36 2.99 -12.54
CA SER C 133 -14.71 3.32 -13.84
C SER C 133 -15.32 2.46 -14.93
N PRO C 134 -15.14 2.80 -16.23
CA PRO C 134 -15.59 1.92 -17.30
C PRO C 134 -14.88 0.56 -17.20
N SER C 135 -15.63 -0.54 -17.31
CA SER C 135 -15.10 -1.93 -17.31
C SER C 135 -14.63 -2.30 -18.72
N CYS C 136 -13.33 -2.12 -18.99
CA CYS C 136 -12.66 -2.52 -20.26
C CYS C 136 -12.35 -4.03 -20.22
N ALA C 137 -12.05 -4.63 -21.37
CA ALA C 137 -11.69 -6.05 -21.53
C ALA C 137 -10.23 -6.26 -21.09
N SER C 138 -9.79 -7.53 -21.01
CA SER C 138 -8.49 -7.96 -20.41
C SER C 138 -7.39 -8.09 -21.47
N ASP C 139 -7.62 -7.62 -22.70
CA ASP C 139 -6.63 -7.63 -23.81
C ASP C 139 -5.76 -6.37 -23.72
N PRO C 140 -4.61 -6.31 -24.43
CA PRO C 140 -3.76 -5.12 -24.41
C PRO C 140 -4.49 -3.80 -24.68
N ALA C 141 -5.45 -3.80 -25.63
CA ALA C 141 -6.26 -2.64 -26.04
C ALA C 141 -7.05 -2.11 -24.83
N GLY C 142 -7.68 -3.00 -24.07
CA GLY C 142 -8.53 -2.66 -22.90
C GLY C 142 -7.71 -2.17 -21.72
N ILE C 143 -6.58 -2.83 -21.44
CA ILE C 143 -5.61 -2.46 -20.36
C ILE C 143 -5.04 -1.06 -20.66
N ALA C 144 -4.87 -0.74 -21.95
CA ALA C 144 -4.29 0.54 -22.43
C ALA C 144 -5.34 1.65 -22.34
N TRP C 145 -6.62 1.34 -22.57
CA TRP C 145 -7.76 2.29 -22.47
C TRP C 145 -7.90 2.75 -21.01
N ILE C 146 -8.11 1.79 -20.11
CA ILE C 146 -8.31 2.02 -18.65
C ILE C 146 -7.10 2.77 -18.09
N LYS C 147 -5.89 2.47 -18.58
CA LYS C 147 -4.60 3.09 -18.13
C LYS C 147 -4.64 4.60 -18.39
N LYS C 148 -4.92 5.02 -19.63
CA LYS C 148 -4.86 6.46 -20.04
C LYS C 148 -6.03 7.23 -19.42
N TRP C 149 -7.24 6.66 -19.45
CA TRP C 149 -8.47 7.28 -18.87
C TRP C 149 -8.25 7.53 -17.38
N MET C 150 -7.80 6.51 -16.63
CA MET C 150 -7.51 6.59 -15.17
C MET C 150 -6.54 7.73 -14.90
N ASN C 151 -5.50 7.87 -15.74
CA ASN C 151 -4.47 8.93 -15.64
C ASN C 151 -5.11 10.30 -15.91
N LEU C 152 -5.97 10.40 -16.94
CA LEU C 152 -6.61 11.67 -17.38
C LEU C 152 -7.51 12.23 -16.27
N VAL C 153 -8.17 11.37 -15.48
CA VAL C 153 -9.15 11.76 -14.44
C VAL C 153 -8.56 11.53 -13.04
N ALA C 154 -7.23 11.54 -12.90
CA ALA C 154 -6.51 11.22 -11.64
C ALA C 154 -6.80 12.28 -10.56
N LYS C 155 -7.04 13.54 -10.97
CA LYS C 155 -7.41 14.64 -10.04
C LYS C 155 -8.80 14.36 -9.44
N ASN C 156 -9.63 13.58 -10.13
CA ASN C 156 -10.96 13.10 -9.66
C ASN C 156 -11.14 11.63 -10.01
N PRO C 157 -10.47 10.69 -9.29
CA PRO C 157 -10.47 9.28 -9.68
C PRO C 157 -11.78 8.59 -9.34
N PRO C 158 -12.05 7.39 -9.91
CA PRO C 158 -13.23 6.61 -9.54
C PRO C 158 -13.12 5.99 -8.15
N ASP C 159 -14.26 5.57 -7.57
CA ASP C 159 -14.36 4.90 -6.26
C ASP C 159 -13.95 3.42 -6.40
N TYR C 160 -14.25 2.81 -7.54
CA TYR C 160 -13.97 1.39 -7.87
C TYR C 160 -13.37 1.29 -9.28
N LEU C 161 -12.40 0.39 -9.46
CA LEU C 161 -11.86 0.02 -10.80
C LEU C 161 -12.67 -1.18 -11.31
N GLY C 162 -13.42 -0.99 -12.40
CA GLY C 162 -14.21 -2.04 -13.08
C GLY C 162 -13.33 -2.87 -14.00
N LEU C 163 -13.46 -4.20 -13.94
CA LEU C 163 -12.66 -5.15 -14.76
C LEU C 163 -13.56 -6.26 -15.32
N HIS C 164 -13.27 -6.69 -16.55
CA HIS C 164 -13.74 -7.97 -17.15
C HIS C 164 -12.54 -8.91 -17.29
N TRP C 165 -12.75 -10.22 -17.10
CA TRP C 165 -11.77 -11.28 -17.48
C TRP C 165 -12.50 -12.50 -18.04
N TYR C 166 -12.06 -12.97 -19.21
CA TYR C 166 -12.56 -14.20 -19.89
C TYR C 166 -11.36 -15.05 -20.32
N GLY C 167 -11.46 -16.36 -20.13
CA GLY C 167 -10.37 -17.33 -20.40
C GLY C 167 -10.65 -18.68 -19.77
N THR C 168 -9.67 -19.58 -19.81
CA THR C 168 -9.80 -21.00 -19.37
C THR C 168 -8.88 -21.31 -18.18
N LYS C 169 -7.89 -20.46 -17.90
CA LYS C 169 -6.85 -20.68 -16.86
C LYS C 169 -7.12 -19.76 -15.66
N GLY C 170 -7.54 -20.33 -14.53
CA GLY C 170 -7.82 -19.61 -13.27
C GLY C 170 -6.60 -18.87 -12.76
N ASP C 171 -5.41 -19.45 -12.93
CA ASP C 171 -4.13 -18.91 -12.41
C ASP C 171 -3.75 -17.61 -13.14
N GLU C 172 -4.33 -17.35 -14.32
CA GLU C 172 -4.00 -16.17 -15.16
C GLU C 172 -5.00 -15.02 -14.90
N MET C 173 -6.23 -15.33 -14.46
CA MET C 173 -7.19 -14.30 -13.98
C MET C 173 -6.65 -13.68 -12.69
N ILE C 174 -6.19 -14.53 -11.77
CA ILE C 174 -5.57 -14.15 -10.46
C ILE C 174 -4.38 -13.22 -10.73
N ARG C 175 -3.50 -13.60 -11.67
CA ARG C 175 -2.28 -12.83 -12.05
C ARG C 175 -2.70 -11.48 -12.65
N TYR C 176 -3.81 -11.46 -13.40
CA TYR C 176 -4.34 -10.23 -14.08
C TYR C 176 -4.89 -9.27 -13.02
N LEU C 177 -5.73 -9.75 -12.10
CA LEU C 177 -6.31 -8.95 -11.00
C LEU C 177 -5.18 -8.40 -10.13
N GLU C 178 -4.17 -9.23 -9.83
CA GLU C 178 -2.96 -8.84 -9.06
C GLU C 178 -2.19 -7.75 -9.83
N SER C 179 -2.10 -7.89 -11.16
CA SER C 179 -1.37 -6.96 -12.07
C SER C 179 -2.06 -5.59 -12.10
N MET C 180 -3.39 -5.56 -12.17
CA MET C 180 -4.20 -4.31 -12.28
C MET C 180 -4.23 -3.60 -10.92
N HIS C 181 -4.38 -4.36 -9.82
CA HIS C 181 -4.35 -3.85 -8.43
C HIS C 181 -3.01 -3.15 -8.16
N LYS C 182 -1.92 -3.72 -8.65
CA LYS C 182 -0.53 -3.17 -8.52
C LYS C 182 -0.43 -1.86 -9.31
N GLU C 183 -0.96 -1.84 -10.55
CA GLU C 183 -0.92 -0.69 -11.49
C GLU C 183 -1.85 0.43 -10.98
N HIS C 184 -3.03 0.06 -10.48
CA HIS C 184 -4.08 1.00 -9.98
C HIS C 184 -4.38 0.67 -8.52
N PRO C 185 -3.52 1.12 -7.57
CA PRO C 185 -3.62 0.68 -6.17
C PRO C 185 -4.49 1.52 -5.22
N HIS C 186 -5.06 2.63 -5.71
CA HIS C 186 -5.67 3.70 -4.87
C HIS C 186 -7.16 3.43 -4.60
N GLN C 187 -7.77 2.42 -5.23
CA GLN C 187 -9.23 2.11 -5.08
C GLN C 187 -9.44 0.60 -5.16
N PRO C 188 -10.51 0.06 -4.51
CA PRO C 188 -10.86 -1.35 -4.65
C PRO C 188 -11.18 -1.72 -6.11
N ILE C 189 -11.17 -3.02 -6.42
CA ILE C 189 -11.53 -3.56 -7.76
C ILE C 189 -12.91 -4.19 -7.70
N ILE C 190 -13.74 -3.93 -8.72
CA ILE C 190 -14.99 -4.69 -9.02
C ILE C 190 -14.77 -5.46 -10.32
N VAL C 191 -15.04 -6.76 -10.31
CA VAL C 191 -15.05 -7.64 -11.52
C VAL C 191 -16.49 -7.70 -12.03
N SER C 192 -16.88 -6.72 -12.86
CA SER C 192 -18.27 -6.49 -13.35
C SER C 192 -18.69 -7.61 -14.32
N GLU C 193 -17.73 -8.32 -14.92
CA GLU C 193 -17.97 -9.57 -15.69
C GLU C 193 -16.73 -10.47 -15.57
N TRP C 194 -16.96 -11.79 -15.48
CA TRP C 194 -15.90 -12.82 -15.56
C TRP C 194 -16.55 -14.20 -15.72
N ALA C 195 -15.86 -15.14 -16.37
CA ALA C 195 -16.30 -16.53 -16.56
C ALA C 195 -15.21 -17.35 -17.25
N SER C 196 -15.25 -18.67 -17.07
CA SER C 196 -14.49 -19.67 -17.86
C SER C 196 -15.13 -19.79 -19.25
N THR C 197 -14.31 -19.68 -20.31
CA THR C 197 -14.73 -19.86 -21.73
C THR C 197 -14.41 -21.28 -22.19
N SER C 198 -14.03 -22.17 -21.27
CA SER C 198 -13.70 -23.60 -21.56
C SER C 198 -14.98 -24.34 -21.95
N ARG C 199 -14.90 -25.20 -22.98
CA ARG C 199 -16.01 -26.08 -23.43
C ARG C 199 -15.96 -27.40 -22.65
N SER C 200 -14.97 -27.56 -21.76
CA SER C 200 -14.88 -28.64 -20.75
C SER C 200 -15.49 -28.14 -19.42
N TYR C 201 -16.62 -28.71 -19.01
CA TYR C 201 -17.36 -28.31 -17.78
C TYR C 201 -16.48 -28.49 -16.55
N PRO C 202 -15.78 -29.63 -16.38
CA PRO C 202 -14.81 -29.77 -15.28
C PRO C 202 -13.90 -28.55 -15.11
N ASP C 203 -13.41 -28.00 -16.23
CA ASP C 203 -12.48 -26.84 -16.25
C ASP C 203 -13.24 -25.54 -15.95
N VAL C 204 -14.54 -25.47 -16.29
CA VAL C 204 -15.43 -24.32 -15.97
C VAL C 204 -15.66 -24.30 -14.45
N LEU C 205 -16.12 -25.43 -13.90
CA LEU C 205 -16.36 -25.63 -12.44
C LEU C 205 -15.06 -25.33 -11.68
N GLY C 206 -13.94 -25.91 -12.12
CA GLY C 206 -12.61 -25.73 -11.52
C GLY C 206 -12.22 -24.27 -11.39
N LEU C 207 -12.32 -23.49 -12.48
CA LEU C 207 -11.92 -22.06 -12.53
C LEU C 207 -12.89 -21.23 -11.68
N THR C 208 -14.20 -21.45 -11.84
CA THR C 208 -15.28 -20.72 -11.12
C THR C 208 -15.10 -20.91 -9.61
N VAL C 209 -14.93 -22.16 -9.16
CA VAL C 209 -14.77 -22.54 -7.73
C VAL C 209 -13.47 -21.94 -7.19
N GLN C 210 -12.38 -21.97 -7.97
CA GLN C 210 -11.04 -21.44 -7.58
C GLN C 210 -11.15 -19.94 -7.32
N LEU C 211 -11.63 -19.18 -8.30
CA LEU C 211 -11.62 -17.68 -8.29
C LEU C 211 -12.66 -17.14 -7.30
N ALA C 212 -13.83 -17.79 -7.19
CA ALA C 212 -14.88 -17.45 -6.21
C ALA C 212 -14.26 -17.43 -4.80
N ASN C 213 -13.45 -18.45 -4.49
CA ASN C 213 -12.82 -18.64 -3.15
C ASN C 213 -11.61 -17.71 -3.00
N TRP C 214 -10.84 -17.49 -4.06
CA TRP C 214 -9.67 -16.57 -4.07
C TRP C 214 -10.14 -15.12 -3.82
N MET C 215 -11.16 -14.69 -4.56
CA MET C 215 -11.69 -13.30 -4.53
C MET C 215 -12.46 -13.06 -3.22
N ASP C 216 -13.06 -14.11 -2.64
CA ASP C 216 -13.75 -14.05 -1.33
C ASP C 216 -12.73 -13.73 -0.22
N SER C 217 -11.48 -14.16 -0.37
CA SER C 217 -10.40 -14.02 0.63
C SER C 217 -9.45 -12.87 0.30
N THR C 218 -9.76 -12.06 -0.73
CA THR C 218 -8.94 -10.90 -1.18
C THR C 218 -9.70 -9.61 -0.87
N PRO C 219 -9.32 -8.87 0.19
CA PRO C 219 -10.07 -7.68 0.62
C PRO C 219 -10.29 -6.64 -0.49
N TRP C 220 -9.26 -6.35 -1.30
CA TRP C 220 -9.26 -5.25 -2.30
C TRP C 220 -10.17 -5.59 -3.50
N VAL C 221 -10.79 -6.78 -3.50
CA VAL C 221 -11.92 -7.12 -4.41
C VAL C 221 -13.24 -6.87 -3.67
N ALA C 222 -13.98 -5.84 -4.08
CA ALA C 222 -15.27 -5.43 -3.48
C ALA C 222 -16.34 -6.48 -3.83
N GLU C 223 -16.53 -6.76 -5.11
CA GLU C 223 -17.52 -7.75 -5.61
C GLU C 223 -17.09 -8.27 -7.00
N TYR C 224 -17.55 -9.45 -7.37
CA TYR C 224 -17.29 -10.12 -8.67
C TYR C 224 -18.61 -10.69 -9.22
N ALA C 225 -18.75 -10.69 -10.55
CA ALA C 225 -20.01 -10.93 -11.30
C ALA C 225 -19.83 -12.05 -12.32
N LEU C 226 -20.27 -13.26 -11.99
CA LEU C 226 -20.17 -14.46 -12.88
C LEU C 226 -21.20 -14.33 -14.02
N PHE C 227 -20.72 -14.17 -15.25
CA PHE C 227 -21.53 -14.03 -16.48
C PHE C 227 -22.20 -15.36 -16.82
N GLY C 228 -23.39 -15.30 -17.45
CA GLY C 228 -24.01 -16.45 -18.14
C GLY C 228 -25.43 -16.76 -17.66
N CYS C 229 -26.02 -15.94 -16.77
CA CYS C 229 -27.41 -16.12 -16.30
C CYS C 229 -28.37 -15.49 -17.31
N MET C 230 -28.59 -16.20 -18.42
CA MET C 230 -29.52 -15.83 -19.53
C MET C 230 -29.81 -17.11 -20.34
N ARG C 231 -30.92 -17.13 -21.09
CA ARG C 231 -31.43 -18.33 -21.80
C ARG C 231 -30.53 -18.66 -22.99
N GLN C 232 -30.41 -17.73 -23.95
CA GLN C 232 -29.65 -17.91 -25.21
C GLN C 232 -28.19 -17.48 -24.99
N MET C 233 -27.28 -18.02 -25.81
CA MET C 233 -25.84 -17.66 -25.80
C MET C 233 -25.69 -16.21 -26.27
N ALA C 234 -25.02 -15.36 -25.49
CA ALA C 234 -24.80 -13.93 -25.78
C ALA C 234 -24.03 -13.77 -27.10
N ASP C 235 -23.14 -14.73 -27.41
CA ASP C 235 -22.25 -14.71 -28.60
C ASP C 235 -21.64 -16.12 -28.78
N ASP C 236 -20.56 -16.22 -29.56
CA ASP C 236 -19.79 -17.48 -29.78
C ASP C 236 -18.57 -17.52 -28.85
N PHE C 237 -18.16 -16.37 -28.30
CA PHE C 237 -16.96 -16.21 -27.42
C PHE C 237 -17.18 -16.94 -26.09
N VAL C 238 -18.36 -16.79 -25.49
CA VAL C 238 -18.73 -17.44 -24.18
C VAL C 238 -19.03 -18.93 -24.43
N SER C 239 -19.01 -19.73 -23.36
CA SER C 239 -19.08 -21.22 -23.39
C SER C 239 -20.48 -21.70 -23.00
N PRO C 240 -21.13 -22.56 -23.81
CA PRO C 240 -22.37 -23.23 -23.41
C PRO C 240 -22.33 -23.94 -22.05
N GLU C 241 -21.16 -24.46 -21.66
CA GLU C 241 -20.97 -25.22 -20.38
C GLU C 241 -20.94 -24.23 -19.20
N ALA C 242 -20.60 -22.96 -19.46
CA ALA C 242 -20.48 -21.88 -18.45
C ALA C 242 -21.81 -21.16 -18.24
N GLN C 243 -22.90 -21.64 -18.83
CA GLN C 243 -24.26 -21.05 -18.69
C GLN C 243 -24.77 -21.28 -17.26
N LEU C 244 -25.53 -20.31 -16.74
CA LEU C 244 -26.13 -20.33 -15.38
C LEU C 244 -27.64 -20.54 -15.48
N MET C 245 -28.23 -20.40 -16.67
CA MET C 245 -29.67 -20.61 -16.94
C MET C 245 -29.83 -21.58 -18.12
N ASN C 246 -30.70 -22.59 -17.96
CA ASN C 246 -31.13 -23.51 -19.05
C ASN C 246 -32.07 -22.74 -19.98
N LYS C 247 -32.41 -23.31 -21.14
CA LYS C 247 -33.19 -22.62 -22.20
C LYS C 247 -34.68 -22.51 -21.80
N ASP C 248 -35.09 -23.18 -20.72
CA ASP C 248 -36.48 -23.13 -20.18
C ASP C 248 -36.58 -22.07 -19.06
N GLY C 249 -35.49 -21.37 -18.76
CA GLY C 249 -35.44 -20.27 -17.77
C GLY C 249 -34.97 -20.73 -16.40
N SER C 250 -34.93 -22.05 -16.16
CA SER C 250 -34.45 -22.66 -14.89
C SER C 250 -32.93 -22.53 -14.80
N PHE C 251 -32.37 -22.75 -13.61
CA PHE C 251 -30.94 -22.51 -13.28
C PHE C 251 -30.11 -23.79 -13.41
N THR C 252 -28.85 -23.65 -13.81
CA THR C 252 -27.85 -24.75 -13.94
C THR C 252 -27.27 -25.04 -12.54
N ASP C 253 -26.51 -26.12 -12.41
CA ASP C 253 -25.84 -26.51 -11.15
C ASP C 253 -24.74 -25.49 -10.83
N LEU C 254 -24.06 -24.97 -11.86
CA LEU C 254 -23.00 -23.93 -11.74
C LEU C 254 -23.60 -22.67 -11.08
N MET C 255 -24.83 -22.30 -11.49
CA MET C 255 -25.57 -21.13 -10.95
C MET C 255 -25.91 -21.36 -9.48
N TRP C 256 -26.44 -22.55 -9.15
CA TRP C 256 -26.81 -22.94 -7.77
C TRP C 256 -25.59 -22.75 -6.85
N LYS C 257 -24.46 -23.37 -7.21
CA LYS C 257 -23.20 -23.35 -6.44
C LYS C 257 -22.72 -21.90 -6.29
N TYR C 258 -22.86 -21.08 -7.34
CA TYR C 258 -22.48 -19.64 -7.34
C TYR C 258 -23.27 -18.87 -6.28
N MET C 259 -24.56 -19.19 -6.11
CA MET C 259 -25.51 -18.40 -5.28
C MET C 259 -25.81 -19.09 -3.94
N SER C 260 -25.33 -20.32 -3.72
CA SER C 260 -25.63 -21.13 -2.49
C SER C 260 -24.37 -21.39 -1.66
N ASP C 261 -23.25 -21.73 -2.30
CA ASP C 261 -22.06 -22.33 -1.63
C ASP C 261 -20.98 -21.26 -1.37
N GLN C 262 -20.52 -21.16 -0.10
CA GLN C 262 -19.34 -20.37 0.32
C GLN C 262 -18.72 -21.05 1.54
N PRO C 263 -17.54 -21.69 1.43
CA PRO C 263 -16.73 -21.67 0.20
C PRO C 263 -17.36 -22.49 -0.94
N MET C 264 -17.13 -22.04 -2.19
CA MET C 264 -17.47 -22.80 -3.41
C MET C 264 -16.70 -24.12 -3.40
N HIS C 265 -17.34 -25.21 -3.84
CA HIS C 265 -16.73 -26.55 -4.02
C HIS C 265 -17.14 -27.13 -5.37
N ILE C 266 -16.34 -28.06 -5.91
CA ILE C 266 -16.54 -28.72 -7.23
C ILE C 266 -17.42 -29.97 -7.04
N HIS D 20 -21.22 -15.66 15.87
CA HIS D 20 -22.72 -15.62 15.74
C HIS D 20 -23.33 -14.93 16.96
N MET D 21 -24.67 -14.87 17.03
CA MET D 21 -25.43 -14.32 18.18
C MET D 21 -25.87 -15.47 19.09
N VAL D 22 -25.93 -15.25 20.40
CA VAL D 22 -26.36 -16.27 21.40
C VAL D 22 -27.89 -16.36 21.37
N LYS D 23 -28.41 -17.58 21.20
CA LYS D 23 -29.86 -17.88 21.15
C LYS D 23 -30.19 -18.99 22.16
N LYS D 24 -30.69 -18.61 23.34
CA LYS D 24 -31.09 -19.56 24.41
C LYS D 24 -32.16 -18.94 25.31
N ARG D 25 -33.13 -18.26 24.70
CA ARG D 25 -34.27 -17.60 25.41
C ARG D 25 -35.57 -18.31 25.03
N VAL D 26 -36.26 -18.87 26.02
CA VAL D 26 -37.56 -19.60 25.85
C VAL D 26 -38.68 -18.56 25.84
N LEU D 27 -39.68 -18.76 24.97
CA LEU D 27 -40.94 -17.98 24.94
C LEU D 27 -42.00 -18.74 25.73
N LEU D 28 -42.23 -18.35 26.99
CA LEU D 28 -43.33 -18.88 27.84
C LEU D 28 -44.65 -18.37 27.27
N TRP D 29 -45.49 -19.28 26.76
CA TRP D 29 -46.76 -18.96 26.08
C TRP D 29 -47.94 -19.56 26.85
N ASP D 30 -48.39 -18.89 27.91
CA ASP D 30 -49.53 -19.31 28.77
C ASP D 30 -50.74 -19.58 27.87
N TYR D 31 -51.58 -20.55 28.25
CA TYR D 31 -52.70 -21.08 27.43
C TYR D 31 -53.77 -20.00 27.22
N THR D 32 -53.81 -18.96 28.07
CA THR D 32 -54.73 -17.80 27.96
C THR D 32 -54.43 -17.02 26.68
N ASN D 33 -53.13 -16.92 26.31
CA ASN D 33 -52.67 -16.28 25.05
C ASN D 33 -53.24 -17.05 23.85
N THR D 34 -53.30 -18.38 23.93
CA THR D 34 -53.83 -19.28 22.88
C THR D 34 -55.37 -19.17 22.84
N ARG D 35 -56.01 -19.05 23.99
CA ARG D 35 -57.49 -19.02 24.16
C ARG D 35 -58.06 -17.73 23.56
N ASP D 36 -57.41 -16.58 23.81
CA ASP D 36 -57.96 -15.23 23.53
C ASP D 36 -57.22 -14.56 22.36
N VAL D 37 -55.88 -14.63 22.32
CA VAL D 37 -55.02 -13.73 21.51
C VAL D 37 -53.91 -14.51 20.80
N LYS D 38 -54.27 -15.44 19.90
CA LYS D 38 -53.32 -16.17 19.01
C LYS D 38 -52.50 -15.15 18.23
N TRP D 39 -53.18 -14.15 17.66
CA TRP D 39 -52.61 -13.09 16.76
C TRP D 39 -51.36 -12.46 17.38
N ALA D 40 -51.23 -12.47 18.71
CA ALA D 40 -50.07 -11.93 19.47
C ALA D 40 -48.78 -12.69 19.11
N MET D 41 -48.89 -13.94 18.64
CA MET D 41 -47.74 -14.83 18.31
C MET D 41 -47.05 -14.34 17.03
N ASP D 42 -47.82 -13.91 16.02
CA ASP D 42 -47.29 -13.43 14.72
C ASP D 42 -46.53 -12.11 14.91
N LYS D 43 -46.74 -11.43 16.05
CA LYS D 43 -46.07 -10.15 16.42
C LYS D 43 -44.69 -10.42 17.03
N ILE D 44 -44.40 -11.67 17.44
CA ILE D 44 -43.08 -12.09 18.03
C ILE D 44 -41.98 -11.86 16.99
N ASN D 45 -40.79 -11.46 17.47
CA ASN D 45 -39.54 -11.32 16.67
C ASN D 45 -38.75 -12.62 16.76
N PHE D 46 -38.74 -13.41 15.68
CA PHE D 46 -38.07 -14.74 15.59
C PHE D 46 -36.66 -14.57 15.01
N LYS D 47 -36.25 -13.33 14.71
CA LYS D 47 -34.89 -12.98 14.21
C LYS D 47 -33.96 -12.63 15.39
N GLY D 48 -34.51 -12.61 16.62
CA GLY D 48 -33.77 -12.28 17.85
C GLY D 48 -33.32 -13.53 18.61
N PRO D 49 -32.76 -13.38 19.83
CA PRO D 49 -32.23 -14.52 20.60
C PRO D 49 -33.27 -15.53 21.12
N LEU D 50 -34.54 -15.43 20.71
CA LEU D 50 -35.57 -16.48 20.95
C LEU D 50 -35.16 -17.74 20.21
N HIS D 51 -35.31 -18.91 20.85
CA HIS D 51 -34.68 -20.20 20.48
C HIS D 51 -35.66 -21.36 20.63
N SER D 52 -36.52 -21.33 21.65
CA SER D 52 -37.60 -22.34 21.88
C SER D 52 -38.83 -21.67 22.50
N CYS D 53 -39.89 -22.46 22.75
CA CYS D 53 -41.18 -22.04 23.34
C CYS D 53 -41.79 -23.20 24.14
N SER D 54 -42.38 -22.90 25.31
CA SER D 54 -43.14 -23.87 26.16
C SER D 54 -44.41 -23.19 26.68
N ASN D 55 -45.44 -23.97 27.01
CA ASN D 55 -46.79 -23.46 27.36
C ASN D 55 -47.42 -24.22 28.54
N TRP D 56 -46.62 -24.92 29.35
CA TRP D 56 -47.06 -25.67 30.55
C TRP D 56 -48.06 -26.78 30.20
N ASN D 57 -48.17 -27.18 28.93
CA ASN D 57 -49.20 -28.13 28.45
C ASN D 57 -48.59 -29.14 27.46
N THR D 58 -49.31 -30.23 27.22
CA THR D 58 -48.92 -31.35 26.32
C THR D 58 -49.24 -30.98 24.87
N TRP D 59 -50.36 -30.29 24.65
CA TRP D 59 -50.86 -29.89 23.30
C TRP D 59 -49.99 -28.76 22.73
N TYR D 60 -49.90 -28.68 21.40
CA TYR D 60 -49.04 -27.73 20.64
C TYR D 60 -49.80 -26.43 20.40
N PRO D 61 -49.13 -25.26 20.48
CA PRO D 61 -49.75 -23.98 20.12
C PRO D 61 -49.66 -23.75 18.60
N ASP D 62 -50.74 -24.06 17.86
CA ASP D 62 -50.80 -24.06 16.38
C ASP D 62 -50.34 -22.69 15.83
N GLU D 63 -50.64 -21.61 16.55
CA GLU D 63 -50.30 -20.21 16.14
C GLU D 63 -48.78 -20.04 16.06
N LEU D 64 -47.99 -20.90 16.73
CA LEU D 64 -46.50 -20.89 16.65
C LEU D 64 -46.07 -21.22 15.21
N LYS D 65 -46.73 -22.19 14.57
CA LYS D 65 -46.45 -22.65 13.18
C LYS D 65 -45.00 -23.17 13.08
N HIS D 66 -44.49 -23.79 14.15
CA HIS D 66 -43.13 -24.40 14.23
C HIS D 66 -42.04 -23.39 13.85
N ARG D 67 -42.19 -22.12 14.23
CA ARG D 67 -41.16 -21.07 14.03
C ARG D 67 -40.07 -21.24 15.08
N LEU D 68 -40.37 -21.93 16.18
CA LEU D 68 -39.40 -22.36 17.24
C LEU D 68 -39.70 -23.80 17.64
N PRO D 69 -38.69 -24.59 18.05
CA PRO D 69 -38.94 -25.88 18.69
C PRO D 69 -39.78 -25.70 19.96
N PHE D 70 -40.83 -26.52 20.10
CA PHE D 70 -41.78 -26.50 21.24
C PHE D 70 -41.41 -27.62 22.21
N ARG D 71 -41.38 -27.32 23.51
CA ARG D 71 -41.16 -28.30 24.61
C ARG D 71 -42.49 -28.62 25.27
N PRO D 72 -43.16 -29.74 24.91
CA PRO D 72 -44.37 -30.17 25.62
C PRO D 72 -44.05 -30.46 27.09
N MET D 73 -45.05 -30.35 27.96
CA MET D 73 -44.88 -30.52 29.43
C MET D 73 -45.84 -31.61 29.95
N ILE D 74 -45.31 -32.51 30.79
CA ILE D 74 -46.10 -33.42 31.68
C ILE D 74 -46.29 -32.66 33.00
N HIS D 75 -47.24 -31.72 33.02
CA HIS D 75 -47.40 -30.68 34.08
C HIS D 75 -47.74 -31.31 35.43
N GLY D 76 -48.73 -32.22 35.46
CA GLY D 76 -49.22 -32.87 36.69
C GLY D 76 -49.76 -34.27 36.44
N LYS D 77 -50.30 -34.89 37.48
CA LYS D 77 -50.86 -36.28 37.48
C LYS D 77 -51.93 -36.42 36.39
N ASN D 78 -52.75 -35.37 36.19
CA ASN D 78 -53.87 -35.32 35.22
C ASN D 78 -53.36 -35.44 33.77
N ASN D 79 -52.04 -35.31 33.56
CA ASN D 79 -51.41 -35.30 32.20
C ASN D 79 -50.77 -36.66 31.87
N LEU D 80 -51.03 -37.71 32.68
CA LEU D 80 -50.40 -39.05 32.52
C LEU D 80 -51.36 -40.04 31.87
N THR D 81 -52.54 -39.60 31.41
CA THR D 81 -53.61 -40.47 30.86
C THR D 81 -54.31 -39.81 29.67
N GLY D 82 -54.89 -40.63 28.79
CA GLY D 82 -55.80 -40.23 27.69
C GLY D 82 -55.17 -39.24 26.74
N GLY D 83 -55.98 -38.34 26.17
CA GLY D 83 -55.59 -37.35 25.15
C GLY D 83 -54.39 -36.52 25.56
N GLU D 84 -54.29 -36.18 26.85
CA GLU D 84 -53.13 -35.46 27.44
C GLU D 84 -51.86 -36.27 27.18
N TRP D 85 -51.89 -37.58 27.47
CA TRP D 85 -50.74 -38.49 27.29
C TRP D 85 -50.54 -38.82 25.81
N GLN D 86 -51.63 -38.90 25.04
CA GLN D 86 -51.61 -39.19 23.58
C GLN D 86 -50.82 -38.10 22.85
N ASN D 87 -50.90 -36.85 23.32
CA ASN D 87 -50.16 -35.68 22.78
C ASN D 87 -48.65 -35.87 22.99
N ILE D 88 -48.25 -36.39 24.15
CA ILE D 88 -46.83 -36.57 24.56
C ILE D 88 -46.21 -37.72 23.75
N LEU D 89 -46.95 -38.81 23.53
CA LEU D 89 -46.48 -40.00 22.76
C LEU D 89 -46.24 -39.61 21.30
N LYS D 90 -47.17 -38.86 20.70
CA LYS D 90 -47.29 -38.66 19.23
C LYS D 90 -46.42 -37.48 18.74
N THR D 91 -45.81 -36.72 19.65
CA THR D 91 -45.03 -35.49 19.31
C THR D 91 -43.74 -35.87 18.57
N ASN D 92 -43.32 -35.03 17.62
CA ASN D 92 -42.01 -35.10 16.93
C ASN D 92 -41.03 -34.12 17.58
N GLU D 93 -41.51 -33.29 18.51
CA GLU D 93 -40.70 -32.28 19.26
C GLU D 93 -39.71 -33.04 20.15
N GLU D 94 -38.53 -32.47 20.36
CA GLU D 94 -37.29 -33.20 20.77
C GLU D 94 -37.18 -33.30 22.29
N VAL D 95 -37.56 -32.24 23.03
CA VAL D 95 -37.33 -32.12 24.51
C VAL D 95 -38.69 -32.03 25.22
N ILE D 96 -38.85 -32.77 26.33
CA ILE D 96 -40.12 -32.90 27.10
C ILE D 96 -39.85 -32.59 28.58
N HIS D 97 -40.64 -31.68 29.18
CA HIS D 97 -40.59 -31.31 30.62
C HIS D 97 -41.42 -32.29 31.45
N PHE D 98 -40.95 -32.64 32.65
CA PHE D 98 -41.72 -33.40 33.67
C PHE D 98 -42.48 -32.38 34.55
N PHE D 99 -42.89 -32.76 35.77
CA PHE D 99 -43.90 -32.06 36.59
C PHE D 99 -43.47 -30.61 36.90
N ASN D 100 -44.44 -29.70 36.97
CA ASN D 100 -44.27 -28.29 37.38
C ASN D 100 -44.48 -28.20 38.89
N GLU D 101 -43.48 -27.68 39.62
CA GLU D 101 -43.51 -27.46 41.10
C GLU D 101 -44.33 -28.57 41.76
N PRO D 102 -43.87 -29.84 41.71
CA PRO D 102 -44.63 -30.97 42.26
C PRO D 102 -44.70 -30.98 43.80
N GLU D 103 -43.75 -30.30 44.46
CA GLU D 103 -43.71 -30.14 45.94
C GLU D 103 -44.93 -29.34 46.41
N ARG D 104 -45.55 -28.56 45.51
CA ARG D 104 -46.72 -27.69 45.78
C ARG D 104 -48.01 -28.32 45.21
N ALA D 105 -47.95 -29.58 44.74
CA ALA D 105 -49.08 -30.27 44.07
C ALA D 105 -49.35 -31.65 44.72
N GLY D 106 -48.85 -31.87 45.93
CA GLY D 106 -49.04 -33.12 46.69
C GLY D 106 -48.45 -34.33 45.98
N ILE D 107 -47.38 -34.13 45.20
CA ILE D 107 -46.61 -35.20 44.49
C ILE D 107 -45.30 -35.42 45.24
N SER D 108 -45.16 -36.55 45.94
CA SER D 108 -43.96 -36.93 46.71
C SER D 108 -42.82 -37.22 45.74
N PRO D 109 -41.54 -36.98 46.13
CA PRO D 109 -40.40 -37.35 45.29
C PRO D 109 -40.40 -38.84 44.89
N GLU D 110 -40.97 -39.71 45.73
CA GLU D 110 -41.08 -41.17 45.52
C GLU D 110 -42.10 -41.47 44.40
N GLU D 111 -43.28 -40.81 44.44
CA GLU D 111 -44.39 -41.02 43.48
C GLU D 111 -43.96 -40.58 42.08
N ALA D 112 -43.25 -39.46 41.97
CA ALA D 112 -42.73 -38.88 40.71
C ALA D 112 -41.64 -39.80 40.13
N ALA D 113 -40.77 -40.34 40.99
CA ALA D 113 -39.68 -41.27 40.63
C ALA D 113 -40.27 -42.57 40.05
N LYS D 114 -41.39 -43.04 40.61
CA LYS D 114 -42.13 -44.24 40.13
C LYS D 114 -42.62 -43.98 38.71
N ILE D 115 -43.41 -42.91 38.52
CA ILE D 115 -44.03 -42.51 37.21
C ILE D 115 -42.93 -42.28 36.18
N TRP D 116 -41.80 -41.66 36.59
CA TRP D 116 -40.62 -41.41 35.72
C TRP D 116 -40.07 -42.73 35.19
N ASN D 117 -39.84 -43.70 36.08
CA ASN D 117 -39.41 -45.09 35.72
C ASN D 117 -40.52 -45.78 34.93
N ASP D 118 -41.75 -45.76 35.45
CA ASP D 118 -42.86 -46.65 35.02
C ASP D 118 -43.46 -46.22 33.67
N GLN D 119 -43.26 -44.96 33.22
CA GLN D 119 -43.90 -44.49 31.97
C GLN D 119 -43.11 -43.38 31.24
N VAL D 120 -42.32 -42.55 31.92
CA VAL D 120 -41.72 -41.32 31.30
C VAL D 120 -40.39 -41.65 30.60
N LEU D 121 -39.51 -42.46 31.23
CA LEU D 121 -38.17 -42.82 30.68
C LEU D 121 -38.30 -43.32 29.24
N ALA D 122 -39.32 -44.14 28.96
CA ALA D 122 -39.59 -44.77 27.65
C ALA D 122 -39.48 -43.73 26.52
N LEU D 123 -39.86 -42.48 26.79
CA LEU D 123 -39.80 -41.36 25.81
C LEU D 123 -38.35 -41.15 25.35
N ARG D 124 -37.35 -41.49 26.18
CA ARG D 124 -35.91 -41.41 25.82
C ARG D 124 -35.43 -42.74 25.20
N THR D 125 -35.63 -43.87 25.89
CA THR D 125 -35.12 -45.21 25.48
C THR D 125 -35.77 -45.63 24.15
N SER D 126 -37.08 -45.42 24.02
CA SER D 126 -37.93 -45.98 22.94
C SER D 126 -38.21 -44.93 21.85
N HIS D 127 -38.48 -43.67 22.22
CA HIS D 127 -38.86 -42.57 21.29
C HIS D 127 -37.70 -41.57 21.11
N HIS D 128 -36.61 -41.73 21.88
CA HIS D 128 -35.33 -40.95 21.75
C HIS D 128 -35.59 -39.45 21.88
N LYS D 129 -36.25 -39.07 22.97
CA LYS D 129 -36.43 -37.66 23.43
C LYS D 129 -35.46 -37.41 24.60
N ARG D 130 -35.11 -36.15 24.85
CA ARG D 130 -34.38 -35.70 26.06
C ARG D 130 -35.41 -35.12 27.05
N LEU D 131 -35.20 -35.37 28.35
CA LEU D 131 -36.20 -35.10 29.41
C LEU D 131 -35.62 -34.13 30.44
N VAL D 132 -36.37 -33.06 30.74
CA VAL D 132 -36.05 -32.08 31.81
C VAL D 132 -36.63 -32.63 33.12
N SER D 133 -35.89 -32.52 34.22
CA SER D 133 -36.36 -32.85 35.59
C SER D 133 -37.57 -31.97 35.92
N PRO D 134 -38.44 -32.38 36.87
CA PRO D 134 -39.45 -31.46 37.40
C PRO D 134 -38.82 -30.16 37.88
N SER D 135 -39.38 -29.02 37.47
CA SER D 135 -38.91 -27.66 37.83
C SER D 135 -39.58 -27.21 39.13
N CYS D 136 -38.89 -27.39 40.27
CA CYS D 136 -39.33 -26.96 41.62
C CYS D 136 -38.89 -25.51 41.87
N ALA D 137 -39.54 -24.84 42.83
CA ALA D 137 -39.24 -23.44 43.23
C ALA D 137 -37.88 -23.37 43.93
N SER D 138 -37.36 -22.17 44.15
CA SER D 138 -36.01 -21.89 44.72
C SER D 138 -36.07 -21.80 46.25
N ASP D 139 -37.13 -22.32 46.88
CA ASP D 139 -37.33 -22.33 48.35
C ASP D 139 -36.80 -23.64 48.93
N PRO D 140 -36.50 -23.71 50.24
CA PRO D 140 -36.02 -24.94 50.87
C PRO D 140 -36.82 -26.21 50.53
N ALA D 141 -38.16 -26.11 50.53
CA ALA D 141 -39.09 -27.21 50.15
C ALA D 141 -38.78 -27.66 48.72
N GLY D 142 -38.49 -26.73 47.82
CA GLY D 142 -38.15 -26.97 46.41
C GLY D 142 -36.78 -27.61 46.25
N ILE D 143 -35.73 -26.97 46.78
CA ILE D 143 -34.32 -27.47 46.74
C ILE D 143 -34.29 -28.90 47.29
N ALA D 144 -35.05 -29.16 48.35
CA ALA D 144 -35.11 -30.45 49.08
C ALA D 144 -35.78 -31.53 48.22
N TRP D 145 -36.81 -31.16 47.45
CA TRP D 145 -37.61 -32.10 46.61
C TRP D 145 -36.74 -32.62 45.45
N ILE D 146 -36.13 -31.71 44.69
CA ILE D 146 -35.30 -32.05 43.49
C ILE D 146 -34.06 -32.82 43.94
N LYS D 147 -33.46 -32.46 45.08
CA LYS D 147 -32.27 -33.14 45.67
C LYS D 147 -32.60 -34.63 45.88
N LYS D 148 -33.80 -34.93 46.37
CA LYS D 148 -34.25 -36.31 46.71
C LYS D 148 -34.66 -37.06 45.44
N TRP D 149 -35.33 -36.39 44.50
CA TRP D 149 -35.80 -36.99 43.22
C TRP D 149 -34.59 -37.34 42.34
N MET D 150 -33.61 -36.43 42.23
CA MET D 150 -32.36 -36.62 41.44
C MET D 150 -31.53 -37.76 42.05
N ASN D 151 -31.79 -38.12 43.31
CA ASN D 151 -31.14 -39.24 44.04
C ASN D 151 -31.83 -40.56 43.70
N LEU D 152 -33.17 -40.58 43.69
CA LEU D 152 -34.00 -41.80 43.49
C LEU D 152 -33.95 -42.25 42.01
N VAL D 153 -33.65 -41.34 41.08
CA VAL D 153 -33.50 -41.67 39.62
C VAL D 153 -32.04 -41.43 39.20
N ALA D 154 -31.08 -41.52 40.12
CA ALA D 154 -29.63 -41.34 39.87
C ALA D 154 -29.15 -42.34 38.81
N LYS D 155 -29.72 -43.55 38.79
CA LYS D 155 -29.39 -44.64 37.84
C LYS D 155 -29.88 -44.24 36.43
N ASN D 156 -31.04 -43.58 36.34
CA ASN D 156 -31.67 -43.12 35.07
C ASN D 156 -31.91 -41.61 35.15
N PRO D 157 -30.83 -40.78 35.14
CA PRO D 157 -30.97 -39.35 35.40
C PRO D 157 -31.63 -38.60 34.24
N PRO D 158 -32.11 -37.36 34.47
CA PRO D 158 -32.61 -36.50 33.38
C PRO D 158 -31.45 -35.91 32.57
N ASP D 159 -31.75 -35.38 31.37
CA ASP D 159 -30.77 -34.76 30.45
C ASP D 159 -30.59 -33.27 30.82
N TYR D 160 -31.55 -32.70 31.55
CA TYR D 160 -31.54 -31.27 31.96
C TYR D 160 -32.14 -31.13 33.37
N LEU D 161 -31.48 -30.37 34.24
CA LEU D 161 -32.02 -29.96 35.57
C LEU D 161 -32.93 -28.74 35.36
N GLY D 162 -34.21 -28.86 35.72
CA GLY D 162 -35.21 -27.79 35.62
C GLY D 162 -35.21 -26.93 36.87
N LEU D 163 -35.05 -25.60 36.72
CA LEU D 163 -35.00 -24.62 37.83
C LEU D 163 -36.00 -23.47 37.55
N HIS D 164 -36.86 -23.18 38.53
CA HIS D 164 -37.59 -21.89 38.64
C HIS D 164 -36.84 -20.99 39.64
N TRP D 165 -36.81 -19.67 39.40
CA TRP D 165 -36.31 -18.67 40.37
C TRP D 165 -37.11 -17.37 40.23
N TYR D 166 -37.64 -16.86 41.35
CA TYR D 166 -38.33 -15.55 41.46
C TYR D 166 -37.73 -14.78 42.66
N GLY D 167 -37.38 -13.50 42.45
CA GLY D 167 -36.82 -12.61 43.49
C GLY D 167 -36.44 -11.25 42.94
N THR D 168 -35.81 -10.42 43.77
CA THR D 168 -35.53 -8.98 43.49
C THR D 168 -34.02 -8.72 43.31
N LYS D 169 -33.16 -9.54 43.95
CA LYS D 169 -31.68 -9.43 43.83
C LYS D 169 -31.21 -10.40 42.73
N GLY D 170 -30.58 -9.86 41.69
CA GLY D 170 -30.04 -10.63 40.56
C GLY D 170 -28.82 -11.45 40.95
N ASP D 171 -27.96 -10.89 41.79
CA ASP D 171 -26.78 -11.57 42.38
C ASP D 171 -27.26 -12.78 43.18
N GLU D 172 -28.49 -12.74 43.71
CA GLU D 172 -29.15 -13.84 44.46
C GLU D 172 -29.40 -15.03 43.52
N MET D 173 -29.97 -14.79 42.33
CA MET D 173 -30.33 -15.84 41.35
C MET D 173 -29.05 -16.48 40.79
N ILE D 174 -28.05 -15.66 40.44
CA ILE D 174 -26.70 -16.13 39.98
C ILE D 174 -26.17 -17.13 41.02
N ARG D 175 -26.10 -16.72 42.28
CA ARG D 175 -25.58 -17.54 43.42
C ARG D 175 -26.36 -18.86 43.53
N TYR D 176 -27.67 -18.85 43.23
CA TYR D 176 -28.56 -20.05 43.27
C TYR D 176 -28.20 -21.00 42.13
N LEU D 177 -28.00 -20.47 40.91
CA LEU D 177 -27.67 -21.27 39.70
C LEU D 177 -26.29 -21.92 39.87
N GLU D 178 -25.29 -21.14 40.30
CA GLU D 178 -23.91 -21.63 40.58
C GLU D 178 -23.97 -22.71 41.66
N SER D 179 -24.83 -22.51 42.68
CA SER D 179 -25.04 -23.41 43.83
C SER D 179 -25.72 -24.72 43.36
N MET D 180 -26.75 -24.62 42.52
CA MET D 180 -27.52 -25.79 42.01
C MET D 180 -26.72 -26.53 40.93
N HIS D 181 -25.78 -25.85 40.26
CA HIS D 181 -24.85 -26.46 39.27
C HIS D 181 -23.83 -27.33 40.02
N LYS D 182 -23.19 -26.78 41.06
CA LYS D 182 -22.21 -27.48 41.92
C LYS D 182 -22.88 -28.70 42.56
N GLU D 183 -24.14 -28.56 42.99
CA GLU D 183 -24.92 -29.61 43.71
C GLU D 183 -25.33 -30.72 42.73
N HIS D 184 -25.66 -30.37 41.48
CA HIS D 184 -26.10 -31.30 40.41
C HIS D 184 -25.27 -31.05 39.15
N PRO D 185 -24.01 -31.55 39.09
CA PRO D 185 -23.06 -31.13 38.06
C PRO D 185 -22.95 -32.01 36.81
N HIS D 186 -23.85 -32.98 36.64
CA HIS D 186 -23.74 -34.07 35.63
C HIS D 186 -24.50 -33.73 34.33
N GLN D 187 -25.37 -32.71 34.34
CA GLN D 187 -26.17 -32.31 33.15
C GLN D 187 -26.37 -30.79 33.15
N PRO D 188 -26.71 -30.18 32.00
CA PRO D 188 -26.94 -28.73 31.91
C PRO D 188 -28.23 -28.29 32.62
N ILE D 189 -28.38 -26.97 32.85
CA ILE D 189 -29.53 -26.36 33.58
C ILE D 189 -30.44 -25.67 32.56
N ILE D 190 -31.76 -25.86 32.72
CA ILE D 190 -32.84 -25.10 32.00
C ILE D 190 -33.63 -24.32 33.06
N VAL D 191 -33.61 -22.99 32.98
CA VAL D 191 -34.42 -22.08 33.84
C VAL D 191 -35.82 -21.95 33.19
N SER D 192 -36.73 -22.87 33.49
CA SER D 192 -38.05 -23.01 32.82
C SER D 192 -39.00 -21.89 33.25
N GLU D 193 -38.70 -21.17 34.34
CA GLU D 193 -39.40 -19.93 34.77
C GLU D 193 -38.42 -19.03 35.54
N TRP D 194 -38.48 -17.72 35.32
CA TRP D 194 -37.79 -16.70 36.17
C TRP D 194 -38.32 -15.30 35.86
N ALA D 195 -38.27 -14.40 36.85
CA ALA D 195 -38.67 -12.98 36.75
C ALA D 195 -38.22 -12.23 38.00
N SER D 196 -38.00 -10.91 37.87
CA SER D 196 -37.91 -9.97 39.01
C SER D 196 -39.31 -9.78 39.60
N THR D 197 -39.44 -9.87 40.93
CA THR D 197 -40.70 -9.65 41.68
C THR D 197 -40.74 -8.23 42.22
N SER D 198 -39.73 -7.41 41.91
CA SER D 198 -39.63 -5.98 42.29
C SER D 198 -40.81 -5.21 41.67
N ARG D 199 -41.49 -4.38 42.47
CA ARG D 199 -42.59 -3.49 42.02
C ARG D 199 -41.99 -2.19 41.45
N SER D 200 -40.66 -2.04 41.53
CA SER D 200 -39.86 -0.95 40.90
C SER D 200 -39.36 -1.42 39.53
N TYR D 201 -39.79 -0.78 38.44
CA TYR D 201 -39.46 -1.21 37.05
C TYR D 201 -37.96 -1.17 36.81
N PRO D 202 -37.23 -0.09 37.21
CA PRO D 202 -35.78 -0.04 37.02
C PRO D 202 -35.05 -1.26 37.62
N ASP D 203 -35.58 -1.81 38.73
CA ASP D 203 -35.05 -3.01 39.42
C ASP D 203 -35.46 -4.28 38.67
N VAL D 204 -36.61 -4.25 37.98
CA VAL D 204 -37.08 -5.37 37.10
C VAL D 204 -36.17 -5.43 35.85
N LEU D 205 -36.02 -4.28 35.17
CA LEU D 205 -35.16 -4.13 33.96
C LEU D 205 -33.72 -4.47 34.32
N GLY D 206 -33.22 -3.93 35.44
CA GLY D 206 -31.86 -4.16 35.95
C GLY D 206 -31.55 -5.65 36.12
N LEU D 207 -32.42 -6.38 36.83
CA LEU D 207 -32.27 -7.84 37.09
C LEU D 207 -32.28 -8.60 35.77
N THR D 208 -33.30 -8.35 34.94
CA THR D 208 -33.58 -9.09 33.67
C THR D 208 -32.39 -8.96 32.72
N VAL D 209 -31.86 -7.74 32.56
CA VAL D 209 -30.70 -7.41 31.66
C VAL D 209 -29.45 -8.13 32.17
N GLN D 210 -29.15 -8.01 33.47
CA GLN D 210 -27.94 -8.56 34.12
C GLN D 210 -27.85 -10.08 33.85
N LEU D 211 -28.98 -10.79 33.97
CA LEU D 211 -29.01 -12.27 34.04
C LEU D 211 -29.21 -12.89 32.65
N ALA D 212 -29.93 -12.22 31.75
CA ALA D 212 -29.97 -12.58 30.32
C ALA D 212 -28.54 -12.65 29.79
N ASN D 213 -27.76 -11.58 30.03
CA ASN D 213 -26.35 -11.43 29.60
C ASN D 213 -25.45 -12.46 30.29
N TRP D 214 -25.61 -12.65 31.61
CA TRP D 214 -24.81 -13.60 32.42
C TRP D 214 -25.05 -15.02 31.92
N MET D 215 -26.32 -15.44 31.85
CA MET D 215 -26.74 -16.81 31.42
C MET D 215 -26.40 -17.01 29.93
N ASP D 216 -26.39 -15.93 29.13
CA ASP D 216 -26.00 -15.96 27.70
C ASP D 216 -24.53 -16.41 27.57
N SER D 217 -23.65 -15.88 28.42
CA SER D 217 -22.19 -16.16 28.40
C SER D 217 -21.81 -17.28 29.38
N THR D 218 -22.79 -17.92 30.01
CA THR D 218 -22.62 -19.10 30.91
C THR D 218 -22.92 -20.38 30.12
N PRO D 219 -21.89 -21.16 29.70
CA PRO D 219 -22.10 -22.28 28.80
C PRO D 219 -22.99 -23.41 29.37
N TRP D 220 -23.03 -23.58 30.70
CA TRP D 220 -23.74 -24.73 31.35
C TRP D 220 -25.21 -24.42 31.61
N VAL D 221 -25.70 -23.23 31.21
CA VAL D 221 -27.15 -22.90 31.13
C VAL D 221 -27.62 -23.13 29.69
N ALA D 222 -28.46 -24.14 29.46
CA ALA D 222 -28.95 -24.56 28.13
C ALA D 222 -29.89 -23.48 27.56
N GLU D 223 -30.98 -23.18 28.27
CA GLU D 223 -31.96 -22.11 27.93
C GLU D 223 -32.60 -21.57 29.21
N TYR D 224 -33.21 -20.39 29.14
CA TYR D 224 -33.94 -19.74 30.26
C TYR D 224 -35.23 -19.09 29.73
N ALA D 225 -36.27 -19.07 30.57
CA ALA D 225 -37.67 -18.73 30.22
C ALA D 225 -38.19 -17.62 31.14
N LEU D 226 -38.30 -16.38 30.64
CA LEU D 226 -38.77 -15.19 31.40
C LEU D 226 -40.29 -15.20 31.49
N PHE D 227 -40.84 -15.19 32.70
CA PHE D 227 -42.31 -15.21 32.98
C PHE D 227 -42.88 -13.81 32.76
N GLY D 228 -44.18 -13.72 32.43
CA GLY D 228 -44.94 -12.46 32.37
C GLY D 228 -45.78 -12.29 31.12
N CYS D 229 -45.56 -13.11 30.07
CA CYS D 229 -46.23 -12.96 28.75
C CYS D 229 -47.65 -13.55 28.83
N MET D 230 -48.56 -12.81 29.46
CA MET D 230 -50.02 -13.12 29.55
C MET D 230 -50.75 -11.83 29.92
N ARG D 231 -52.04 -11.72 29.57
CA ARG D 231 -52.85 -10.47 29.67
C ARG D 231 -53.03 -10.08 31.15
N GLN D 232 -53.31 -11.04 32.03
CA GLN D 232 -53.62 -10.81 33.47
C GLN D 232 -52.39 -11.14 34.32
N MET D 233 -52.40 -10.72 35.59
CA MET D 233 -51.47 -11.22 36.64
C MET D 233 -51.87 -12.66 36.97
N ALA D 234 -50.92 -13.59 36.96
CA ALA D 234 -51.14 -15.02 37.31
C ALA D 234 -51.56 -15.12 38.78
N ASP D 235 -50.98 -14.29 39.64
CA ASP D 235 -51.24 -14.26 41.11
C ASP D 235 -50.76 -12.92 41.67
N ASP D 236 -50.74 -12.77 43.00
CA ASP D 236 -50.30 -11.55 43.72
C ASP D 236 -48.78 -11.57 43.92
N PHE D 237 -48.16 -12.76 43.88
CA PHE D 237 -46.71 -13.00 44.10
C PHE D 237 -45.89 -12.31 43.00
N VAL D 238 -46.28 -12.45 41.73
CA VAL D 238 -45.56 -11.87 40.56
C VAL D 238 -45.85 -10.36 40.48
N SER D 239 -44.95 -9.62 39.83
CA SER D 239 -44.91 -8.14 39.77
C SER D 239 -45.57 -7.63 38.48
N PRO D 240 -46.61 -6.78 38.57
CA PRO D 240 -47.11 -6.02 37.43
C PRO D 240 -46.06 -5.41 36.49
N GLU D 241 -44.97 -4.88 37.04
CA GLU D 241 -43.91 -4.13 36.29
C GLU D 241 -43.03 -5.12 35.52
N ALA D 242 -43.16 -6.42 35.78
CA ALA D 242 -42.42 -7.50 35.08
C ALA D 242 -43.33 -8.22 34.07
N GLN D 243 -44.50 -7.65 33.76
CA GLN D 243 -45.42 -8.17 32.72
C GLN D 243 -44.76 -7.94 31.35
N LEU D 244 -44.80 -8.97 30.49
CA LEU D 244 -44.23 -8.96 29.12
C LEU D 244 -45.33 -8.58 28.11
N MET D 245 -46.60 -8.80 28.47
CA MET D 245 -47.78 -8.47 27.64
C MET D 245 -48.69 -7.52 28.42
N ASN D 246 -49.19 -6.47 27.75
CA ASN D 246 -50.21 -5.52 28.29
C ASN D 246 -51.58 -6.23 28.27
N LYS D 247 -52.63 -5.57 28.77
CA LYS D 247 -53.99 -6.17 28.93
C LYS D 247 -54.70 -6.26 27.58
N ASP D 248 -54.31 -5.43 26.60
CA ASP D 248 -54.90 -5.43 25.23
C ASP D 248 -54.30 -6.57 24.40
N GLY D 249 -53.08 -7.01 24.74
CA GLY D 249 -52.37 -8.12 24.07
C GLY D 249 -51.05 -7.68 23.45
N SER D 250 -50.84 -6.36 23.34
CA SER D 250 -49.56 -5.74 22.88
C SER D 250 -48.43 -6.11 23.85
N PHE D 251 -47.18 -6.02 23.41
CA PHE D 251 -45.97 -6.44 24.16
C PHE D 251 -45.36 -5.23 24.88
N THR D 252 -44.94 -5.44 26.13
CA THR D 252 -44.26 -4.43 26.98
C THR D 252 -42.83 -4.24 26.45
N ASP D 253 -42.19 -3.12 26.79
CA ASP D 253 -40.82 -2.78 26.34
C ASP D 253 -39.84 -3.85 26.82
N LEU D 254 -40.08 -4.43 28.00
CA LEU D 254 -39.25 -5.52 28.58
C LEU D 254 -39.30 -6.74 27.66
N MET D 255 -40.49 -7.08 27.14
CA MET D 255 -40.70 -8.23 26.22
C MET D 255 -39.98 -7.97 24.90
N TRP D 256 -40.02 -6.74 24.38
CA TRP D 256 -39.26 -6.32 23.18
C TRP D 256 -37.78 -6.63 23.41
N LYS D 257 -37.23 -6.09 24.50
CA LYS D 257 -35.79 -6.18 24.87
C LYS D 257 -35.42 -7.66 25.09
N TYR D 258 -36.28 -8.43 25.76
CA TYR D 258 -36.10 -9.89 26.01
C TYR D 258 -35.93 -10.63 24.68
N MET D 259 -36.74 -10.29 23.67
CA MET D 259 -36.88 -11.10 22.43
C MET D 259 -36.12 -10.47 21.25
N SER D 260 -35.43 -9.33 21.45
CA SER D 260 -34.78 -8.57 20.35
C SER D 260 -33.28 -8.32 20.61
N ASP D 261 -32.86 -8.13 21.86
CA ASP D 261 -31.54 -7.54 22.21
C ASP D 261 -30.61 -8.60 22.81
N GLN D 262 -29.40 -8.71 22.27
CA GLN D 262 -28.31 -9.62 22.72
C GLN D 262 -26.96 -8.99 22.33
N PRO D 263 -26.20 -8.38 23.27
CA PRO D 263 -26.56 -8.30 24.68
C PRO D 263 -27.84 -7.49 24.95
N MET D 264 -28.57 -7.84 26.02
CA MET D 264 -29.65 -7.00 26.61
C MET D 264 -29.00 -5.75 27.21
N HIS D 265 -29.66 -4.59 27.06
CA HIS D 265 -29.24 -3.29 27.64
C HIS D 265 -30.42 -2.70 28.43
N ILE D 266 -30.13 -1.86 29.43
CA ILE D 266 -31.15 -1.14 30.24
C ILE D 266 -31.56 0.14 29.49
N HIS E 20 18.04 -2.18 -1.63
CA HIS E 20 19.48 -1.81 -1.75
C HIS E 20 19.86 -0.83 -0.62
N MET E 21 20.91 -1.13 0.14
CA MET E 21 21.33 -0.29 1.30
C MET E 21 22.07 0.94 0.78
N VAL E 22 21.72 2.12 1.32
CA VAL E 22 22.31 3.44 0.95
C VAL E 22 23.56 3.66 1.81
N LYS E 23 24.72 3.87 1.19
CA LYS E 23 26.04 3.97 1.86
C LYS E 23 26.69 5.31 1.49
N LYS E 24 26.42 6.36 2.27
CA LYS E 24 27.05 7.70 2.11
C LYS E 24 27.31 8.32 3.49
N ARG E 25 27.57 7.48 4.51
CA ARG E 25 27.88 7.92 5.90
C ARG E 25 29.40 7.87 6.09
N VAL E 26 30.02 9.01 6.40
CA VAL E 26 31.48 9.16 6.65
C VAL E 26 31.75 8.84 8.13
N LEU E 27 32.85 8.14 8.41
CA LEU E 27 33.37 7.91 9.79
C LEU E 27 34.44 8.97 10.10
N LEU E 28 34.09 9.99 10.89
CA LEU E 28 35.05 11.02 11.39
C LEU E 28 35.89 10.39 12.51
N TRP E 29 37.21 10.39 12.33
CA TRP E 29 38.18 9.73 13.25
C TRP E 29 39.20 10.76 13.75
N ASP E 30 38.82 11.56 14.75
CA ASP E 30 39.70 12.55 15.41
C ASP E 30 41.01 11.86 15.81
N TYR E 31 42.15 12.51 15.59
CA TYR E 31 43.51 11.92 15.74
C TYR E 31 43.73 11.41 17.17
N THR E 32 43.01 11.96 18.16
CA THR E 32 43.07 11.53 19.59
C THR E 32 42.64 10.06 19.69
N ASN E 33 41.73 9.61 18.81
CA ASN E 33 41.31 8.19 18.69
C ASN E 33 42.50 7.33 18.25
N THR E 34 43.26 7.79 17.24
CA THR E 34 44.47 7.10 16.73
C THR E 34 45.56 7.10 17.80
N ARG E 35 45.69 8.22 18.53
CA ARG E 35 46.75 8.43 19.57
C ARG E 35 46.51 7.49 20.77
N ASP E 36 45.26 7.34 21.20
CA ASP E 36 44.90 6.71 22.51
C ASP E 36 44.23 5.34 22.31
N VAL E 37 43.29 5.21 21.37
CA VAL E 37 42.37 4.04 21.27
C VAL E 37 42.26 3.55 19.82
N LYS E 38 43.38 3.15 19.20
CA LYS E 38 43.39 2.46 17.88
C LYS E 38 42.30 1.38 17.87
N TRP E 39 42.33 0.54 18.91
CA TRP E 39 41.53 -0.71 19.07
C TRP E 39 40.05 -0.46 18.80
N ALA E 40 39.56 0.77 19.01
CA ALA E 40 38.17 1.20 18.77
C ALA E 40 37.75 0.94 17.31
N MET E 41 38.68 1.12 16.36
CA MET E 41 38.41 1.01 14.90
C MET E 41 37.92 -0.40 14.55
N ASP E 42 38.46 -1.44 15.21
CA ASP E 42 38.13 -2.86 14.93
C ASP E 42 36.77 -3.22 15.53
N LYS E 43 36.17 -2.31 16.31
CA LYS E 43 34.81 -2.46 16.91
C LYS E 43 33.74 -1.87 15.97
N ILE E 44 34.17 -1.09 14.97
CA ILE E 44 33.29 -0.45 13.93
C ILE E 44 32.53 -1.55 13.17
N ASN E 45 31.29 -1.25 12.77
CA ASN E 45 30.43 -2.12 11.92
C ASN E 45 30.55 -1.64 10.46
N PHE E 46 31.35 -2.35 9.65
CA PHE E 46 31.69 -2.00 8.25
C PHE E 46 30.67 -2.60 7.28
N LYS E 47 29.81 -3.50 7.76
CA LYS E 47 28.75 -4.18 6.96
C LYS E 47 27.56 -3.23 6.76
N GLY E 48 27.46 -2.19 7.60
CA GLY E 48 26.36 -1.20 7.60
C GLY E 48 26.63 -0.05 6.63
N PRO E 49 25.86 1.06 6.74
CA PRO E 49 25.91 2.14 5.75
C PRO E 49 27.13 3.08 5.79
N LEU E 50 28.21 2.73 6.52
CA LEU E 50 29.51 3.46 6.45
C LEU E 50 30.13 3.18 5.07
N HIS E 51 30.70 4.22 4.43
CA HIS E 51 31.22 4.14 3.03
C HIS E 51 32.55 4.89 2.86
N SER E 52 33.03 5.62 3.88
CA SER E 52 34.32 6.38 3.82
C SER E 52 34.76 6.81 5.22
N CYS E 53 35.90 7.51 5.32
CA CYS E 53 36.54 7.95 6.58
C CYS E 53 37.47 9.15 6.32
N SER E 54 37.55 10.09 7.28
CA SER E 54 38.49 11.23 7.28
C SER E 54 38.89 11.55 8.72
N ASN E 55 40.03 12.23 8.93
CA ASN E 55 40.63 12.46 10.27
C ASN E 55 41.22 13.87 10.42
N TRP E 56 40.87 14.81 9.53
CA TRP E 56 41.28 16.24 9.57
C TRP E 56 42.79 16.42 9.31
N ASN E 57 43.50 15.38 8.88
CA ASN E 57 44.98 15.43 8.66
C ASN E 57 45.33 14.80 7.30
N THR E 58 46.56 15.05 6.84
CA THR E 58 47.13 14.56 5.56
C THR E 58 47.44 13.07 5.67
N TRP E 59 47.88 12.62 6.85
CA TRP E 59 48.32 11.22 7.12
C TRP E 59 47.10 10.31 7.27
N TYR E 60 47.33 8.99 7.20
CA TYR E 60 46.31 7.91 7.11
C TYR E 60 46.26 7.16 8.43
N PRO E 61 45.06 6.88 8.99
CA PRO E 61 44.95 6.12 10.24
C PRO E 61 45.12 4.62 10.00
N ASP E 62 46.33 4.10 10.26
CA ASP E 62 46.76 2.71 9.95
C ASP E 62 45.70 1.70 10.40
N GLU E 63 45.15 1.88 11.60
CA GLU E 63 44.16 0.97 12.23
C GLU E 63 42.94 0.76 11.33
N LEU E 64 42.70 1.69 10.39
CA LEU E 64 41.61 1.58 9.36
C LEU E 64 41.81 0.29 8.54
N LYS E 65 43.06 -0.05 8.21
CA LYS E 65 43.47 -1.24 7.41
C LYS E 65 42.77 -1.22 6.05
N HIS E 66 42.53 -0.04 5.48
CA HIS E 66 41.94 0.17 4.13
C HIS E 66 40.54 -0.45 4.05
N ARG E 67 39.80 -0.52 5.17
CA ARG E 67 38.46 -1.15 5.25
C ARG E 67 37.39 -0.20 4.69
N LEU E 68 37.66 1.10 4.71
CA LEU E 68 36.83 2.14 4.06
C LEU E 68 37.73 3.10 3.29
N PRO E 69 37.26 3.69 2.17
CA PRO E 69 37.99 4.77 1.51
C PRO E 69 38.30 5.90 2.50
N PHE E 70 39.55 6.37 2.51
CA PHE E 70 40.02 7.49 3.36
C PHE E 70 40.15 8.77 2.51
N ARG E 71 39.72 9.91 3.04
CA ARG E 71 39.90 11.25 2.43
C ARG E 71 40.94 12.03 3.23
N PRO E 72 42.20 12.13 2.75
CA PRO E 72 43.16 13.08 3.29
C PRO E 72 42.59 14.52 3.28
N MET E 73 42.98 15.35 4.25
CA MET E 73 42.60 16.77 4.32
C MET E 73 43.85 17.65 4.32
N ILE E 74 43.82 18.73 3.53
CA ILE E 74 44.74 19.89 3.64
C ILE E 74 44.07 20.89 4.60
N HIS E 75 44.26 20.68 5.90
CA HIS E 75 43.49 21.33 7.00
C HIS E 75 43.78 22.84 7.04
N GLY E 76 45.05 23.24 6.91
CA GLY E 76 45.48 24.65 6.96
C GLY E 76 46.79 24.88 6.21
N LYS E 77 47.33 26.09 6.30
CA LYS E 77 48.58 26.54 5.63
C LYS E 77 49.76 25.66 6.09
N ASN E 78 49.70 25.15 7.32
CA ASN E 78 50.73 24.28 7.95
C ASN E 78 50.86 22.94 7.19
N ASN E 79 49.89 22.58 6.35
CA ASN E 79 49.82 21.27 5.64
C ASN E 79 50.26 21.40 4.18
N LEU E 80 50.85 22.53 3.78
CA LEU E 80 51.17 22.84 2.36
C LEU E 80 52.63 22.50 2.02
N THR E 81 53.49 22.30 3.03
CA THR E 81 54.95 22.06 2.85
C THR E 81 55.42 20.84 3.65
N GLY E 82 56.61 20.33 3.30
CA GLY E 82 57.30 19.25 4.02
C GLY E 82 56.54 17.93 3.97
N GLY E 83 56.66 17.12 5.03
CA GLY E 83 56.07 15.78 5.15
C GLY E 83 54.55 15.79 5.02
N GLU E 84 53.90 16.87 5.49
CA GLU E 84 52.42 17.05 5.40
C GLU E 84 52.01 17.04 3.92
N TRP E 85 52.71 17.80 3.06
CA TRP E 85 52.44 17.87 1.60
C TRP E 85 52.85 16.56 0.93
N GLN E 86 53.89 15.90 1.44
CA GLN E 86 54.42 14.62 0.90
C GLN E 86 53.38 13.51 1.07
N ASN E 87 52.66 13.51 2.21
CA ASN E 87 51.55 12.57 2.50
C ASN E 87 50.45 12.72 1.44
N ILE E 88 50.19 13.96 1.02
CA ILE E 88 49.15 14.32 0.00
C ILE E 88 49.67 13.99 -1.40
N LEU E 89 50.94 14.29 -1.68
CA LEU E 89 51.55 14.07 -3.03
C LEU E 89 51.59 12.57 -3.37
N LYS E 90 51.71 11.69 -2.37
CA LYS E 90 51.98 10.23 -2.56
C LYS E 90 50.70 9.40 -2.43
N THR E 91 49.62 9.95 -1.86
CA THR E 91 48.40 9.19 -1.47
C THR E 91 47.84 8.41 -2.67
N ASN E 92 47.35 7.19 -2.42
CA ASN E 92 46.60 6.34 -3.39
C ASN E 92 45.11 6.70 -3.34
N GLU E 93 44.68 7.42 -2.31
CA GLU E 93 43.25 7.74 -2.04
C GLU E 93 42.78 8.77 -3.07
N GLU E 94 41.48 8.79 -3.36
CA GLU E 94 40.91 9.34 -4.62
C GLU E 94 40.24 10.71 -4.37
N VAL E 95 39.74 10.98 -3.16
CA VAL E 95 39.06 12.26 -2.79
C VAL E 95 39.87 12.96 -1.70
N ILE E 96 40.17 14.25 -1.88
CA ILE E 96 41.02 15.07 -0.96
C ILE E 96 40.26 16.36 -0.60
N HIS E 97 40.13 16.64 0.70
CA HIS E 97 39.51 17.87 1.27
C HIS E 97 40.54 19.01 1.30
N PHE E 98 40.09 20.24 1.07
CA PHE E 98 40.89 21.49 1.24
C PHE E 98 40.60 22.03 2.65
N PHE E 99 40.85 23.33 2.89
CA PHE E 99 40.94 23.96 4.23
C PHE E 99 39.67 23.72 5.05
N ASN E 100 39.85 23.38 6.34
CA ASN E 100 38.78 23.29 7.36
C ASN E 100 38.51 24.68 7.93
N GLU E 101 37.27 25.18 7.79
CA GLU E 101 36.80 26.49 8.31
C GLU E 101 37.92 27.53 8.15
N PRO E 102 38.31 27.87 6.90
CA PRO E 102 39.35 28.86 6.66
C PRO E 102 39.01 30.29 7.12
N GLU E 103 37.71 30.62 7.19
CA GLU E 103 37.21 31.97 7.57
C GLU E 103 37.50 32.24 9.05
N ARG E 104 37.71 31.19 9.85
CA ARG E 104 37.99 31.28 11.32
C ARG E 104 39.48 31.03 11.60
N ALA E 105 40.31 30.93 10.56
CA ALA E 105 41.77 30.69 10.65
C ALA E 105 42.55 31.83 9.99
N GLY E 106 41.88 32.96 9.72
CA GLY E 106 42.47 34.15 9.07
C GLY E 106 43.06 33.83 7.70
N ILE E 107 42.38 32.98 6.93
CA ILE E 107 42.72 32.63 5.52
C ILE E 107 41.65 33.24 4.61
N SER E 108 42.02 34.21 3.77
CA SER E 108 41.11 34.91 2.84
C SER E 108 40.81 34.03 1.63
N PRO E 109 39.65 34.20 0.96
CA PRO E 109 39.35 33.47 -0.28
C PRO E 109 40.40 33.70 -1.37
N GLU E 110 40.87 34.94 -1.50
CA GLU E 110 41.91 35.38 -2.47
C GLU E 110 43.18 34.55 -2.27
N GLU E 111 43.56 34.31 -1.01
CA GLU E 111 44.80 33.58 -0.63
C GLU E 111 44.61 32.08 -0.85
N ALA E 112 43.39 31.57 -0.67
CA ALA E 112 43.02 30.14 -0.84
C ALA E 112 42.88 29.82 -2.34
N ALA E 113 42.32 30.75 -3.12
CA ALA E 113 42.20 30.66 -4.60
C ALA E 113 43.61 30.63 -5.22
N LYS E 114 44.54 31.39 -4.64
CA LYS E 114 45.97 31.47 -5.09
C LYS E 114 46.66 30.13 -4.81
N ILE E 115 46.56 29.65 -3.56
CA ILE E 115 47.10 28.32 -3.11
C ILE E 115 46.52 27.21 -4.00
N TRP E 116 45.22 27.29 -4.32
CA TRP E 116 44.46 26.28 -5.09
C TRP E 116 44.98 26.22 -6.53
N ASN E 117 45.07 27.37 -7.21
CA ASN E 117 45.59 27.49 -8.60
C ASN E 117 47.05 27.01 -8.65
N ASP E 118 47.85 27.34 -7.63
CA ASP E 118 49.34 27.31 -7.69
C ASP E 118 49.91 25.98 -7.15
N GLN E 119 49.11 25.12 -6.51
CA GLN E 119 49.63 23.79 -6.05
C GLN E 119 48.52 22.74 -5.90
N VAL E 120 47.37 23.06 -5.30
CA VAL E 120 46.30 22.07 -5.01
C VAL E 120 45.77 21.50 -6.33
N LEU E 121 45.51 22.35 -7.32
CA LEU E 121 44.81 21.99 -8.59
C LEU E 121 45.59 20.88 -9.31
N ALA E 122 46.93 20.90 -9.22
CA ALA E 122 47.85 19.89 -9.81
C ALA E 122 47.43 18.47 -9.40
N LEU E 123 46.84 18.30 -8.22
CA LEU E 123 46.37 16.97 -7.70
C LEU E 123 45.30 16.38 -8.62
N ARG E 124 44.54 17.21 -9.35
CA ARG E 124 43.49 16.75 -10.30
C ARG E 124 44.05 16.72 -11.72
N THR E 125 44.72 17.79 -12.15
CA THR E 125 45.24 17.97 -13.55
C THR E 125 46.29 16.89 -13.84
N SER E 126 47.05 16.46 -12.82
CA SER E 126 48.26 15.60 -12.94
C SER E 126 48.07 14.26 -12.24
N HIS E 127 47.52 14.24 -11.01
CA HIS E 127 47.40 13.02 -10.15
C HIS E 127 45.97 12.45 -10.21
N HIS E 128 45.01 13.19 -10.77
CA HIS E 128 43.63 12.75 -11.08
C HIS E 128 42.87 12.42 -9.79
N LYS E 129 42.94 13.33 -8.82
CA LYS E 129 42.17 13.30 -7.55
C LYS E 129 40.93 14.19 -7.69
N ARG E 130 39.79 13.78 -7.12
CA ARG E 130 38.59 14.64 -6.98
C ARG E 130 38.76 15.50 -5.73
N LEU E 131 38.59 16.82 -5.88
CA LEU E 131 38.91 17.84 -4.84
C LEU E 131 37.62 18.40 -4.24
N VAL E 132 37.52 18.40 -2.90
CA VAL E 132 36.42 19.03 -2.13
C VAL E 132 36.83 20.48 -1.81
N SER E 133 35.87 21.41 -1.85
CA SER E 133 36.05 22.84 -1.49
C SER E 133 36.48 22.93 -0.02
N PRO E 134 36.99 24.10 0.43
CA PRO E 134 37.11 24.36 1.87
C PRO E 134 35.72 24.28 2.52
N SER E 135 35.59 23.48 3.59
CA SER E 135 34.34 23.30 4.36
C SER E 135 34.21 24.43 5.39
N CYS E 136 33.41 25.45 5.09
CA CYS E 136 33.14 26.62 5.97
C CYS E 136 31.93 26.33 6.86
N ALA E 137 31.80 27.07 7.97
CA ALA E 137 30.67 27.01 8.91
C ALA E 137 29.42 27.56 8.24
N SER E 138 28.23 27.27 8.80
CA SER E 138 26.90 27.64 8.25
C SER E 138 26.42 28.97 8.86
N ASP E 139 27.35 29.89 9.13
CA ASP E 139 27.06 31.26 9.64
C ASP E 139 27.36 32.26 8.52
N PRO E 140 26.80 33.49 8.58
CA PRO E 140 26.99 34.49 7.52
C PRO E 140 28.43 34.65 7.01
N ALA E 141 29.41 34.74 7.91
CA ALA E 141 30.86 34.87 7.59
C ALA E 141 31.32 33.68 6.77
N GLY E 142 30.83 32.48 7.09
CA GLY E 142 31.14 31.22 6.40
C GLY E 142 30.51 31.15 5.02
N ILE E 143 29.23 31.54 4.89
CA ILE E 143 28.46 31.50 3.61
C ILE E 143 29.07 32.54 2.65
N ALA E 144 29.49 33.70 3.16
CA ALA E 144 30.12 34.80 2.40
C ALA E 144 31.47 34.34 1.84
N TRP E 145 32.27 33.63 2.65
CA TRP E 145 33.63 33.16 2.30
C TRP E 145 33.56 32.19 1.11
N ILE E 146 32.79 31.09 1.27
CA ILE E 146 32.67 30.01 0.25
C ILE E 146 32.07 30.59 -1.03
N LYS E 147 31.11 31.50 -0.92
CA LYS E 147 30.45 32.19 -2.07
C LYS E 147 31.52 32.94 -2.89
N LYS E 148 32.53 33.51 -2.22
CA LYS E 148 33.57 34.36 -2.83
C LYS E 148 34.63 33.46 -3.50
N TRP E 149 35.13 32.46 -2.78
CA TRP E 149 36.16 31.49 -3.23
C TRP E 149 35.65 30.72 -4.45
N MET E 150 34.43 30.15 -4.36
CA MET E 150 33.80 29.32 -5.41
C MET E 150 33.71 30.11 -6.73
N ASN E 151 33.52 31.42 -6.65
CA ASN E 151 33.42 32.33 -7.82
C ASN E 151 34.82 32.66 -8.36
N LEU E 152 35.79 32.91 -7.47
CA LEU E 152 37.20 33.20 -7.82
C LEU E 152 37.78 32.05 -8.65
N VAL E 153 37.43 30.80 -8.33
CA VAL E 153 38.01 29.56 -8.93
C VAL E 153 36.97 28.85 -9.80
N ALA E 154 35.99 29.58 -10.35
CA ALA E 154 34.84 29.02 -11.11
C ALA E 154 35.32 28.41 -12.44
N LYS E 155 36.48 28.84 -12.94
CA LYS E 155 37.16 28.27 -14.14
C LYS E 155 37.66 26.86 -13.82
N ASN E 156 38.07 26.63 -12.56
CA ASN E 156 38.62 25.35 -12.05
C ASN E 156 37.87 24.98 -10.76
N PRO E 157 36.56 24.67 -10.84
CA PRO E 157 35.75 24.50 -9.64
C PRO E 157 36.09 23.19 -8.93
N PRO E 158 35.67 23.00 -7.66
CA PRO E 158 35.88 21.73 -6.96
C PRO E 158 34.94 20.65 -7.53
N ASP E 159 35.26 19.38 -7.31
CA ASP E 159 34.40 18.23 -7.69
C ASP E 159 33.26 18.10 -6.68
N TYR E 160 33.44 18.62 -5.46
CA TYR E 160 32.45 18.62 -4.35
C TYR E 160 32.46 19.96 -3.61
N LEU E 161 31.30 20.41 -3.15
CA LEU E 161 31.15 21.55 -2.20
C LEU E 161 31.13 21.01 -0.77
N GLY E 162 32.15 21.35 0.03
CA GLY E 162 32.25 20.98 1.45
C GLY E 162 31.46 21.93 2.33
N LEU E 163 30.60 21.40 3.20
CA LEU E 163 29.77 22.20 4.15
C LEU E 163 29.90 21.62 5.57
N HIS E 164 29.88 22.50 6.57
CA HIS E 164 29.57 22.19 7.99
C HIS E 164 28.19 22.78 8.31
N TRP E 165 27.41 22.09 9.14
CA TRP E 165 26.18 22.62 9.79
C TRP E 165 26.04 22.05 11.19
N TYR E 166 25.89 22.93 12.18
CA TYR E 166 25.58 22.60 13.61
C TYR E 166 24.37 23.41 14.05
N GLY E 167 23.45 22.78 14.79
CA GLY E 167 22.21 23.39 15.30
C GLY E 167 21.31 22.36 15.97
N THR E 168 20.10 22.77 16.38
CA THR E 168 19.15 21.93 17.15
C THR E 168 17.93 21.55 16.29
N LYS E 169 17.60 22.37 15.28
CA LYS E 169 16.39 22.22 14.42
C LYS E 169 16.76 21.55 13.10
N GLY E 170 16.28 20.32 12.87
CA GLY E 170 16.56 19.50 11.68
C GLY E 170 16.08 20.16 10.40
N ASP E 171 14.88 20.76 10.43
CA ASP E 171 14.27 21.49 9.29
C ASP E 171 15.20 22.61 8.81
N GLU E 172 16.01 23.18 9.70
CA GLU E 172 16.96 24.29 9.39
C GLU E 172 18.10 23.75 8.50
N MET E 173 18.72 22.63 8.90
CA MET E 173 19.86 22.01 8.19
C MET E 173 19.43 21.67 6.75
N ILE E 174 18.25 21.07 6.60
CA ILE E 174 17.63 20.74 5.27
C ILE E 174 17.55 22.02 4.45
N ARG E 175 16.92 23.06 5.00
CA ARG E 175 16.72 24.38 4.34
C ARG E 175 18.08 24.99 3.97
N TYR E 176 19.11 24.80 4.81
CA TYR E 176 20.49 25.30 4.56
C TYR E 176 21.12 24.54 3.38
N LEU E 177 21.01 23.20 3.39
CA LEU E 177 21.56 22.32 2.32
C LEU E 177 20.84 22.62 1.00
N GLU E 178 19.50 22.73 1.03
CA GLU E 178 18.66 23.05 -0.15
C GLU E 178 19.00 24.46 -0.65
N SER E 179 19.28 25.39 0.28
CA SER E 179 19.67 26.79 -0.02
C SER E 179 21.07 26.83 -0.65
N MET E 180 22.04 26.12 -0.06
CA MET E 180 23.45 26.09 -0.53
C MET E 180 23.54 25.30 -1.86
N HIS E 181 22.59 24.40 -2.12
CA HIS E 181 22.47 23.62 -3.38
C HIS E 181 22.03 24.55 -4.52
N LYS E 182 21.12 25.49 -4.24
CA LYS E 182 20.59 26.48 -5.21
C LYS E 182 21.72 27.45 -5.60
N GLU E 183 22.45 27.97 -4.61
CA GLU E 183 23.55 28.96 -4.78
C GLU E 183 24.72 28.30 -5.53
N HIS E 184 24.96 27.02 -5.29
CA HIS E 184 26.09 26.22 -5.84
C HIS E 184 25.58 24.92 -6.44
N PRO E 185 24.95 24.97 -7.65
CA PRO E 185 24.26 23.81 -8.22
C PRO E 185 25.11 22.91 -9.13
N HIS E 186 26.34 23.30 -9.44
CA HIS E 186 27.22 22.62 -10.43
C HIS E 186 27.81 21.32 -9.85
N GLN E 187 27.96 21.25 -8.52
CA GLN E 187 28.61 20.10 -7.83
C GLN E 187 27.63 19.42 -6.88
N PRO E 188 27.88 18.15 -6.50
CA PRO E 188 27.22 17.53 -5.36
C PRO E 188 27.86 18.02 -4.05
N ILE E 189 27.15 17.88 -2.93
CA ILE E 189 27.57 18.39 -1.60
C ILE E 189 28.12 17.23 -0.75
N ILE E 190 29.24 17.46 -0.07
CA ILE E 190 29.73 16.64 1.08
C ILE E 190 29.53 17.47 2.35
N VAL E 191 28.80 16.92 3.33
CA VAL E 191 28.66 17.50 4.70
C VAL E 191 29.80 16.93 5.55
N SER E 192 30.97 17.58 5.52
CA SER E 192 32.24 17.09 6.11
C SER E 192 32.21 17.12 7.64
N GLU E 193 31.28 17.88 8.23
CA GLU E 193 30.94 17.86 9.68
C GLU E 193 29.49 18.28 9.87
N TRP E 194 28.76 17.59 10.75
CA TRP E 194 27.41 18.00 11.22
C TRP E 194 27.05 17.24 12.49
N ALA E 195 26.28 17.87 13.38
CA ALA E 195 25.77 17.28 14.64
C ALA E 195 24.65 18.17 15.20
N SER E 196 23.73 17.57 15.96
CA SER E 196 22.79 18.28 16.86
C SER E 196 23.59 18.87 18.02
N THR E 197 23.40 20.16 18.32
CA THR E 197 24.07 20.90 19.43
C THR E 197 23.14 20.92 20.66
N SER E 198 21.99 20.24 20.58
CA SER E 198 20.97 20.17 21.66
C SER E 198 21.49 19.31 22.81
N ARG E 199 21.11 19.65 24.05
CA ARG E 199 21.49 18.92 25.29
C ARG E 199 20.33 18.02 25.73
N SER E 200 19.24 17.99 24.96
CA SER E 200 18.12 17.01 25.08
C SER E 200 18.40 15.85 24.12
N TYR E 201 18.67 14.65 24.63
CA TYR E 201 19.05 13.47 23.80
C TYR E 201 17.93 13.12 22.82
N PRO E 202 16.64 13.10 23.23
CA PRO E 202 15.54 12.90 22.29
C PRO E 202 15.60 13.84 21.08
N ASP E 203 16.00 15.10 21.30
CA ASP E 203 16.12 16.15 20.25
C ASP E 203 17.36 15.87 19.38
N VAL E 204 18.45 15.38 19.97
CA VAL E 204 19.69 14.95 19.24
C VAL E 204 19.34 13.76 18.34
N LEU E 205 18.77 12.71 18.94
CA LEU E 205 18.37 11.45 18.25
C LEU E 205 17.39 11.75 17.12
N GLY E 206 16.40 12.61 17.38
CA GLY E 206 15.37 13.02 16.41
C GLY E 206 15.97 13.66 15.18
N LEU E 207 16.83 14.67 15.35
CA LEU E 207 17.55 15.38 14.26
C LEU E 207 18.39 14.37 13.48
N THR E 208 19.31 13.68 14.17
CA THR E 208 20.31 12.74 13.59
C THR E 208 19.59 11.72 12.71
N VAL E 209 18.47 11.17 13.18
CA VAL E 209 17.62 10.17 12.44
C VAL E 209 17.02 10.85 11.20
N GLN E 210 16.33 11.98 11.38
CA GLN E 210 15.63 12.73 10.29
C GLN E 210 16.62 13.02 9.15
N LEU E 211 17.76 13.63 9.47
CA LEU E 211 18.76 14.14 8.49
C LEU E 211 19.43 12.97 7.75
N ALA E 212 19.88 11.95 8.49
CA ALA E 212 20.51 10.73 7.94
C ALA E 212 19.61 10.15 6.84
N ASN E 213 18.33 9.97 7.16
CA ASN E 213 17.31 9.36 6.25
C ASN E 213 16.97 10.33 5.10
N TRP E 214 16.97 11.64 5.37
CA TRP E 214 16.72 12.69 4.34
C TRP E 214 17.88 12.74 3.35
N MET E 215 19.12 12.87 3.86
CA MET E 215 20.36 12.99 3.05
C MET E 215 20.60 11.67 2.29
N ASP E 216 20.14 10.55 2.83
CA ASP E 216 20.17 9.21 2.16
C ASP E 216 19.35 9.26 0.86
N SER E 217 18.20 9.96 0.89
CA SER E 217 17.22 10.02 -0.23
C SER E 217 17.49 11.23 -1.15
N THR E 218 18.57 11.98 -0.91
CA THR E 218 18.94 13.21 -1.67
C THR E 218 20.17 12.91 -2.54
N PRO E 219 19.98 12.68 -3.87
CA PRO E 219 21.10 12.39 -4.77
C PRO E 219 22.30 13.35 -4.70
N TRP E 220 22.05 14.67 -4.61
CA TRP E 220 23.08 15.72 -4.74
C TRP E 220 23.88 15.87 -3.43
N VAL E 221 23.52 15.12 -2.38
CA VAL E 221 24.35 14.91 -1.16
C VAL E 221 25.17 13.63 -1.37
N ALA E 222 26.47 13.77 -1.66
CA ALA E 222 27.40 12.66 -1.99
C ALA E 222 27.66 11.82 -0.73
N GLU E 223 27.98 12.47 0.40
CA GLU E 223 28.21 11.82 1.71
C GLU E 223 28.09 12.86 2.84
N TYR E 224 27.85 12.40 4.06
CA TYR E 224 27.70 13.25 5.28
C TYR E 224 28.46 12.62 6.45
N ALA E 225 29.07 13.48 7.29
CA ALA E 225 30.05 13.12 8.34
C ALA E 225 29.57 13.59 9.72
N LEU E 226 29.04 12.66 10.53
CA LEU E 226 28.48 12.95 11.88
C LEU E 226 29.62 13.09 12.89
N PHE E 227 29.76 14.27 13.51
CA PHE E 227 30.83 14.64 14.48
C PHE E 227 30.49 14.05 15.86
N GLY E 228 31.53 13.74 16.64
CA GLY E 228 31.41 13.40 18.08
C GLY E 228 32.14 12.11 18.46
N CYS E 229 32.70 11.37 17.51
CA CYS E 229 33.42 10.08 17.77
C CYS E 229 34.82 10.38 18.32
N MET E 230 34.89 10.62 19.63
CA MET E 230 36.11 11.00 20.38
C MET E 230 35.74 11.05 21.88
N ARG E 231 36.70 10.86 22.77
CA ARG E 231 36.46 10.63 24.23
C ARG E 231 36.09 11.95 24.91
N GLN E 232 36.99 12.94 24.89
CA GLN E 232 36.78 14.29 25.49
C GLN E 232 35.91 15.13 24.55
N MET E 233 35.18 16.10 25.09
CA MET E 233 34.48 17.14 24.31
C MET E 233 35.54 17.99 23.59
N ALA E 234 35.35 18.26 22.30
CA ALA E 234 36.27 19.09 21.48
C ALA E 234 36.26 20.53 22.00
N ASP E 235 35.11 21.02 22.45
CA ASP E 235 34.91 22.41 22.93
C ASP E 235 33.61 22.48 23.75
N ASP E 236 33.18 23.70 24.10
CA ASP E 236 31.91 23.98 24.84
C ASP E 236 30.73 23.95 23.86
N PHE E 237 30.94 24.41 22.62
CA PHE E 237 29.93 24.58 21.55
C PHE E 237 29.13 23.27 21.34
N VAL E 238 29.83 22.15 21.12
CA VAL E 238 29.21 20.82 20.84
C VAL E 238 28.57 20.26 22.13
N SER E 239 27.66 19.29 21.96
CA SER E 239 26.80 18.72 23.02
C SER E 239 27.37 17.40 23.54
N PRO E 240 27.54 17.24 24.88
CA PRO E 240 27.79 15.93 25.49
C PRO E 240 26.84 14.81 25.03
N GLU E 241 25.56 15.12 24.82
CA GLU E 241 24.50 14.14 24.43
C GLU E 241 24.73 13.66 22.99
N ALA E 242 25.48 14.43 22.19
CA ALA E 242 25.75 14.17 20.76
C ALA E 242 27.03 13.33 20.59
N GLN E 243 27.79 13.10 21.66
CA GLN E 243 29.06 12.32 21.63
C GLN E 243 28.75 10.89 21.14
N LEU E 244 29.62 10.36 20.29
CA LEU E 244 29.50 9.03 19.63
C LEU E 244 30.45 8.01 20.29
N MET E 245 31.39 8.50 21.10
CA MET E 245 32.33 7.67 21.90
C MET E 245 32.18 8.07 23.38
N ASN E 246 32.09 7.08 24.27
CA ASN E 246 32.15 7.28 25.75
C ASN E 246 33.61 7.57 26.14
N LYS E 247 33.85 7.92 27.40
CA LYS E 247 35.20 8.33 27.90
C LYS E 247 36.12 7.11 28.03
N ASP E 248 35.57 5.89 28.03
CA ASP E 248 36.34 4.62 28.07
C ASP E 248 36.72 4.18 26.64
N GLY E 249 36.20 4.87 25.61
CA GLY E 249 36.56 4.64 24.20
C GLY E 249 35.54 3.78 23.47
N SER E 250 34.57 3.21 24.20
CA SER E 250 33.45 2.42 23.63
C SER E 250 32.44 3.36 22.96
N PHE E 251 31.58 2.83 22.08
CA PHE E 251 30.62 3.61 21.24
C PHE E 251 29.29 3.74 21.98
N THR E 252 28.60 4.87 21.73
CA THR E 252 27.26 5.20 22.27
C THR E 252 26.19 4.53 21.40
N ASP E 253 24.93 4.57 21.83
CA ASP E 253 23.78 4.00 21.10
C ASP E 253 23.57 4.79 19.80
N LEU E 254 23.80 6.10 19.82
CA LEU E 254 23.65 6.99 18.64
C LEU E 254 24.70 6.60 17.58
N MET E 255 25.94 6.36 18.02
CA MET E 255 27.06 5.93 17.14
C MET E 255 26.71 4.57 16.51
N TRP E 256 26.19 3.64 17.31
CA TRP E 256 25.73 2.31 16.83
C TRP E 256 24.73 2.52 15.69
N LYS E 257 23.62 3.20 16.00
CA LYS E 257 22.51 3.49 15.06
C LYS E 257 23.07 4.14 13.78
N TYR E 258 24.00 5.09 13.93
CA TYR E 258 24.61 5.86 12.82
C TYR E 258 25.34 4.92 11.87
N MET E 259 26.05 3.91 12.40
CA MET E 259 26.96 3.03 11.60
C MET E 259 26.30 1.67 11.30
N SER E 260 25.07 1.44 11.74
CA SER E 260 24.38 0.12 11.65
C SER E 260 23.02 0.23 10.93
N ASP E 261 22.25 1.29 11.17
CA ASP E 261 20.81 1.40 10.78
C ASP E 261 20.65 2.20 9.48
N GLN E 262 19.87 1.67 8.53
CA GLN E 262 19.50 2.34 7.25
C GLN E 262 18.17 1.77 6.75
N PRO E 263 17.04 2.50 6.90
CA PRO E 263 17.03 3.86 7.44
C PRO E 263 17.22 3.86 8.96
N MET E 264 17.73 4.98 9.51
CA MET E 264 17.84 5.20 10.98
C MET E 264 16.42 5.31 11.58
N HIS E 265 16.26 4.86 12.82
CA HIS E 265 15.03 5.03 13.64
C HIS E 265 15.42 5.59 15.01
N ILE E 266 14.49 6.27 15.69
CA ILE E 266 14.68 6.82 17.07
C ILE E 266 14.42 5.70 18.08
N HIS F 20 -33.66 17.73 -10.21
CA HIS F 20 -35.05 17.28 -10.55
C HIS F 20 -35.81 17.11 -9.22
N MET F 21 -36.38 15.94 -8.90
CA MET F 21 -36.87 15.65 -7.53
C MET F 21 -35.63 15.47 -6.64
N VAL F 22 -35.36 16.43 -5.76
CA VAL F 22 -34.21 16.38 -4.79
C VAL F 22 -34.62 15.46 -3.64
N LYS F 23 -33.94 14.31 -3.51
CA LYS F 23 -34.24 13.26 -2.49
C LYS F 23 -33.00 13.06 -1.62
N LYS F 24 -32.94 13.72 -0.46
CA LYS F 24 -31.87 13.51 0.55
C LYS F 24 -32.47 13.65 1.95
N ARG F 25 -33.67 13.11 2.16
CA ARG F 25 -34.40 13.10 3.46
C ARG F 25 -34.37 11.69 4.04
N VAL F 26 -34.01 11.57 5.32
CA VAL F 26 -33.93 10.28 6.07
C VAL F 26 -35.24 10.09 6.84
N LEU F 27 -35.70 8.85 6.95
CA LEU F 27 -36.84 8.44 7.80
C LEU F 27 -36.30 7.84 9.11
N LEU F 28 -36.26 8.63 10.18
CA LEU F 28 -35.93 8.14 11.56
C LEU F 28 -37.11 7.29 12.05
N TRP F 29 -36.91 5.98 12.18
CA TRP F 29 -37.96 4.99 12.50
C TRP F 29 -37.67 4.35 13.86
N ASP F 30 -38.04 5.05 14.94
CA ASP F 30 -37.81 4.62 16.35
C ASP F 30 -38.33 3.19 16.54
N TYR F 31 -37.65 2.40 17.38
CA TYR F 31 -37.88 0.94 17.55
C TYR F 31 -39.29 0.69 18.13
N THR F 32 -39.87 1.67 18.84
CA THR F 32 -41.25 1.60 19.40
C THR F 32 -42.26 1.48 18.25
N ASN F 33 -41.98 2.13 17.10
CA ASN F 33 -42.79 2.00 15.86
C ASN F 33 -42.84 0.52 15.45
N THR F 34 -41.67 -0.11 15.30
CA THR F 34 -41.51 -1.54 14.94
C THR F 34 -42.22 -2.43 15.96
N ARG F 35 -42.15 -2.06 17.25
CA ARG F 35 -42.67 -2.84 18.41
C ARG F 35 -44.20 -2.81 18.42
N ASP F 36 -44.81 -1.64 18.16
CA ASP F 36 -46.26 -1.38 18.37
C ASP F 36 -47.00 -1.25 17.03
N VAL F 37 -46.51 -0.42 16.11
CA VAL F 37 -47.26 0.04 14.90
C VAL F 37 -46.42 -0.20 13.64
N LYS F 38 -46.12 -1.46 13.31
CA LYS F 38 -45.46 -1.86 12.03
C LYS F 38 -46.26 -1.27 10.85
N TRP F 39 -47.60 -1.41 10.91
CA TRP F 39 -48.56 -1.03 9.84
C TRP F 39 -48.32 0.41 9.37
N ALA F 40 -47.77 1.28 10.23
CA ALA F 40 -47.49 2.70 9.95
C ALA F 40 -46.52 2.86 8.77
N MET F 41 -45.55 1.94 8.61
CA MET F 41 -44.51 2.02 7.55
C MET F 41 -45.16 1.86 6.16
N ASP F 42 -46.23 1.07 6.05
CA ASP F 42 -46.98 0.84 4.78
C ASP F 42 -47.73 2.12 4.38
N LYS F 43 -47.87 3.09 5.29
CA LYS F 43 -48.55 4.39 5.05
C LYS F 43 -47.55 5.47 4.65
N ILE F 44 -46.25 5.15 4.57
CA ILE F 44 -45.16 6.09 4.19
C ILE F 44 -45.30 6.42 2.69
N ASN F 45 -44.95 7.66 2.32
CA ASN F 45 -44.93 8.15 0.91
C ASN F 45 -43.50 7.95 0.37
N PHE F 46 -43.28 6.84 -0.35
CA PHE F 46 -41.97 6.41 -0.90
C PHE F 46 -41.70 7.08 -2.24
N LYS F 47 -42.74 7.69 -2.84
CA LYS F 47 -42.66 8.37 -4.17
C LYS F 47 -42.37 9.86 -3.96
N GLY F 48 -42.04 10.26 -2.73
CA GLY F 48 -41.65 11.63 -2.35
C GLY F 48 -40.12 11.75 -2.20
N PRO F 49 -39.63 12.78 -1.48
CA PRO F 49 -38.19 13.02 -1.36
C PRO F 49 -37.47 12.23 -0.25
N LEU F 50 -38.12 11.21 0.33
CA LEU F 50 -37.45 10.22 1.23
C LEU F 50 -36.48 9.37 0.39
N HIS F 51 -35.28 9.13 0.92
CA HIS F 51 -34.15 8.50 0.17
C HIS F 51 -33.37 7.51 1.06
N SER F 52 -33.67 7.40 2.36
CA SER F 52 -32.99 6.47 3.31
C SER F 52 -33.75 6.39 4.64
N CYS F 53 -33.30 5.50 5.54
CA CYS F 53 -33.97 5.17 6.82
C CYS F 53 -32.93 4.68 7.84
N SER F 54 -33.01 5.14 9.09
CA SER F 54 -32.19 4.70 10.25
C SER F 54 -33.09 4.57 11.49
N ASN F 55 -32.82 3.61 12.37
CA ASN F 55 -33.65 3.30 13.55
C ASN F 55 -32.79 3.27 14.83
N TRP F 56 -31.63 3.92 14.83
CA TRP F 56 -30.67 4.00 15.96
C TRP F 56 -30.17 2.61 16.39
N ASN F 57 -30.34 1.58 15.56
CA ASN F 57 -30.07 0.17 15.95
C ASN F 57 -29.26 -0.54 14.85
N THR F 58 -28.67 -1.69 15.20
CA THR F 58 -27.90 -2.59 14.30
C THR F 58 -28.87 -3.42 13.45
N TRP F 59 -29.93 -3.95 14.08
CA TRP F 59 -30.94 -4.83 13.43
C TRP F 59 -31.79 -4.03 12.45
N TYR F 60 -32.36 -4.74 11.46
CA TYR F 60 -33.09 -4.17 10.29
C TYR F 60 -34.59 -4.15 10.56
N PRO F 61 -35.30 -3.04 10.24
CA PRO F 61 -36.75 -3.00 10.36
C PRO F 61 -37.42 -3.70 9.17
N ASP F 62 -37.92 -4.93 9.39
CA ASP F 62 -38.52 -5.83 8.37
C ASP F 62 -39.60 -5.09 7.57
N GLU F 63 -40.45 -4.31 8.26
CA GLU F 63 -41.64 -3.64 7.67
C GLU F 63 -41.24 -2.61 6.61
N LEU F 64 -39.97 -2.20 6.57
CA LEU F 64 -39.41 -1.32 5.49
C LEU F 64 -39.45 -2.06 4.15
N LYS F 65 -39.27 -3.39 4.16
CA LYS F 65 -39.24 -4.27 2.97
C LYS F 65 -38.30 -3.69 1.89
N HIS F 66 -37.16 -3.16 2.33
CA HIS F 66 -36.06 -2.64 1.46
C HIS F 66 -36.58 -1.58 0.48
N ARG F 67 -37.57 -0.78 0.86
CA ARG F 67 -38.16 0.28 0.01
C ARG F 67 -37.24 1.52 0.01
N LEU F 68 -36.35 1.63 1.01
CA LEU F 68 -35.32 2.69 1.11
C LEU F 68 -34.01 2.07 1.60
N PRO F 69 -32.83 2.63 1.22
CA PRO F 69 -31.57 2.24 1.83
C PRO F 69 -31.57 2.43 3.36
N PHE F 70 -31.19 1.39 4.10
CA PHE F 70 -31.12 1.37 5.58
C PHE F 70 -29.69 1.68 6.02
N ARG F 71 -29.52 2.59 6.98
CA ARG F 71 -28.23 2.86 7.68
C ARG F 71 -28.28 2.19 9.05
N PRO F 72 -27.59 1.05 9.27
CA PRO F 72 -27.50 0.45 10.60
C PRO F 72 -26.61 1.35 11.47
N MET F 73 -26.85 1.37 12.78
CA MET F 73 -26.08 2.20 13.75
C MET F 73 -25.47 1.31 14.82
N ILE F 74 -24.20 1.59 15.16
CA ILE F 74 -23.53 1.13 16.41
C ILE F 74 -23.77 2.22 17.47
N HIS F 75 -24.90 2.13 18.17
CA HIS F 75 -25.42 3.19 19.08
C HIS F 75 -24.45 3.43 20.24
N GLY F 76 -23.96 2.36 20.88
CA GLY F 76 -23.09 2.42 22.07
C GLY F 76 -22.21 1.20 22.22
N LYS F 77 -21.44 1.14 23.32
CA LYS F 77 -20.53 0.03 23.70
C LYS F 77 -21.27 -1.31 23.64
N ASN F 78 -22.55 -1.32 24.03
CA ASN F 78 -23.44 -2.50 24.08
C ASN F 78 -23.70 -3.07 22.68
N ASN F 79 -23.24 -2.39 21.62
CA ASN F 79 -23.47 -2.78 20.20
C ASN F 79 -22.15 -3.16 19.52
N LEU F 80 -21.16 -3.63 20.30
CA LEU F 80 -19.79 -3.98 19.80
C LEU F 80 -19.54 -5.49 19.87
N THR F 81 -20.49 -6.27 20.40
CA THR F 81 -20.33 -7.73 20.66
C THR F 81 -21.63 -8.49 20.35
N GLY F 82 -21.56 -9.82 20.41
CA GLY F 82 -22.71 -10.73 20.30
C GLY F 82 -23.47 -10.56 18.99
N GLY F 83 -24.79 -10.70 19.05
CA GLY F 83 -25.68 -10.62 17.88
C GLY F 83 -25.86 -9.19 17.38
N GLU F 84 -25.75 -8.21 18.29
CA GLU F 84 -25.71 -6.77 17.93
C GLU F 84 -24.62 -6.56 16.87
N TRP F 85 -23.44 -7.15 17.08
CA TRP F 85 -22.27 -7.03 16.16
C TRP F 85 -22.41 -7.98 14.97
N GLN F 86 -23.11 -9.11 15.14
CA GLN F 86 -23.43 -10.07 14.05
C GLN F 86 -24.23 -9.34 12.95
N ASN F 87 -25.12 -8.42 13.36
CA ASN F 87 -26.01 -7.63 12.46
C ASN F 87 -25.17 -6.70 11.57
N ILE F 88 -24.16 -6.04 12.15
CA ILE F 88 -23.28 -5.05 11.44
C ILE F 88 -22.43 -5.78 10.40
N LEU F 89 -21.86 -6.93 10.77
CA LEU F 89 -20.92 -7.70 9.91
C LEU F 89 -21.64 -8.30 8.70
N LYS F 90 -22.93 -8.63 8.83
CA LYS F 90 -23.69 -9.41 7.82
C LYS F 90 -24.56 -8.49 6.94
N THR F 91 -24.60 -7.18 7.21
CA THR F 91 -25.51 -6.22 6.53
C THR F 91 -25.11 -6.07 5.06
N ASN F 92 -26.11 -6.03 4.17
CA ASN F 92 -25.94 -5.78 2.71
C ASN F 92 -25.98 -4.27 2.43
N GLU F 93 -26.43 -3.48 3.42
CA GLU F 93 -26.58 -2.01 3.31
C GLU F 93 -25.18 -1.38 3.31
N GLU F 94 -25.04 -0.17 2.76
CA GLU F 94 -23.73 0.40 2.32
C GLU F 94 -23.13 1.28 3.43
N VAL F 95 -23.93 2.11 4.09
CA VAL F 95 -23.47 3.16 5.04
C VAL F 95 -23.88 2.78 6.48
N ILE F 96 -22.97 2.99 7.44
CA ILE F 96 -23.13 2.59 8.86
C ILE F 96 -22.78 3.77 9.77
N HIS F 97 -23.59 3.99 10.81
CA HIS F 97 -23.41 5.05 11.83
C HIS F 97 -22.60 4.51 13.02
N PHE F 98 -21.69 5.32 13.56
CA PHE F 98 -20.97 5.07 14.84
C PHE F 98 -21.82 5.67 15.97
N PHE F 99 -21.21 5.96 17.13
CA PHE F 99 -21.93 6.15 18.43
C PHE F 99 -22.91 7.34 18.36
N ASN F 100 -24.07 7.16 18.98
CA ASN F 100 -25.11 8.22 19.19
C ASN F 100 -24.70 9.05 20.41
N GLU F 101 -24.37 10.33 20.19
CA GLU F 101 -24.04 11.33 21.25
C GLU F 101 -23.18 10.67 22.32
N PRO F 102 -21.89 10.39 22.02
CA PRO F 102 -21.02 9.66 22.94
C PRO F 102 -20.54 10.51 24.13
N GLU F 103 -20.62 11.83 24.01
CA GLU F 103 -20.22 12.80 25.09
C GLU F 103 -21.24 12.75 26.23
N ARG F 104 -22.34 11.99 26.08
CA ARG F 104 -23.44 11.87 27.08
C ARG F 104 -23.63 10.40 27.50
N ALA F 105 -22.84 9.47 26.97
CA ALA F 105 -22.87 8.02 27.30
C ALA F 105 -21.61 7.63 28.08
N GLY F 106 -20.79 8.61 28.49
CA GLY F 106 -19.56 8.41 29.26
C GLY F 106 -18.44 7.81 28.43
N ILE F 107 -18.41 8.12 27.13
CA ILE F 107 -17.44 7.57 26.14
C ILE F 107 -16.52 8.71 25.69
N SER F 108 -15.25 8.68 26.13
CA SER F 108 -14.20 9.69 25.78
C SER F 108 -13.86 9.59 24.31
N PRO F 109 -13.29 10.65 23.69
CA PRO F 109 -12.79 10.57 22.32
C PRO F 109 -11.71 9.48 22.14
N GLU F 110 -10.89 9.29 23.18
CA GLU F 110 -9.74 8.33 23.17
C GLU F 110 -10.27 6.89 23.14
N GLU F 111 -11.37 6.59 23.83
CA GLU F 111 -11.99 5.24 23.85
C GLU F 111 -12.71 4.98 22.51
N ALA F 112 -13.46 5.96 22.02
CA ALA F 112 -14.19 5.89 20.73
C ALA F 112 -13.19 5.71 19.57
N ALA F 113 -12.05 6.41 19.63
CA ALA F 113 -10.97 6.36 18.63
C ALA F 113 -10.29 4.98 18.65
N LYS F 114 -10.08 4.42 19.85
CA LYS F 114 -9.51 3.06 20.05
C LYS F 114 -10.42 2.03 19.37
N ILE F 115 -11.73 2.10 19.65
CA ILE F 115 -12.76 1.13 19.16
C ILE F 115 -12.92 1.28 17.64
N TRP F 116 -12.73 2.49 17.12
CA TRP F 116 -12.82 2.84 15.66
C TRP F 116 -11.73 2.09 14.89
N ASN F 117 -10.45 2.26 15.30
CA ASN F 117 -9.27 1.62 14.68
C ASN F 117 -9.32 0.10 14.88
N ASP F 118 -9.91 -0.36 16.00
CA ASP F 118 -9.81 -1.76 16.47
C ASP F 118 -10.89 -2.65 15.82
N GLN F 119 -12.10 -2.15 15.55
CA GLN F 119 -13.20 -3.02 15.04
C GLN F 119 -14.18 -2.32 14.08
N VAL F 120 -14.17 -0.99 13.92
CA VAL F 120 -15.13 -0.30 13.00
C VAL F 120 -14.47 -0.09 11.63
N LEU F 121 -13.23 0.42 11.61
CA LEU F 121 -12.47 0.75 10.36
C LEU F 121 -12.50 -0.44 9.39
N ALA F 122 -12.39 -1.67 9.90
CA ALA F 122 -12.31 -2.92 9.13
C ALA F 122 -13.56 -3.10 8.26
N LEU F 123 -14.69 -2.50 8.64
CA LEU F 123 -15.96 -2.55 7.86
C LEU F 123 -15.80 -1.77 6.54
N ARG F 124 -14.83 -0.86 6.45
CA ARG F 124 -14.49 -0.13 5.19
C ARG F 124 -13.45 -0.92 4.40
N THR F 125 -12.27 -1.16 5.00
CA THR F 125 -11.10 -1.78 4.33
C THR F 125 -11.45 -3.19 3.83
N SER F 126 -12.25 -3.95 4.58
CA SER F 126 -12.58 -5.37 4.30
C SER F 126 -13.94 -5.50 3.59
N HIS F 127 -14.98 -4.80 4.05
CA HIS F 127 -16.39 -4.96 3.58
C HIS F 127 -16.78 -3.83 2.61
N HIS F 128 -15.95 -2.78 2.48
CA HIS F 128 -16.18 -1.61 1.57
C HIS F 128 -17.51 -0.92 1.93
N LYS F 129 -17.81 -0.84 3.22
CA LYS F 129 -18.91 -0.01 3.79
C LYS F 129 -18.36 1.39 4.03
N ARG F 130 -19.22 2.41 3.92
CA ARG F 130 -18.84 3.82 4.23
C ARG F 130 -19.32 4.16 5.64
N LEU F 131 -18.48 4.86 6.40
CA LEU F 131 -18.62 5.03 7.87
C LEU F 131 -18.91 6.50 8.20
N VAL F 132 -19.99 6.72 8.96
CA VAL F 132 -20.39 8.05 9.52
C VAL F 132 -19.74 8.19 10.90
N SER F 133 -19.14 9.34 11.20
CA SER F 133 -18.60 9.71 12.53
C SER F 133 -19.70 9.55 13.57
N PRO F 134 -19.36 9.44 14.88
CA PRO F 134 -20.38 9.50 15.93
C PRO F 134 -21.07 10.87 15.87
N SER F 135 -22.40 10.90 16.03
CA SER F 135 -23.23 12.12 15.95
C SER F 135 -23.37 12.75 17.34
N CYS F 136 -22.68 13.88 17.57
CA CYS F 136 -22.67 14.65 18.84
C CYS F 136 -23.72 15.78 18.78
N ALA F 137 -24.07 16.34 19.94
CA ALA F 137 -25.00 17.47 20.09
C ALA F 137 -24.33 18.75 19.56
N SER F 138 -25.08 19.86 19.50
CA SER F 138 -24.65 21.16 18.93
C SER F 138 -24.22 22.12 20.05
N ASP F 139 -23.98 21.61 21.27
CA ASP F 139 -23.54 22.40 22.46
C ASP F 139 -22.02 22.39 22.51
N PRO F 140 -21.38 23.24 23.36
CA PRO F 140 -19.92 23.33 23.41
C PRO F 140 -19.21 21.99 23.67
N ALA F 141 -19.84 21.09 24.43
CA ALA F 141 -19.33 19.75 24.77
C ALA F 141 -19.32 18.87 23.51
N GLY F 142 -20.43 18.83 22.78
CA GLY F 142 -20.60 18.06 21.53
C GLY F 142 -19.60 18.46 20.46
N ILE F 143 -19.36 19.77 20.31
CA ILE F 143 -18.41 20.36 19.31
C ILE F 143 -16.98 19.95 19.68
N ALA F 144 -16.57 20.19 20.93
CA ALA F 144 -15.21 19.94 21.45
C ALA F 144 -14.90 18.44 21.43
N TRP F 145 -15.92 17.59 21.52
CA TRP F 145 -15.77 16.10 21.50
C TRP F 145 -15.39 15.63 20.09
N ILE F 146 -16.24 15.92 19.08
CA ILE F 146 -16.03 15.46 17.67
C ILE F 146 -14.77 16.12 17.13
N LYS F 147 -14.45 17.35 17.55
CA LYS F 147 -13.19 18.05 17.17
C LYS F 147 -12.00 17.17 17.57
N LYS F 148 -11.96 16.69 18.82
CA LYS F 148 -10.84 15.86 19.35
C LYS F 148 -10.84 14.51 18.64
N TRP F 149 -12.00 13.86 18.52
CA TRP F 149 -12.14 12.50 17.94
C TRP F 149 -11.71 12.50 16.47
N MET F 150 -12.13 13.51 15.69
CA MET F 150 -11.74 13.67 14.27
C MET F 150 -10.23 13.90 14.18
N ASN F 151 -9.67 14.66 15.12
CA ASN F 151 -8.22 14.94 15.25
C ASN F 151 -7.48 13.62 15.54
N LEU F 152 -8.00 12.81 16.46
CA LEU F 152 -7.40 11.51 16.88
C LEU F 152 -7.40 10.51 15.71
N VAL F 153 -8.46 10.50 14.88
CA VAL F 153 -8.64 9.51 13.78
C VAL F 153 -8.42 10.19 12.41
N ALA F 154 -7.68 11.31 12.37
CA ALA F 154 -7.38 12.10 11.16
C ALA F 154 -6.73 11.21 10.09
N LYS F 155 -5.91 10.23 10.51
CA LYS F 155 -5.13 9.34 9.59
C LYS F 155 -6.06 8.34 8.90
N ASN F 156 -7.26 8.09 9.44
CA ASN F 156 -8.32 7.26 8.82
C ASN F 156 -9.67 7.92 9.03
N PRO F 157 -9.97 9.04 8.34
CA PRO F 157 -11.15 9.85 8.66
C PRO F 157 -12.44 9.14 8.29
N PRO F 158 -13.60 9.56 8.84
CA PRO F 158 -14.89 9.00 8.45
C PRO F 158 -15.31 9.51 7.07
N ASP F 159 -16.16 8.76 6.37
CA ASP F 159 -16.67 9.11 5.01
C ASP F 159 -17.71 10.23 5.13
N TYR F 160 -18.33 10.38 6.31
CA TYR F 160 -19.39 11.38 6.59
C TYR F 160 -19.25 11.91 8.02
N LEU F 161 -19.36 13.23 8.21
CA LEU F 161 -19.44 13.88 9.54
C LEU F 161 -20.90 13.87 10.01
N GLY F 162 -21.19 13.10 11.06
CA GLY F 162 -22.52 13.04 11.71
C GLY F 162 -22.75 14.23 12.61
N LEU F 163 -23.92 14.87 12.51
CA LEU F 163 -24.32 16.06 13.33
C LEU F 163 -25.75 15.88 13.85
N HIS F 164 -26.02 16.42 15.04
CA HIS F 164 -27.39 16.71 15.56
C HIS F 164 -27.54 18.24 15.71
N TRP F 165 -28.78 18.74 15.64
CA TRP F 165 -29.11 20.15 15.99
C TRP F 165 -30.58 20.24 16.42
N TYR F 166 -30.82 20.77 17.63
CA TYR F 166 -32.16 21.11 18.17
C TYR F 166 -32.13 22.56 18.66
N GLY F 167 -33.09 23.36 18.20
CA GLY F 167 -33.28 24.77 18.61
C GLY F 167 -34.60 25.33 18.11
N THR F 168 -34.70 26.66 18.05
CA THR F 168 -35.93 27.39 17.63
C THR F 168 -35.62 28.31 16.43
N LYS F 169 -34.38 28.78 16.30
CA LYS F 169 -33.93 29.69 15.21
C LYS F 169 -33.34 28.86 14.06
N GLY F 170 -33.93 28.94 12.86
CA GLY F 170 -33.45 28.24 11.65
C GLY F 170 -32.14 28.81 11.14
N ASP F 171 -31.97 30.15 11.22
CA ASP F 171 -30.74 30.87 10.79
C ASP F 171 -29.55 30.42 11.64
N GLU F 172 -29.79 29.94 12.87
CA GLU F 172 -28.75 29.39 13.78
C GLU F 172 -28.23 28.05 13.23
N MET F 173 -29.13 27.10 12.97
CA MET F 173 -28.79 25.72 12.51
C MET F 173 -27.92 25.81 11.25
N ILE F 174 -28.28 26.67 10.31
CA ILE F 174 -27.49 26.98 9.07
C ILE F 174 -26.08 27.38 9.50
N ARG F 175 -25.95 28.38 10.38
CA ARG F 175 -24.65 28.95 10.84
C ARG F 175 -23.79 27.85 11.47
N TYR F 176 -24.40 26.86 12.13
CA TYR F 176 -23.71 25.70 12.77
C TYR F 176 -23.20 24.75 11.68
N LEU F 177 -24.09 24.30 10.78
CA LEU F 177 -23.75 23.42 9.63
C LEU F 177 -22.67 24.10 8.78
N GLU F 178 -22.84 25.40 8.50
CA GLU F 178 -21.86 26.27 7.79
C GLU F 178 -20.52 26.21 8.53
N SER F 179 -20.54 26.42 9.85
CA SER F 179 -19.36 26.49 10.75
C SER F 179 -18.68 25.12 10.87
N MET F 180 -19.48 24.05 10.99
CA MET F 180 -18.98 22.66 11.14
C MET F 180 -18.42 22.15 9.80
N HIS F 181 -18.97 22.60 8.68
CA HIS F 181 -18.46 22.30 7.32
C HIS F 181 -17.10 22.99 7.12
N LYS F 182 -16.96 24.23 7.60
CA LYS F 182 -15.70 25.03 7.53
C LYS F 182 -14.63 24.36 8.41
N GLU F 183 -15.01 23.84 9.58
CA GLU F 183 -14.09 23.27 10.60
C GLU F 183 -13.62 21.88 10.15
N HIS F 184 -14.52 21.07 9.57
CA HIS F 184 -14.26 19.69 9.09
C HIS F 184 -14.56 19.60 7.59
N PRO F 185 -13.72 20.20 6.73
CA PRO F 185 -14.06 20.38 5.31
C PRO F 185 -13.83 19.17 4.37
N HIS F 186 -13.30 18.05 4.86
CA HIS F 186 -12.74 16.96 4.03
C HIS F 186 -13.75 15.83 3.75
N GLN F 187 -15.02 15.99 4.15
CA GLN F 187 -16.07 14.95 3.92
C GLN F 187 -17.46 15.58 4.03
N PRO F 188 -18.49 15.01 3.36
CA PRO F 188 -19.85 15.55 3.45
C PRO F 188 -20.45 15.40 4.86
N ILE F 189 -21.49 16.18 5.15
CA ILE F 189 -22.21 16.20 6.47
C ILE F 189 -23.52 15.44 6.33
N ILE F 190 -23.81 14.56 7.29
CA ILE F 190 -25.16 13.96 7.54
C ILE F 190 -25.64 14.51 8.89
N VAL F 191 -26.81 15.14 8.91
CA VAL F 191 -27.48 15.54 10.19
C VAL F 191 -28.43 14.37 10.53
N SER F 192 -27.94 13.44 11.35
CA SER F 192 -28.60 12.15 11.69
C SER F 192 -29.81 12.39 12.60
N GLU F 193 -29.89 13.58 13.21
CA GLU F 193 -31.07 14.03 14.01
C GLU F 193 -31.19 15.55 13.92
N TRP F 194 -32.41 16.06 13.74
CA TRP F 194 -32.74 17.50 13.89
C TRP F 194 -34.26 17.68 13.99
N ALA F 195 -34.68 18.75 14.67
CA ALA F 195 -36.09 19.19 14.80
C ALA F 195 -36.10 20.61 15.40
N SER F 196 -37.20 21.33 15.22
CA SER F 196 -37.53 22.55 16.01
C SER F 196 -38.01 22.11 17.40
N THR F 197 -37.58 22.82 18.45
CA THR F 197 -37.97 22.57 19.86
C THR F 197 -38.98 23.63 20.33
N SER F 198 -39.39 24.54 19.44
CA SER F 198 -40.39 25.61 19.72
C SER F 198 -41.74 24.96 20.04
N ARG F 199 -42.43 25.47 21.07
CA ARG F 199 -43.79 25.02 21.48
C ARG F 199 -44.85 25.74 20.62
N SER F 200 -44.43 26.71 19.80
CA SER F 200 -45.25 27.41 18.78
C SER F 200 -45.14 26.67 17.45
N TYR F 201 -46.24 26.07 16.97
CA TYR F 201 -46.25 25.22 15.74
C TYR F 201 -45.83 26.05 14.52
N PRO F 202 -46.37 27.27 14.30
CA PRO F 202 -45.94 28.09 13.17
C PRO F 202 -44.41 28.24 13.10
N ASP F 203 -43.74 28.33 14.24
CA ASP F 203 -42.27 28.46 14.36
C ASP F 203 -41.59 27.12 14.02
N VAL F 204 -42.18 25.99 14.43
CA VAL F 204 -41.71 24.61 14.09
C VAL F 204 -41.75 24.46 12.56
N LEU F 205 -42.94 24.64 11.99
CA LEU F 205 -43.22 24.52 10.53
C LEU F 205 -42.33 25.50 9.74
N GLY F 206 -42.11 26.71 10.28
CA GLY F 206 -41.25 27.75 9.68
C GLY F 206 -39.81 27.31 9.57
N LEU F 207 -39.24 26.76 10.65
CA LEU F 207 -37.83 26.29 10.73
C LEU F 207 -37.63 25.09 9.81
N THR F 208 -38.46 24.06 9.97
CA THR F 208 -38.42 22.78 9.21
C THR F 208 -38.41 23.07 7.70
N VAL F 209 -39.33 23.92 7.24
CA VAL F 209 -39.54 24.27 5.81
C VAL F 209 -38.29 25.00 5.28
N GLN F 210 -37.81 26.00 6.01
CA GLN F 210 -36.60 26.81 5.66
C GLN F 210 -35.41 25.88 5.43
N LEU F 211 -35.21 24.91 6.32
CA LEU F 211 -33.97 24.10 6.42
C LEU F 211 -33.99 22.96 5.39
N ALA F 212 -35.12 22.27 5.25
CA ALA F 212 -35.35 21.24 4.20
C ALA F 212 -34.94 21.82 2.85
N ASN F 213 -35.46 23.00 2.51
CA ASN F 213 -35.21 23.72 1.23
C ASN F 213 -33.75 24.14 1.14
N TRP F 214 -33.17 24.65 2.24
CA TRP F 214 -31.76 25.10 2.30
C TRP F 214 -30.82 23.91 2.12
N MET F 215 -31.05 22.83 2.87
CA MET F 215 -30.19 21.61 2.89
C MET F 215 -30.38 20.82 1.58
N ASP F 216 -31.60 20.80 1.03
CA ASP F 216 -31.93 20.18 -0.28
C ASP F 216 -31.01 20.77 -1.36
N SER F 217 -30.81 22.10 -1.34
CA SER F 217 -30.05 22.86 -2.37
C SER F 217 -28.62 23.17 -1.89
N THR F 218 -28.14 22.49 -0.83
CA THR F 218 -26.73 22.54 -0.35
C THR F 218 -26.05 21.23 -0.71
N PRO F 219 -25.04 21.25 -1.62
CA PRO F 219 -24.46 20.00 -2.15
C PRO F 219 -23.66 19.18 -1.13
N TRP F 220 -23.08 19.82 -0.11
CA TRP F 220 -22.17 19.15 0.87
C TRP F 220 -22.97 18.59 2.07
N VAL F 221 -24.30 18.68 2.06
CA VAL F 221 -25.20 17.94 2.97
C VAL F 221 -25.75 16.73 2.20
N ALA F 222 -25.29 15.52 2.53
CA ALA F 222 -25.61 14.25 1.84
C ALA F 222 -27.05 13.83 2.15
N GLU F 223 -27.48 14.00 3.41
CA GLU F 223 -28.89 13.77 3.85
C GLU F 223 -29.12 14.41 5.22
N TYR F 224 -30.38 14.50 5.64
CA TYR F 224 -30.83 15.00 6.97
C TYR F 224 -32.03 14.18 7.43
N ALA F 225 -32.16 14.02 8.75
CA ALA F 225 -33.14 13.12 9.41
C ALA F 225 -33.95 13.90 10.46
N LEU F 226 -35.19 14.25 10.14
CA LEU F 226 -36.09 15.04 11.02
C LEU F 226 -36.64 14.14 12.12
N PHE F 227 -36.39 14.50 13.39
CA PHE F 227 -36.85 13.76 14.60
C PHE F 227 -38.34 13.99 14.80
N GLY F 228 -39.05 13.00 15.34
CA GLY F 228 -40.44 13.13 15.81
C GLY F 228 -41.30 11.91 15.58
N CYS F 229 -40.99 11.07 14.58
CA CYS F 229 -41.86 9.95 14.13
C CYS F 229 -41.87 8.84 15.21
N MET F 230 -42.64 9.06 16.27
CA MET F 230 -42.91 8.09 17.36
C MET F 230 -44.21 8.49 18.07
N ARG F 231 -44.87 7.52 18.72
CA ARG F 231 -46.22 7.70 19.34
C ARG F 231 -46.11 8.61 20.57
N GLN F 232 -45.10 8.40 21.41
CA GLN F 232 -44.88 9.16 22.68
C GLN F 232 -43.81 10.23 22.45
N MET F 233 -43.71 11.19 23.38
CA MET F 233 -42.59 12.16 23.45
C MET F 233 -41.34 11.40 23.92
N ALA F 234 -40.25 11.47 23.15
CA ALA F 234 -38.92 10.90 23.49
C ALA F 234 -38.54 11.33 24.91
N ASP F 235 -38.78 12.60 25.24
CA ASP F 235 -38.46 13.22 26.56
C ASP F 235 -39.10 14.62 26.62
N ASP F 236 -38.76 15.39 27.67
CA ASP F 236 -39.31 16.75 27.95
C ASP F 236 -38.64 17.80 27.04
N PHE F 237 -37.38 17.59 26.65
CA PHE F 237 -36.56 18.56 25.87
C PHE F 237 -37.23 18.86 24.52
N VAL F 238 -37.73 17.83 23.83
CA VAL F 238 -38.32 17.96 22.46
C VAL F 238 -39.72 18.57 22.54
N SER F 239 -40.20 19.11 21.41
CA SER F 239 -41.50 19.81 21.27
C SER F 239 -42.60 18.82 20.90
N PRO F 240 -43.75 18.84 21.61
CA PRO F 240 -44.93 18.09 21.19
C PRO F 240 -45.53 18.57 19.85
N GLU F 241 -45.23 19.81 19.45
CA GLU F 241 -45.71 20.42 18.18
C GLU F 241 -44.92 19.84 17.00
N ALA F 242 -43.67 19.41 17.23
CA ALA F 242 -42.75 18.89 16.20
C ALA F 242 -42.90 17.37 16.03
N GLN F 243 -43.86 16.75 16.74
CA GLN F 243 -44.20 15.31 16.57
C GLN F 243 -44.57 15.05 15.11
N LEU F 244 -44.02 14.00 14.52
CA LEU F 244 -44.27 13.57 13.11
C LEU F 244 -45.26 12.39 13.11
N MET F 245 -45.67 11.92 14.29
CA MET F 245 -46.65 10.82 14.46
C MET F 245 -47.55 11.11 15.67
N ASN F 246 -48.84 10.78 15.56
CA ASN F 246 -49.86 10.98 16.62
C ASN F 246 -49.86 9.76 17.56
N LYS F 247 -50.56 9.87 18.69
CA LYS F 247 -50.62 8.84 19.78
C LYS F 247 -51.26 7.54 19.28
N ASP F 248 -51.94 7.55 18.13
CA ASP F 248 -52.61 6.35 17.54
C ASP F 248 -51.77 5.76 16.40
N GLY F 249 -50.69 6.44 15.98
CA GLY F 249 -49.74 5.95 14.98
C GLY F 249 -49.93 6.61 13.61
N SER F 250 -51.08 7.25 13.39
CA SER F 250 -51.34 8.11 12.21
C SER F 250 -50.31 9.25 12.18
N PHE F 251 -49.98 9.75 10.99
CA PHE F 251 -48.94 10.78 10.78
C PHE F 251 -49.54 12.18 10.98
N THR F 252 -48.71 13.12 11.44
CA THR F 252 -49.06 14.56 11.59
C THR F 252 -48.89 15.24 10.24
N ASP F 253 -49.38 16.48 10.11
CA ASP F 253 -49.30 17.27 8.86
C ASP F 253 -47.84 17.66 8.59
N LEU F 254 -47.03 17.83 9.65
CA LEU F 254 -45.58 18.12 9.51
C LEU F 254 -44.87 16.93 8.86
N MET F 255 -45.30 15.71 9.17
CA MET F 255 -44.74 14.45 8.61
C MET F 255 -45.11 14.36 7.12
N TRP F 256 -46.38 14.60 6.77
CA TRP F 256 -46.85 14.58 5.36
C TRP F 256 -45.96 15.49 4.52
N LYS F 257 -45.83 16.75 4.94
CA LYS F 257 -45.01 17.79 4.25
C LYS F 257 -43.57 17.32 4.15
N TYR F 258 -43.03 16.73 5.22
CA TYR F 258 -41.64 16.19 5.28
C TYR F 258 -41.45 15.13 4.18
N MET F 259 -42.43 14.25 3.99
CA MET F 259 -42.30 13.02 3.15
C MET F 259 -43.06 13.14 1.82
N SER F 260 -43.61 14.31 1.48
CA SER F 260 -44.42 14.52 0.25
C SER F 260 -43.95 15.74 -0.57
N ASP F 261 -43.47 16.80 0.08
CA ASP F 261 -43.34 18.15 -0.54
C ASP F 261 -41.85 18.51 -0.72
N GLN F 262 -41.43 18.72 -1.98
CA GLN F 262 -40.08 19.22 -2.36
C GLN F 262 -40.24 20.19 -3.54
N PRO F 263 -40.04 21.51 -3.36
CA PRO F 263 -39.74 22.11 -2.06
C PRO F 263 -40.85 21.98 -1.01
N MET F 264 -40.48 22.08 0.27
CA MET F 264 -41.43 22.21 1.42
C MET F 264 -42.03 23.62 1.38
N HIS F 265 -43.28 23.75 1.85
CA HIS F 265 -44.02 25.03 2.00
C HIS F 265 -44.80 25.02 3.32
N ILE F 266 -45.02 26.19 3.92
CA ILE F 266 -45.81 26.37 5.17
C ILE F 266 -47.30 26.21 4.84
N HIS G 20 17.09 -38.79 24.65
CA HIS G 20 17.83 -37.95 23.64
C HIS G 20 17.75 -36.47 24.06
N MET G 21 18.85 -35.72 23.85
CA MET G 21 18.93 -34.26 24.16
C MET G 21 17.86 -33.52 23.36
N VAL G 22 16.86 -32.96 24.06
CA VAL G 22 15.80 -32.10 23.46
C VAL G 22 16.41 -30.71 23.26
N LYS G 23 16.46 -30.23 22.02
CA LYS G 23 17.11 -28.96 21.62
C LYS G 23 16.09 -28.07 20.91
N LYS G 24 15.40 -27.20 21.67
CA LYS G 24 14.41 -26.22 21.14
C LYS G 24 14.43 -24.94 21.98
N ARG G 25 15.62 -24.51 22.41
CA ARG G 25 15.82 -23.27 23.20
C ARG G 25 16.52 -22.22 22.32
N VAL G 26 15.95 -21.01 22.26
CA VAL G 26 16.45 -19.89 21.42
C VAL G 26 17.32 -18.97 22.30
N LEU G 27 18.46 -18.53 21.76
CA LEU G 27 19.32 -17.50 22.38
C LEU G 27 18.88 -16.12 21.86
N LEU G 28 18.11 -15.38 22.67
CA LEU G 28 17.77 -13.96 22.38
C LEU G 28 19.00 -13.10 22.64
N TRP G 29 19.62 -12.58 21.57
CA TRP G 29 20.89 -11.82 21.60
C TRP G 29 20.62 -10.35 21.24
N ASP G 30 20.25 -9.54 22.23
CA ASP G 30 19.93 -8.10 22.08
C ASP G 30 21.15 -7.37 21.50
N TYR G 31 20.92 -6.32 20.71
CA TYR G 31 21.95 -5.60 19.91
C TYR G 31 22.98 -4.92 20.83
N THR G 32 22.61 -4.62 22.08
CA THR G 32 23.50 -4.03 23.12
C THR G 32 24.66 -5.00 23.41
N ASN G 33 24.42 -6.31 23.30
CA ASN G 33 25.46 -7.37 23.40
C ASN G 33 26.43 -7.24 22.23
N THR G 34 25.91 -7.22 21.00
CA THR G 34 26.68 -7.05 19.74
C THR G 34 27.42 -5.70 19.77
N ARG G 35 26.82 -4.68 20.38
CA ARG G 35 27.34 -3.29 20.41
C ARG G 35 28.54 -3.18 21.37
N ASP G 36 28.45 -3.78 22.56
CA ASP G 36 29.40 -3.56 23.68
C ASP G 36 30.21 -4.82 23.99
N VAL G 37 29.60 -6.01 23.98
CA VAL G 37 30.20 -7.27 24.54
C VAL G 37 30.01 -8.44 23.56
N LYS G 38 30.63 -8.36 22.36
CA LYS G 38 30.70 -9.48 21.38
C LYS G 38 31.18 -10.75 22.10
N TRP G 39 32.29 -10.60 22.85
CA TRP G 39 33.07 -11.69 23.50
C TRP G 39 32.16 -12.66 24.28
N ALA G 40 31.04 -12.16 24.83
CA ALA G 40 30.08 -12.95 25.63
C ALA G 40 29.55 -14.14 24.82
N MET G 41 29.42 -14.00 23.50
CA MET G 41 28.90 -15.05 22.59
C MET G 41 29.85 -16.26 22.58
N ASP G 42 31.15 -16.03 22.73
CA ASP G 42 32.19 -17.11 22.78
C ASP G 42 32.07 -17.92 24.06
N LYS G 43 31.38 -17.39 25.09
CA LYS G 43 31.23 -18.03 26.43
C LYS G 43 29.93 -18.84 26.49
N ILE G 44 29.15 -18.91 25.40
CA ILE G 44 27.86 -19.65 25.33
C ILE G 44 28.15 -21.16 25.23
N ASN G 45 27.27 -21.97 25.81
CA ASN G 45 27.30 -23.45 25.77
C ASN G 45 26.55 -23.92 24.52
N PHE G 46 27.28 -24.22 23.44
CA PHE G 46 26.73 -24.64 22.12
C PHE G 46 26.51 -26.16 22.09
N LYS G 47 27.00 -26.88 23.11
CA LYS G 47 26.76 -28.35 23.29
C LYS G 47 25.52 -28.55 24.17
N GLY G 48 24.81 -27.47 24.50
CA GLY G 48 23.58 -27.49 25.35
C GLY G 48 22.32 -27.65 24.52
N PRO G 49 21.13 -27.40 25.11
CA PRO G 49 19.86 -27.48 24.37
C PRO G 49 19.52 -26.19 23.60
N LEU G 50 20.46 -25.23 23.53
CA LEU G 50 20.42 -24.10 22.56
C LEU G 50 20.35 -24.69 21.15
N HIS G 51 19.48 -24.15 20.29
CA HIS G 51 19.21 -24.69 18.92
C HIS G 51 18.97 -23.56 17.90
N SER G 52 18.96 -22.29 18.31
CA SER G 52 18.76 -21.13 17.40
C SER G 52 19.04 -19.80 18.13
N CYS G 53 19.13 -18.71 17.37
CA CYS G 53 19.40 -17.32 17.85
C CYS G 53 18.50 -16.32 17.09
N SER G 54 17.99 -15.30 17.79
CA SER G 54 17.26 -14.14 17.21
C SER G 54 17.71 -12.86 17.93
N ASN G 55 17.58 -11.69 17.30
CA ASN G 55 18.12 -10.40 17.83
C ASN G 55 17.20 -9.22 17.51
N TRP G 56 15.93 -9.45 17.19
CA TRP G 56 14.91 -8.42 16.89
C TRP G 56 15.35 -7.53 15.71
N ASN G 57 16.22 -8.01 14.82
CA ASN G 57 16.78 -7.19 13.71
C ASN G 57 16.87 -8.01 12.43
N THR G 58 17.13 -7.32 11.31
CA THR G 58 17.30 -7.90 9.94
C THR G 58 18.73 -8.44 9.79
N TRP G 59 19.70 -7.78 10.43
CA TRP G 59 21.16 -8.03 10.24
C TRP G 59 21.65 -9.16 11.15
N TYR G 60 22.80 -9.74 10.81
CA TYR G 60 23.37 -10.98 11.42
C TYR G 60 24.32 -10.63 12.55
N PRO G 61 24.21 -11.30 13.73
CA PRO G 61 25.21 -11.16 14.78
C PRO G 61 26.48 -11.93 14.40
N ASP G 62 27.46 -11.24 13.83
CA ASP G 62 28.75 -11.80 13.31
C ASP G 62 29.34 -12.77 14.34
N GLU G 63 29.47 -12.33 15.59
CA GLU G 63 30.13 -13.06 16.71
C GLU G 63 29.56 -14.48 16.85
N LEU G 64 28.29 -14.71 16.46
CA LEU G 64 27.62 -16.04 16.49
C LEU G 64 28.43 -17.04 15.64
N LYS G 65 28.98 -16.58 14.51
CA LYS G 65 29.80 -17.37 13.55
C LYS G 65 29.06 -18.67 13.20
N HIS G 66 27.75 -18.56 12.91
CA HIS G 66 26.87 -19.63 12.36
C HIS G 66 26.90 -20.90 13.20
N ARG G 67 27.15 -20.79 14.52
CA ARG G 67 27.16 -21.93 15.46
C ARG G 67 25.73 -22.36 15.76
N LEU G 68 24.75 -21.49 15.48
CA LEU G 68 23.30 -21.76 15.60
C LEU G 68 22.57 -21.14 14.40
N PRO G 69 21.45 -21.74 13.94
CA PRO G 69 20.62 -21.10 12.91
C PRO G 69 19.99 -19.80 13.47
N PHE G 70 20.20 -18.69 12.76
CA PHE G 70 19.73 -17.33 13.13
C PHE G 70 18.41 -17.05 12.41
N ARG G 71 17.38 -16.62 13.17
CA ARG G 71 16.07 -16.17 12.63
C ARG G 71 16.07 -14.64 12.58
N PRO G 72 16.23 -14.01 11.39
CA PRO G 72 16.09 -12.56 11.26
C PRO G 72 14.64 -12.14 11.49
N MET G 73 14.42 -10.88 11.86
CA MET G 73 13.08 -10.32 12.18
C MET G 73 12.81 -9.08 11.31
N ILE G 74 11.56 -8.96 10.84
CA ILE G 74 10.97 -7.69 10.31
C ILE G 74 10.27 -7.02 11.49
N HIS G 75 11.03 -6.28 12.32
CA HIS G 75 10.59 -5.77 13.65
C HIS G 75 9.33 -4.90 13.49
N GLY G 76 9.44 -3.82 12.71
CA GLY G 76 8.34 -2.88 12.43
C GLY G 76 8.40 -2.36 11.00
N LYS G 77 7.76 -1.20 10.75
CA LYS G 77 7.55 -0.64 9.39
C LYS G 77 8.84 -0.02 8.84
N ASN G 78 9.86 0.19 9.68
CA ASN G 78 11.17 0.77 9.28
C ASN G 78 12.13 -0.35 8.82
N ASN G 79 11.67 -1.61 8.81
CA ASN G 79 12.47 -2.79 8.38
C ASN G 79 11.92 -3.35 7.05
N LEU G 80 11.23 -2.52 6.26
CA LEU G 80 10.57 -2.93 4.98
C LEU G 80 11.25 -2.28 3.77
N THR G 81 12.07 -1.24 3.98
CA THR G 81 12.75 -0.48 2.89
C THR G 81 14.26 -0.43 3.16
N GLY G 82 15.05 -0.09 2.13
CA GLY G 82 16.50 0.16 2.21
C GLY G 82 17.28 -1.08 2.64
N GLY G 83 18.35 -0.86 3.42
CA GLY G 83 19.30 -1.90 3.88
C GLY G 83 18.65 -2.92 4.80
N GLU G 84 17.61 -2.53 5.53
CA GLU G 84 16.84 -3.44 6.43
C GLU G 84 16.20 -4.54 5.59
N TRP G 85 15.54 -4.18 4.48
CA TRP G 85 14.87 -5.14 3.57
C TRP G 85 15.92 -5.96 2.81
N GLN G 86 16.91 -5.29 2.21
CA GLN G 86 18.14 -5.91 1.66
C GLN G 86 18.52 -7.14 2.49
N ASN G 87 18.80 -6.91 3.77
CA ASN G 87 19.27 -7.92 4.76
C ASN G 87 18.32 -9.12 4.77
N ILE G 88 17.01 -8.87 4.69
CA ILE G 88 15.93 -9.90 4.76
C ILE G 88 15.85 -10.65 3.43
N LEU G 89 16.16 -10.00 2.31
CA LEU G 89 16.16 -10.64 0.95
C LEU G 89 17.35 -11.59 0.81
N LYS G 90 18.55 -11.12 1.16
CA LYS G 90 19.84 -11.80 0.82
C LYS G 90 20.15 -12.92 1.83
N THR G 91 19.48 -12.95 2.99
CA THR G 91 19.73 -13.93 4.09
C THR G 91 19.66 -15.36 3.54
N ASN G 92 20.46 -16.27 4.13
CA ASN G 92 20.54 -17.71 3.75
C ASN G 92 19.84 -18.58 4.81
N GLU G 93 19.18 -17.95 5.79
CA GLU G 93 18.57 -18.63 6.96
C GLU G 93 17.13 -19.05 6.59
N GLU G 94 16.61 -20.09 7.26
CA GLU G 94 15.43 -20.88 6.79
C GLU G 94 14.13 -20.32 7.38
N VAL G 95 14.16 -19.68 8.56
CA VAL G 95 12.96 -19.12 9.24
C VAL G 95 13.15 -17.62 9.47
N ILE G 96 12.09 -16.83 9.26
CA ILE G 96 12.07 -15.34 9.38
C ILE G 96 10.85 -14.92 10.22
N HIS G 97 11.04 -14.04 11.19
CA HIS G 97 10.00 -13.49 12.10
C HIS G 97 9.37 -12.23 11.48
N PHE G 98 8.05 -12.07 11.61
CA PHE G 98 7.30 -10.84 11.20
C PHE G 98 7.24 -9.87 12.39
N PHE G 99 6.23 -9.01 12.44
CA PHE G 99 6.20 -7.79 13.30
C PHE G 99 6.23 -8.16 14.79
N ASN G 100 7.07 -7.46 15.55
CA ASN G 100 7.19 -7.56 17.03
C ASN G 100 6.10 -6.70 17.66
N GLU G 101 5.13 -7.32 18.35
CA GLU G 101 4.06 -6.63 19.11
C GLU G 101 3.50 -5.47 18.27
N PRO G 102 2.86 -5.77 17.11
CA PRO G 102 2.33 -4.72 16.23
C PRO G 102 1.17 -3.92 16.85
N GLU G 103 0.42 -4.55 17.77
CA GLU G 103 -0.75 -3.94 18.46
C GLU G 103 -0.29 -2.86 19.45
N ARG G 104 1.02 -2.67 19.61
CA ARG G 104 1.62 -1.63 20.49
C ARG G 104 2.52 -0.66 19.72
N ALA G 105 2.66 -0.85 18.40
CA ALA G 105 3.39 0.08 17.48
C ALA G 105 2.39 0.76 16.54
N GLY G 106 1.09 0.65 16.83
CA GLY G 106 0.00 1.26 16.05
C GLY G 106 -0.10 0.71 14.65
N ILE G 107 0.13 -0.60 14.48
CA ILE G 107 -0.04 -1.36 13.22
C ILE G 107 -1.30 -2.23 13.36
N SER G 108 -2.30 -2.04 12.49
CA SER G 108 -3.58 -2.79 12.50
C SER G 108 -3.37 -4.17 11.87
N PRO G 109 -4.22 -5.17 12.23
CA PRO G 109 -4.22 -6.46 11.53
C PRO G 109 -4.37 -6.33 10.00
N GLU G 110 -5.17 -5.35 9.56
CA GLU G 110 -5.45 -5.06 8.12
C GLU G 110 -4.15 -4.61 7.43
N GLU G 111 -3.39 -3.73 8.08
CA GLU G 111 -2.11 -3.16 7.58
C GLU G 111 -1.06 -4.28 7.48
N ALA G 112 -1.06 -5.21 8.44
CA ALA G 112 -0.09 -6.32 8.56
C ALA G 112 -0.38 -7.39 7.50
N ALA G 113 -1.66 -7.73 7.29
CA ALA G 113 -2.13 -8.71 6.28
C ALA G 113 -1.79 -8.22 4.87
N LYS G 114 -1.79 -6.91 4.65
CA LYS G 114 -1.52 -6.29 3.32
C LYS G 114 -0.01 -6.35 3.02
N ILE G 115 0.84 -5.94 3.97
CA ILE G 115 2.32 -5.95 3.85
C ILE G 115 2.79 -7.40 3.70
N TRP G 116 2.09 -8.33 4.35
CA TRP G 116 2.31 -9.80 4.28
C TRP G 116 2.17 -10.28 2.83
N ASN G 117 1.02 -10.00 2.20
CA ASN G 117 0.70 -10.41 0.80
C ASN G 117 1.55 -9.62 -0.19
N ASP G 118 1.82 -8.34 0.10
CA ASP G 118 2.42 -7.38 -0.88
C ASP G 118 3.94 -7.52 -0.95
N GLN G 119 4.64 -8.01 0.09
CA GLN G 119 6.12 -8.11 0.04
C GLN G 119 6.70 -9.26 0.89
N VAL G 120 6.08 -9.69 1.99
CA VAL G 120 6.68 -10.73 2.89
C VAL G 120 6.47 -12.13 2.30
N LEU G 121 5.29 -12.42 1.73
CA LEU G 121 4.94 -13.76 1.18
C LEU G 121 5.97 -14.19 0.12
N ALA G 122 6.50 -13.23 -0.64
CA ALA G 122 7.54 -13.45 -1.68
C ALA G 122 8.71 -14.25 -1.10
N LEU G 123 9.01 -14.08 0.20
CA LEU G 123 10.10 -14.80 0.91
C LEU G 123 9.80 -16.30 0.97
N ARG G 124 8.53 -16.72 0.87
CA ARG G 124 8.11 -18.14 0.82
C ARG G 124 8.03 -18.62 -0.64
N THR G 125 7.25 -17.93 -1.48
CA THR G 125 6.93 -18.36 -2.87
C THR G 125 8.21 -18.35 -3.71
N SER G 126 9.08 -17.35 -3.53
CA SER G 126 10.26 -17.08 -4.38
C SER G 126 11.56 -17.54 -3.69
N HIS G 127 11.73 -17.26 -2.40
CA HIS G 127 13.00 -17.48 -1.64
C HIS G 127 12.92 -18.72 -0.74
N HIS G 128 11.71 -19.27 -0.53
CA HIS G 128 11.47 -20.56 0.17
C HIS G 128 11.89 -20.49 1.65
N LYS G 129 11.81 -19.30 2.25
CA LYS G 129 11.95 -19.11 3.72
C LYS G 129 10.64 -19.52 4.39
N ARG G 130 10.71 -19.99 5.64
CA ARG G 130 9.51 -20.21 6.50
C ARG G 130 9.25 -18.94 7.31
N LEU G 131 7.99 -18.52 7.41
CA LEU G 131 7.58 -17.22 8.02
C LEU G 131 6.81 -17.48 9.32
N VAL G 132 7.25 -16.83 10.41
CA VAL G 132 6.55 -16.81 11.72
C VAL G 132 5.58 -15.63 11.73
N SER G 133 4.35 -15.84 12.23
CA SER G 133 3.34 -14.77 12.44
C SER G 133 3.93 -13.67 13.31
N PRO G 134 3.37 -12.45 13.30
CA PRO G 134 3.76 -11.43 14.28
C PRO G 134 3.56 -11.97 15.71
N SER G 135 4.52 -11.68 16.60
CA SER G 135 4.48 -12.09 18.03
C SER G 135 3.84 -10.96 18.86
N CYS G 136 2.56 -11.13 19.21
CA CYS G 136 1.76 -10.19 20.04
C CYS G 136 1.89 -10.58 21.52
N ALA G 137 1.62 -9.63 22.42
CA ALA G 137 1.59 -9.83 23.89
C ALA G 137 0.43 -10.77 24.26
N SER G 138 0.40 -11.25 25.50
CA SER G 138 -0.60 -12.22 26.01
C SER G 138 -1.78 -11.52 26.69
N ASP G 139 -1.92 -10.20 26.51
CA ASP G 139 -3.06 -9.40 27.04
C ASP G 139 -4.23 -9.50 26.05
N PRO G 140 -5.49 -9.30 26.53
CA PRO G 140 -6.66 -9.29 25.64
C PRO G 140 -6.46 -8.63 24.26
N ALA G 141 -5.78 -7.48 24.22
CA ALA G 141 -5.47 -6.72 22.99
C ALA G 141 -4.62 -7.56 22.03
N GLY G 142 -3.55 -8.17 22.55
CA GLY G 142 -2.61 -9.02 21.79
C GLY G 142 -3.28 -10.27 21.25
N ILE G 143 -4.12 -10.92 22.06
CA ILE G 143 -4.89 -12.15 21.69
C ILE G 143 -5.84 -11.82 20.53
N ALA G 144 -6.49 -10.65 20.58
CA ALA G 144 -7.49 -10.19 19.59
C ALA G 144 -6.82 -9.80 18.27
N TRP G 145 -5.64 -9.15 18.34
CA TRP G 145 -4.87 -8.69 17.15
C TRP G 145 -4.53 -9.90 16.27
N ILE G 146 -3.88 -10.92 16.85
CA ILE G 146 -3.41 -12.14 16.12
C ILE G 146 -4.61 -12.99 15.72
N LYS G 147 -5.70 -12.97 16.50
CA LYS G 147 -6.98 -13.63 16.15
C LYS G 147 -7.49 -13.06 14.83
N LYS G 148 -7.31 -11.75 14.63
CA LYS G 148 -7.80 -10.98 13.46
C LYS G 148 -6.85 -11.21 12.26
N TRP G 149 -5.54 -11.05 12.48
CA TRP G 149 -4.49 -11.18 11.44
C TRP G 149 -4.56 -12.57 10.80
N MET G 150 -4.70 -13.62 11.63
CA MET G 150 -4.69 -15.05 11.19
C MET G 150 -5.94 -15.35 10.35
N ASN G 151 -7.07 -14.69 10.64
CA ASN G 151 -8.32 -14.80 9.84
C ASN G 151 -8.12 -14.12 8.48
N LEU G 152 -7.50 -12.93 8.48
CA LEU G 152 -7.24 -12.12 7.24
C LEU G 152 -6.36 -12.90 6.26
N VAL G 153 -5.31 -13.58 6.75
CA VAL G 153 -4.25 -14.20 5.91
C VAL G 153 -4.37 -15.74 5.93
N ALA G 154 -5.56 -16.28 6.20
CA ALA G 154 -5.81 -17.74 6.34
C ALA G 154 -5.53 -18.47 5.01
N LYS G 155 -5.66 -17.76 3.88
CA LYS G 155 -5.36 -18.27 2.51
C LYS G 155 -3.85 -18.54 2.38
N ASN G 156 -3.02 -17.71 3.02
CA ASN G 156 -1.54 -17.78 2.99
C ASN G 156 -1.02 -17.72 4.42
N PRO G 157 -1.28 -18.76 5.23
CA PRO G 157 -1.03 -18.69 6.67
C PRO G 157 0.46 -18.78 7.00
N PRO G 158 0.88 -18.39 8.23
CA PRO G 158 2.28 -18.47 8.61
C PRO G 158 2.68 -19.92 8.94
N ASP G 159 3.97 -20.22 8.88
CA ASP G 159 4.54 -21.58 9.13
C ASP G 159 4.58 -21.84 10.63
N TYR G 160 4.60 -20.78 11.44
CA TYR G 160 4.58 -20.82 12.92
C TYR G 160 3.72 -19.67 13.46
N LEU G 161 2.99 -19.91 14.56
CA LEU G 161 2.31 -18.86 15.36
C LEU G 161 3.31 -18.34 16.40
N GLY G 162 3.76 -17.09 16.25
CA GLY G 162 4.65 -16.40 17.20
C GLY G 162 3.87 -15.89 18.41
N LEU G 163 4.35 -16.18 19.63
CA LEU G 163 3.73 -15.73 20.90
C LEU G 163 4.79 -15.11 21.81
N HIS G 164 4.38 -14.12 22.61
CA HIS G 164 5.07 -13.68 23.85
C HIS G 164 4.24 -14.11 25.06
N TRP G 165 4.87 -14.24 26.23
CA TRP G 165 4.18 -14.41 27.53
C TRP G 165 5.11 -13.98 28.67
N TYR G 166 4.62 -13.10 29.54
CA TYR G 166 5.29 -12.64 30.79
C TYR G 166 4.30 -12.75 31.95
N GLY G 167 4.78 -13.10 33.14
CA GLY G 167 3.95 -13.30 34.34
C GLY G 167 4.73 -13.97 35.47
N THR G 168 4.02 -14.54 36.44
CA THR G 168 4.59 -15.08 37.70
C THR G 168 4.16 -16.53 37.93
N LYS G 169 2.99 -16.93 37.44
CA LYS G 169 2.42 -18.31 37.58
C LYS G 169 2.70 -19.09 36.29
N GLY G 170 3.55 -20.12 36.37
CA GLY G 170 3.91 -21.01 35.25
C GLY G 170 2.71 -21.78 34.74
N ASP G 171 1.81 -22.20 35.65
CA ASP G 171 0.53 -22.89 35.32
C ASP G 171 -0.31 -22.03 34.37
N GLU G 172 -0.10 -20.70 34.40
CA GLU G 172 -0.86 -19.70 33.59
C GLU G 172 -0.31 -19.66 32.15
N MET G 173 1.02 -19.64 32.00
CA MET G 173 1.69 -19.66 30.67
C MET G 173 1.31 -20.94 29.93
N ILE G 174 1.16 -22.06 30.64
CA ILE G 174 0.77 -23.39 30.08
C ILE G 174 -0.66 -23.30 29.53
N ARG G 175 -1.62 -22.83 30.33
CA ARG G 175 -3.07 -22.76 29.95
C ARG G 175 -3.26 -21.75 28.82
N TYR G 176 -2.38 -20.74 28.71
CA TYR G 176 -2.36 -19.75 27.60
C TYR G 176 -1.85 -20.43 26.32
N LEU G 177 -0.69 -21.09 26.40
CA LEU G 177 -0.07 -21.85 25.27
C LEU G 177 -1.06 -22.92 24.78
N GLU G 178 -1.68 -23.65 25.71
CA GLU G 178 -2.70 -24.70 25.42
C GLU G 178 -3.92 -24.06 24.76
N SER G 179 -4.40 -22.93 25.29
CA SER G 179 -5.57 -22.17 24.79
C SER G 179 -5.32 -21.70 23.34
N MET G 180 -4.11 -21.17 23.07
CA MET G 180 -3.74 -20.61 21.75
C MET G 180 -3.56 -21.74 20.72
N HIS G 181 -3.19 -22.95 21.16
CA HIS G 181 -2.97 -24.13 20.28
C HIS G 181 -4.32 -24.68 19.79
N LYS G 182 -5.32 -24.78 20.67
CA LYS G 182 -6.70 -25.20 20.29
C LYS G 182 -7.30 -24.14 19.34
N GLU G 183 -7.06 -22.87 19.64
CA GLU G 183 -7.60 -21.69 18.89
C GLU G 183 -6.98 -21.63 17.50
N HIS G 184 -5.65 -21.80 17.40
CA HIS G 184 -4.85 -21.77 16.14
C HIS G 184 -4.15 -23.10 15.96
N PRO G 185 -4.85 -24.17 15.50
CA PRO G 185 -4.34 -25.54 15.56
C PRO G 185 -3.69 -26.12 14.28
N HIS G 186 -3.28 -25.27 13.33
CA HIS G 186 -2.79 -25.69 11.98
C HIS G 186 -1.26 -25.75 11.95
N GLN G 187 -0.59 -24.69 12.40
CA GLN G 187 0.89 -24.56 12.42
C GLN G 187 1.39 -24.72 13.86
N PRO G 188 2.68 -25.10 14.08
CA PRO G 188 3.26 -25.14 15.42
C PRO G 188 3.41 -23.73 16.01
N ILE G 189 3.80 -23.65 17.29
CA ILE G 189 3.99 -22.37 18.05
C ILE G 189 5.49 -22.14 18.27
N ILE G 190 5.95 -20.89 18.08
CA ILE G 190 7.26 -20.38 18.56
C ILE G 190 7.00 -19.32 19.64
N VAL G 191 7.44 -19.57 20.87
CA VAL G 191 7.43 -18.59 22.00
C VAL G 191 8.67 -17.70 21.85
N SER G 192 8.56 -16.62 21.06
CA SER G 192 9.70 -15.77 20.61
C SER G 192 10.19 -14.86 21.74
N GLU G 193 9.40 -14.68 22.79
CA GLU G 193 9.78 -13.96 24.04
C GLU G 193 8.99 -14.52 25.22
N TRP G 194 9.67 -14.87 26.31
CA TRP G 194 9.02 -15.27 27.59
C TRP G 194 10.02 -15.16 28.75
N ALA G 195 9.49 -15.00 29.97
CA ALA G 195 10.25 -14.86 31.23
C ALA G 195 9.27 -14.77 32.40
N SER G 196 9.71 -15.16 33.60
CA SER G 196 9.03 -14.84 34.88
C SER G 196 9.28 -13.36 35.21
N THR G 197 8.23 -12.62 35.58
CA THR G 197 8.29 -11.20 35.99
C THR G 197 8.30 -11.08 37.52
N SER G 198 8.29 -12.22 38.22
CA SER G 198 8.36 -12.29 39.71
C SER G 198 9.68 -11.65 40.18
N ARG G 199 9.62 -10.85 41.24
CA ARG G 199 10.81 -10.21 41.88
C ARG G 199 11.40 -11.17 42.93
N SER G 200 10.71 -12.27 43.21
CA SER G 200 11.19 -13.39 44.07
C SER G 200 11.96 -14.40 43.18
N TYR G 201 13.26 -14.57 43.43
CA TYR G 201 14.16 -15.37 42.55
C TYR G 201 13.74 -16.84 42.52
N PRO G 202 13.44 -17.48 43.68
CA PRO G 202 12.99 -18.88 43.68
C PRO G 202 11.78 -19.10 42.76
N ASP G 203 10.89 -18.11 42.67
CA ASP G 203 9.65 -18.14 41.84
C ASP G 203 10.01 -17.99 40.36
N VAL G 204 11.02 -17.15 40.04
CA VAL G 204 11.58 -17.00 38.67
C VAL G 204 12.13 -18.35 38.21
N LEU G 205 12.98 -18.97 39.05
CA LEU G 205 13.63 -20.27 38.78
C LEU G 205 12.56 -21.35 38.60
N GLY G 206 11.60 -21.44 39.53
CA GLY G 206 10.51 -22.44 39.54
C GLY G 206 9.71 -22.42 38.25
N LEU G 207 9.31 -21.23 37.79
CA LEU G 207 8.53 -21.03 36.54
C LEU G 207 9.40 -21.39 35.33
N THR G 208 10.59 -20.79 35.22
CA THR G 208 11.58 -20.99 34.13
C THR G 208 11.83 -22.49 33.94
N VAL G 209 12.08 -23.21 35.05
CA VAL G 209 12.36 -24.68 35.07
C VAL G 209 11.11 -25.44 34.61
N GLN G 210 9.95 -25.12 35.18
CA GLN G 210 8.65 -25.81 34.91
C GLN G 210 8.34 -25.75 33.41
N LEU G 211 8.52 -24.58 32.78
CA LEU G 211 8.06 -24.30 31.39
C LEU G 211 9.07 -24.84 30.37
N ALA G 212 10.37 -24.66 30.63
CA ALA G 212 11.47 -25.25 29.82
C ALA G 212 11.22 -26.75 29.66
N ASN G 213 10.87 -27.42 30.77
CA ASN G 213 10.63 -28.89 30.81
C ASN G 213 9.30 -29.23 30.14
N TRP G 214 8.22 -28.50 30.45
CA TRP G 214 6.86 -28.75 29.87
C TRP G 214 6.90 -28.60 28.35
N MET G 215 7.54 -27.54 27.85
CA MET G 215 7.58 -27.19 26.40
C MET G 215 8.48 -28.17 25.64
N ASP G 216 9.60 -28.59 26.25
CA ASP G 216 10.53 -29.64 25.72
C ASP G 216 9.74 -30.90 25.39
N SER G 217 8.79 -31.29 26.26
CA SER G 217 8.02 -32.57 26.18
C SER G 217 6.70 -32.37 25.44
N THR G 218 6.46 -31.18 24.89
CA THR G 218 5.24 -30.82 24.09
C THR G 218 5.63 -30.63 22.63
N PRO G 219 5.12 -31.48 21.69
CA PRO G 219 5.59 -31.45 20.30
C PRO G 219 5.23 -30.17 19.53
N TRP G 220 4.06 -29.59 19.78
CA TRP G 220 3.49 -28.46 18.98
C TRP G 220 4.16 -27.12 19.36
N VAL G 221 5.12 -27.12 20.28
CA VAL G 221 6.06 -25.98 20.52
C VAL G 221 7.36 -26.27 19.76
N ALA G 222 7.60 -25.53 18.67
CA ALA G 222 8.80 -25.68 17.81
C ALA G 222 10.05 -25.26 18.59
N GLU G 223 10.03 -24.07 19.19
CA GLU G 223 11.13 -23.54 20.03
C GLU G 223 10.58 -22.47 20.99
N TYR G 224 11.35 -22.15 22.04
CA TYR G 224 11.01 -21.14 23.07
C TYR G 224 12.26 -20.33 23.42
N ALA G 225 12.08 -19.02 23.66
CA ALA G 225 13.16 -18.00 23.72
C ALA G 225 13.06 -17.19 25.03
N LEU G 226 13.86 -17.56 26.05
CA LEU G 226 13.85 -16.92 27.39
C LEU G 226 14.48 -15.52 27.29
N PHE G 227 13.77 -14.50 27.78
CA PHE G 227 14.18 -13.07 27.76
C PHE G 227 15.11 -12.77 28.94
N GLY G 228 16.07 -11.88 28.75
CA GLY G 228 16.86 -11.27 29.84
C GLY G 228 18.37 -11.23 29.60
N CYS G 229 18.88 -11.82 28.50
CA CYS G 229 20.33 -11.87 28.22
C CYS G 229 20.80 -10.52 27.67
N MET G 230 21.00 -9.56 28.59
CA MET G 230 21.45 -8.16 28.29
C MET G 230 21.90 -7.51 29.61
N ARG G 231 22.89 -6.60 29.53
CA ARG G 231 23.54 -5.95 30.71
C ARG G 231 22.49 -5.13 31.49
N GLN G 232 21.96 -4.08 30.86
CA GLN G 232 20.96 -3.15 31.48
C GLN G 232 19.57 -3.78 31.40
N MET G 233 18.65 -3.31 32.24
CA MET G 233 17.22 -3.72 32.23
C MET G 233 16.54 -3.12 31.00
N ALA G 234 15.78 -3.93 30.26
CA ALA G 234 15.06 -3.55 29.02
C ALA G 234 14.12 -2.38 29.33
N ASP G 235 13.41 -2.45 30.46
CA ASP G 235 12.37 -1.49 30.89
C ASP G 235 12.15 -1.67 32.40
N ASP G 236 11.02 -1.22 32.94
CA ASP G 236 10.64 -1.37 34.37
C ASP G 236 9.75 -2.60 34.57
N PHE G 237 9.23 -3.18 33.48
CA PHE G 237 8.25 -4.31 33.52
C PHE G 237 8.98 -5.61 33.88
N VAL G 238 10.06 -5.95 33.18
CA VAL G 238 10.85 -7.21 33.36
C VAL G 238 11.51 -7.20 34.74
N SER G 239 11.71 -8.40 35.32
CA SER G 239 12.30 -8.61 36.66
C SER G 239 13.81 -8.55 36.59
N PRO G 240 14.49 -7.77 37.47
CA PRO G 240 15.96 -7.83 37.58
C PRO G 240 16.48 -9.18 38.05
N GLU G 241 15.62 -10.01 38.65
CA GLU G 241 15.94 -11.37 39.15
C GLU G 241 15.92 -12.38 37.99
N ALA G 242 15.25 -12.05 36.88
CA ALA G 242 15.10 -12.90 35.68
C ALA G 242 16.20 -12.58 34.64
N GLN G 243 17.14 -11.69 34.97
CA GLN G 243 18.29 -11.33 34.10
C GLN G 243 19.14 -12.58 33.85
N LEU G 244 19.63 -12.74 32.62
CA LEU G 244 20.49 -13.85 32.17
C LEU G 244 21.95 -13.37 32.03
N MET G 245 22.18 -12.05 32.12
CA MET G 245 23.51 -11.41 32.04
C MET G 245 23.66 -10.41 33.19
N ASN G 246 24.84 -10.35 33.80
CA ASN G 246 25.22 -9.34 34.82
C ASN G 246 25.74 -8.09 34.11
N LYS G 247 25.93 -7.00 34.83
CA LYS G 247 26.27 -5.65 34.28
C LYS G 247 27.69 -5.65 33.69
N ASP G 248 28.54 -6.62 34.06
CA ASP G 248 29.93 -6.77 33.53
C ASP G 248 29.90 -7.47 32.17
N GLY G 249 28.86 -8.27 31.90
CA GLY G 249 28.70 -9.06 30.66
C GLY G 249 28.72 -10.55 30.93
N SER G 250 29.14 -10.96 32.12
CA SER G 250 29.12 -12.36 32.62
C SER G 250 27.68 -12.86 32.68
N PHE G 251 27.48 -14.18 32.66
CA PHE G 251 26.15 -14.84 32.65
C PHE G 251 25.72 -15.17 34.09
N THR G 252 24.40 -15.21 34.30
CA THR G 252 23.75 -15.59 35.59
C THR G 252 23.61 -17.12 35.63
N ASP G 253 23.32 -17.67 36.82
CA ASP G 253 23.09 -19.12 37.03
C ASP G 253 21.83 -19.54 36.28
N LEU G 254 20.83 -18.65 36.19
CA LEU G 254 19.57 -18.86 35.42
C LEU G 254 19.94 -19.08 33.94
N MET G 255 20.86 -18.27 33.41
CA MET G 255 21.34 -18.36 32.00
C MET G 255 22.08 -19.69 31.81
N TRP G 256 22.96 -20.04 32.75
CA TRP G 256 23.71 -21.32 32.71
C TRP G 256 22.72 -22.48 32.59
N LYS G 257 21.83 -22.62 33.57
CA LYS G 257 20.83 -23.72 33.67
C LYS G 257 19.98 -23.76 32.40
N TYR G 258 19.67 -22.59 31.83
CA TYR G 258 18.88 -22.45 30.57
C TYR G 258 19.66 -23.05 29.40
N MET G 259 20.96 -22.71 29.27
CA MET G 259 21.78 -23.03 28.08
C MET G 259 22.62 -24.30 28.29
N SER G 260 22.39 -25.07 29.36
CA SER G 260 23.20 -26.26 29.74
C SER G 260 22.34 -27.47 30.09
N ASP G 261 21.30 -27.31 30.92
CA ASP G 261 20.57 -28.42 31.58
C ASP G 261 19.30 -28.78 30.79
N GLN G 262 19.11 -30.07 30.49
CA GLN G 262 17.82 -30.67 30.03
C GLN G 262 17.73 -32.10 30.55
N PRO G 263 16.78 -32.42 31.47
CA PRO G 263 15.83 -31.45 32.02
C PRO G 263 16.50 -30.34 32.85
N MET G 264 15.92 -29.15 32.86
CA MET G 264 16.26 -28.06 33.81
C MET G 264 15.89 -28.52 35.22
N HIS G 265 16.71 -28.19 36.22
CA HIS G 265 16.48 -28.47 37.66
C HIS G 265 16.56 -27.17 38.46
N ILE G 266 15.83 -27.09 39.57
CA ILE G 266 15.74 -25.88 40.44
C ILE G 266 17.02 -25.79 41.30
N HIS H 20 -50.95 -46.72 18.27
CA HIS H 20 -49.70 -45.94 18.52
C HIS H 20 -48.79 -46.02 17.28
N MET H 21 -48.87 -45.02 16.38
CA MET H 21 -48.06 -45.00 15.14
C MET H 21 -46.60 -44.73 15.49
N VAL H 22 -45.70 -45.57 14.98
CA VAL H 22 -44.22 -45.46 15.16
C VAL H 22 -43.69 -44.53 14.06
N LYS H 23 -42.84 -43.57 14.43
CA LYS H 23 -42.39 -42.47 13.53
C LYS H 23 -40.88 -42.26 13.69
N LYS H 24 -40.07 -42.98 12.93
CA LYS H 24 -38.58 -42.88 12.92
C LYS H 24 -38.06 -42.49 11.53
N ARG H 25 -38.92 -42.41 10.52
CA ARG H 25 -38.51 -42.39 9.08
C ARG H 25 -38.05 -40.98 8.71
N VAL H 26 -36.83 -40.85 8.17
CA VAL H 26 -36.21 -39.56 7.73
C VAL H 26 -36.58 -39.32 6.26
N LEU H 27 -36.91 -38.08 5.90
CA LEU H 27 -37.07 -37.61 4.50
C LEU H 27 -35.73 -37.05 4.02
N LEU H 28 -34.97 -37.85 3.27
CA LEU H 28 -33.73 -37.40 2.59
C LEU H 28 -34.12 -36.49 1.42
N TRP H 29 -33.75 -35.21 1.49
CA TRP H 29 -34.12 -34.17 0.49
C TRP H 29 -32.85 -33.65 -0.18
N ASP H 30 -32.41 -34.31 -1.26
CA ASP H 30 -31.23 -33.93 -2.07
C ASP H 30 -31.43 -32.49 -2.57
N TYR H 31 -30.33 -31.73 -2.73
CA TYR H 31 -30.34 -30.27 -3.01
C TYR H 31 -30.87 -29.99 -4.43
N THR H 32 -30.88 -30.99 -5.31
CA THR H 32 -31.45 -30.89 -6.68
C THR H 32 -32.97 -30.69 -6.59
N ASN H 33 -33.60 -31.27 -5.56
CA ASN H 33 -35.05 -31.07 -5.26
C ASN H 33 -35.28 -29.60 -4.88
N THR H 34 -34.39 -29.02 -4.06
CA THR H 34 -34.41 -27.60 -3.64
C THR H 34 -34.15 -26.71 -4.87
N ARG H 35 -33.24 -27.12 -5.75
CA ARG H 35 -32.75 -26.34 -6.92
C ARG H 35 -33.82 -26.30 -8.02
N ASP H 36 -34.54 -27.40 -8.24
CA ASP H 36 -35.42 -27.61 -9.42
C ASP H 36 -36.89 -27.65 -9.01
N VAL H 37 -37.26 -28.57 -8.11
CA VAL H 37 -38.68 -28.96 -7.86
C VAL H 37 -39.00 -28.81 -6.36
N LYS H 38 -38.80 -27.61 -5.81
CA LYS H 38 -39.25 -27.18 -4.45
C LYS H 38 -40.64 -27.74 -4.17
N TRP H 39 -41.57 -27.49 -5.11
CA TRP H 39 -43.04 -27.70 -5.00
C TRP H 39 -43.35 -29.13 -4.49
N ALA H 40 -42.49 -30.10 -4.73
CA ALA H 40 -42.68 -31.53 -4.38
C ALA H 40 -42.69 -31.71 -2.85
N MET H 41 -42.01 -30.84 -2.10
CA MET H 41 -41.96 -30.87 -0.61
C MET H 41 -43.39 -30.70 -0.04
N ASP H 42 -44.22 -29.88 -0.71
CA ASP H 42 -45.61 -29.59 -0.27
C ASP H 42 -46.52 -30.79 -0.54
N LYS H 43 -46.10 -31.72 -1.40
CA LYS H 43 -46.86 -32.96 -1.74
C LYS H 43 -46.51 -34.09 -0.77
N ILE H 44 -45.51 -33.90 0.11
CA ILE H 44 -45.11 -34.87 1.17
C ILE H 44 -46.31 -35.10 2.11
N ASN H 45 -46.47 -36.34 2.58
CA ASN H 45 -47.45 -36.74 3.63
C ASN H 45 -46.77 -36.56 5.00
N PHE H 46 -47.30 -35.65 5.82
CA PHE H 46 -46.68 -35.21 7.11
C PHE H 46 -47.44 -35.79 8.32
N LYS H 47 -48.54 -36.51 8.08
CA LYS H 47 -49.38 -37.13 9.15
C LYS H 47 -49.12 -38.63 9.22
N GLY H 48 -48.29 -39.17 8.30
CA GLY H 48 -47.73 -40.54 8.37
C GLY H 48 -46.47 -40.57 9.24
N PRO H 49 -45.62 -41.62 9.12
CA PRO H 49 -44.46 -41.77 9.99
C PRO H 49 -43.14 -41.13 9.53
N LEU H 50 -43.17 -40.04 8.76
CA LEU H 50 -42.01 -39.11 8.62
C LEU H 50 -41.90 -38.32 9.92
N HIS H 51 -40.68 -38.13 10.44
CA HIS H 51 -40.44 -37.42 11.73
C HIS H 51 -39.18 -36.54 11.70
N SER H 52 -38.44 -36.50 10.58
CA SER H 52 -37.22 -35.65 10.43
C SER H 52 -36.76 -35.64 8.97
N CYS H 53 -35.74 -34.82 8.67
CA CYS H 53 -35.25 -34.52 7.29
C CYS H 53 -33.78 -34.08 7.34
N SER H 54 -32.97 -34.58 6.39
CA SER H 54 -31.57 -34.13 6.14
C SER H 54 -31.39 -33.92 4.64
N ASN H 55 -30.39 -33.12 4.24
CA ASN H 55 -30.12 -32.75 2.82
C ASN H 55 -28.62 -32.78 2.52
N TRP H 56 -27.83 -33.52 3.31
CA TRP H 56 -26.35 -33.67 3.17
C TRP H 56 -25.66 -32.30 3.18
N ASN H 57 -26.29 -31.25 3.74
CA ASN H 57 -25.78 -29.86 3.68
C ASN H 57 -25.95 -29.16 5.03
N THR H 58 -25.20 -28.07 5.24
CA THR H 58 -25.22 -27.19 6.43
C THR H 58 -26.51 -26.35 6.44
N TRP H 59 -26.94 -25.89 5.27
CA TRP H 59 -28.05 -24.91 5.10
C TRP H 59 -29.41 -25.61 5.19
N TYR H 60 -30.46 -24.83 5.45
CA TYR H 60 -31.85 -25.29 5.73
C TYR H 60 -32.67 -25.29 4.45
N PRO H 61 -33.39 -26.38 4.12
CA PRO H 61 -34.32 -26.39 2.99
C PRO H 61 -35.63 -25.66 3.36
N ASP H 62 -35.77 -24.41 2.89
CA ASP H 62 -36.86 -23.47 3.27
C ASP H 62 -38.23 -24.09 3.01
N GLU H 63 -38.38 -24.82 1.90
CA GLU H 63 -39.66 -25.44 1.44
C GLU H 63 -40.25 -26.33 2.54
N LEU H 64 -39.41 -26.90 3.41
CA LEU H 64 -39.84 -27.77 4.54
C LEU H 64 -40.76 -26.99 5.49
N LYS H 65 -40.49 -25.69 5.68
CA LYS H 65 -41.28 -24.76 6.54
C LYS H 65 -41.40 -25.33 7.96
N HIS H 66 -40.35 -25.99 8.46
CA HIS H 66 -40.26 -26.59 9.82
C HIS H 66 -41.45 -27.52 10.09
N ARG H 67 -41.96 -28.20 9.05
CA ARG H 67 -43.03 -29.24 9.19
C ARG H 67 -42.42 -30.50 9.81
N LEU H 68 -41.09 -30.64 9.75
CA LEU H 68 -40.31 -31.72 10.43
C LEU H 68 -39.02 -31.13 10.99
N PRO H 69 -38.44 -31.74 12.04
CA PRO H 69 -37.09 -31.36 12.50
C PRO H 69 -36.05 -31.68 11.42
N PHE H 70 -35.14 -30.73 11.17
CA PHE H 70 -34.06 -30.84 10.16
C PHE H 70 -32.72 -31.06 10.88
N ARG H 71 -31.96 -32.06 10.44
CA ARG H 71 -30.55 -32.30 10.90
C ARG H 71 -29.61 -31.72 9.86
N PRO H 72 -28.93 -30.58 10.15
CA PRO H 72 -27.81 -30.13 9.32
C PRO H 72 -26.70 -31.19 9.33
N MET H 73 -25.84 -31.17 8.32
CA MET H 73 -24.69 -32.11 8.19
C MET H 73 -23.44 -31.33 7.77
N ILE H 74 -22.34 -31.53 8.49
CA ILE H 74 -20.97 -31.07 8.09
C ILE H 74 -20.40 -32.15 7.16
N HIS H 75 -20.62 -32.00 5.85
CA HIS H 75 -20.41 -33.06 4.81
C HIS H 75 -18.94 -33.46 4.75
N GLY H 76 -18.05 -32.50 4.46
CA GLY H 76 -16.59 -32.71 4.35
C GLY H 76 -15.80 -31.52 4.87
N LYS H 77 -14.50 -31.48 4.59
CA LYS H 77 -13.55 -30.42 5.05
C LYS H 77 -14.04 -29.04 4.58
N ASN H 78 -14.67 -28.99 3.40
CA ASN H 78 -15.14 -27.74 2.74
C ASN H 78 -16.27 -27.07 3.54
N ASN H 79 -16.84 -27.75 4.55
CA ASN H 79 -18.01 -27.28 5.34
C ASN H 79 -17.58 -26.82 6.74
N LEU H 80 -16.30 -26.53 6.96
CA LEU H 80 -15.70 -26.25 8.29
C LEU H 80 -15.36 -24.76 8.44
N THR H 81 -15.60 -23.94 7.42
CA THR H 81 -15.10 -22.54 7.32
C THR H 81 -16.14 -21.63 6.67
N GLY H 82 -15.98 -20.31 6.85
CA GLY H 82 -16.82 -19.26 6.26
C GLY H 82 -18.30 -19.49 6.53
N GLY H 83 -19.14 -19.25 5.52
CA GLY H 83 -20.61 -19.29 5.60
C GLY H 83 -21.14 -20.68 5.96
N GLU H 84 -20.49 -21.74 5.47
CA GLU H 84 -20.89 -23.15 5.71
C GLU H 84 -20.87 -23.43 7.22
N TRP H 85 -19.78 -23.06 7.90
CA TRP H 85 -19.65 -23.22 9.38
C TRP H 85 -20.64 -22.31 10.09
N GLN H 86 -20.79 -21.08 9.59
CA GLN H 86 -21.73 -20.04 10.11
C GLN H 86 -23.15 -20.62 10.22
N ASN H 87 -23.55 -21.44 9.23
CA ASN H 87 -24.88 -22.11 9.17
C ASN H 87 -25.03 -23.09 10.35
N ILE H 88 -23.95 -23.81 10.70
CA ILE H 88 -23.94 -24.81 11.81
C ILE H 88 -24.01 -24.07 13.15
N LEU H 89 -23.21 -23.01 13.33
CA LEU H 89 -23.11 -22.23 14.59
C LEU H 89 -24.47 -21.63 14.96
N LYS H 90 -25.32 -21.34 13.97
CA LYS H 90 -26.56 -20.52 14.13
C LYS H 90 -27.82 -21.39 14.14
N THR H 91 -27.75 -22.67 13.75
CA THR H 91 -28.94 -23.56 13.63
C THR H 91 -29.66 -23.66 15.00
N ASN H 92 -31.00 -23.69 14.98
CA ASN H 92 -31.87 -23.90 16.16
C ASN H 92 -32.28 -25.38 16.25
N GLU H 93 -31.89 -26.19 15.25
CA GLU H 93 -32.20 -27.64 15.19
C GLU H 93 -31.28 -28.38 16.18
N GLU H 94 -31.71 -29.55 16.65
CA GLU H 94 -31.16 -30.21 17.88
C GLU H 94 -30.05 -31.21 17.53
N VAL H 95 -30.10 -31.85 16.36
CA VAL H 95 -29.17 -32.95 15.95
C VAL H 95 -28.37 -32.52 14.71
N ILE H 96 -27.04 -32.69 14.74
CA ILE H 96 -26.10 -32.36 13.63
C ILE H 96 -25.35 -33.63 13.23
N HIS H 97 -25.25 -33.91 11.92
CA HIS H 97 -24.46 -35.02 11.32
C HIS H 97 -23.03 -34.54 11.02
N PHE H 98 -22.04 -35.40 11.28
CA PHE H 98 -20.61 -35.15 10.91
C PHE H 98 -20.37 -35.72 9.51
N PHE H 99 -19.10 -36.00 9.15
CA PHE H 99 -18.63 -36.21 7.75
C PHE H 99 -19.39 -37.38 7.10
N ASN H 100 -19.72 -37.23 5.81
CA ASN H 100 -20.39 -38.27 4.98
C ASN H 100 -19.30 -39.11 4.30
N GLU H 101 -19.31 -40.43 4.55
CA GLU H 101 -18.36 -41.43 3.99
C GLU H 101 -16.99 -40.79 3.80
N PRO H 102 -16.30 -40.40 4.90
CA PRO H 102 -15.01 -39.71 4.80
C PRO H 102 -13.85 -40.63 4.37
N GLU H 103 -14.06 -41.96 4.45
CA GLU H 103 -13.10 -42.99 3.99
C GLU H 103 -12.97 -42.92 2.46
N ARG H 104 -14.03 -42.47 1.77
CA ARG H 104 -14.09 -42.35 0.28
C ARG H 104 -13.84 -40.89 -0.14
N ALA H 105 -13.38 -40.03 0.79
CA ALA H 105 -13.13 -38.59 0.56
C ALA H 105 -11.71 -38.19 1.00
N GLY H 106 -10.89 -39.14 1.48
CA GLY H 106 -9.47 -38.92 1.81
C GLY H 106 -9.26 -38.41 3.22
N ILE H 107 -10.33 -38.19 3.98
CA ILE H 107 -10.29 -37.77 5.42
C ILE H 107 -9.91 -39.00 6.25
N SER H 108 -8.84 -38.91 7.04
CA SER H 108 -8.37 -39.97 7.98
C SER H 108 -9.14 -39.87 9.29
N PRO H 109 -9.27 -40.97 10.07
CA PRO H 109 -9.80 -40.90 11.43
C PRO H 109 -8.98 -39.96 12.33
N GLU H 110 -7.67 -39.85 12.06
CA GLU H 110 -6.72 -38.92 12.74
C GLU H 110 -7.19 -37.48 12.51
N GLU H 111 -7.30 -37.08 11.24
CA GLU H 111 -7.78 -35.75 10.79
C GLU H 111 -9.14 -35.43 11.44
N ALA H 112 -10.06 -36.39 11.42
CA ALA H 112 -11.48 -36.22 11.80
C ALA H 112 -11.61 -36.07 13.33
N ALA H 113 -10.87 -36.88 14.10
CA ALA H 113 -10.83 -36.83 15.58
C ALA H 113 -10.31 -35.47 16.04
N LYS H 114 -9.36 -34.89 15.29
CA LYS H 114 -8.75 -33.57 15.58
C LYS H 114 -9.79 -32.46 15.37
N ILE H 115 -10.35 -32.39 14.16
CA ILE H 115 -11.41 -31.40 13.76
C ILE H 115 -12.59 -31.50 14.72
N TRP H 116 -12.93 -32.72 15.16
CA TRP H 116 -14.01 -33.03 16.13
C TRP H 116 -13.75 -32.32 17.47
N ASN H 117 -12.57 -32.51 18.04
CA ASN H 117 -12.15 -31.91 19.34
C ASN H 117 -11.94 -30.40 19.17
N ASP H 118 -11.42 -29.97 18.03
CA ASP H 118 -10.89 -28.59 17.81
C ASP H 118 -12.03 -27.61 17.49
N GLN H 119 -13.15 -28.05 16.93
CA GLN H 119 -14.24 -27.12 16.48
C GLN H 119 -15.65 -27.74 16.62
N VAL H 120 -15.84 -29.05 16.45
CA VAL H 120 -17.19 -29.68 16.41
C VAL H 120 -17.75 -29.82 17.83
N LEU H 121 -16.94 -30.32 18.78
CA LEU H 121 -17.41 -30.68 20.16
C LEU H 121 -18.08 -29.49 20.83
N ALA H 122 -17.56 -28.27 20.61
CA ALA H 122 -18.12 -27.00 21.13
C ALA H 122 -19.64 -26.98 20.96
N LEU H 123 -20.15 -27.54 19.86
CA LEU H 123 -21.59 -27.53 19.49
C LEU H 123 -22.43 -28.27 20.54
N ARG H 124 -21.84 -29.21 21.29
CA ARG H 124 -22.53 -29.91 22.42
C ARG H 124 -22.28 -29.16 23.73
N THR H 125 -21.02 -28.98 24.10
CA THR H 125 -20.59 -28.40 25.41
C THR H 125 -21.17 -26.98 25.56
N SER H 126 -21.23 -26.22 24.46
CA SER H 126 -21.56 -24.77 24.44
C SER H 126 -22.98 -24.53 23.91
N HIS H 127 -23.35 -25.14 22.77
CA HIS H 127 -24.62 -24.88 22.04
C HIS H 127 -25.65 -25.99 22.30
N HIS H 128 -25.28 -27.03 23.06
CA HIS H 128 -26.18 -28.12 23.54
C HIS H 128 -26.87 -28.81 22.36
N LYS H 129 -26.09 -29.16 21.33
CA LYS H 129 -26.52 -29.99 20.16
C LYS H 129 -26.10 -31.43 20.40
N ARG H 130 -26.92 -32.39 19.97
CA ARG H 130 -26.58 -33.84 19.93
C ARG H 130 -25.90 -34.14 18.59
N LEU H 131 -24.76 -34.83 18.62
CA LEU H 131 -23.88 -35.02 17.44
C LEU H 131 -23.94 -36.48 16.97
N VAL H 132 -24.15 -36.68 15.67
CA VAL H 132 -24.11 -38.01 14.98
C VAL H 132 -22.69 -38.21 14.45
N SER H 133 -22.13 -39.41 14.61
CA SER H 133 -20.80 -39.80 14.09
C SER H 133 -20.77 -39.62 12.57
N PRO H 134 -19.58 -39.58 11.94
CA PRO H 134 -19.49 -39.69 10.49
C PRO H 134 -20.15 -41.01 10.03
N SER H 135 -21.03 -40.94 9.03
CA SER H 135 -21.75 -42.09 8.44
C SER H 135 -20.87 -42.73 7.36
N CYS H 136 -20.33 -43.93 7.64
CA CYS H 136 -19.43 -44.70 6.74
C CYS H 136 -20.23 -45.79 6.02
N ALA H 137 -19.71 -46.23 4.86
CA ALA H 137 -20.24 -47.38 4.08
C ALA H 137 -20.08 -48.67 4.88
N SER H 138 -20.88 -49.68 4.58
CA SER H 138 -20.93 -50.99 5.30
C SER H 138 -19.88 -51.96 4.75
N ASP H 139 -19.00 -51.50 3.84
CA ASP H 139 -17.86 -52.28 3.31
C ASP H 139 -16.74 -52.29 4.36
N PRO H 140 -15.81 -53.27 4.33
CA PRO H 140 -14.74 -53.36 5.32
C PRO H 140 -13.93 -52.08 5.57
N ALA H 141 -13.76 -51.23 4.53
CA ALA H 141 -13.03 -49.94 4.59
C ALA H 141 -13.71 -49.01 5.61
N GLY H 142 -15.04 -48.99 5.63
CA GLY H 142 -15.86 -48.09 6.48
C GLY H 142 -16.04 -48.63 7.88
N ILE H 143 -16.38 -49.92 8.02
CA ILE H 143 -16.49 -50.64 9.33
C ILE H 143 -15.22 -50.35 10.14
N ALA H 144 -14.07 -50.34 9.46
CA ALA H 144 -12.72 -50.10 10.04
C ALA H 144 -12.52 -48.61 10.35
N TRP H 145 -12.89 -47.71 9.42
CA TRP H 145 -12.73 -46.24 9.59
C TRP H 145 -13.46 -45.81 10.87
N ILE H 146 -14.74 -46.17 10.99
CA ILE H 146 -15.61 -45.77 12.14
C ILE H 146 -15.04 -46.40 13.42
N LYS H 147 -14.61 -47.66 13.36
CA LYS H 147 -14.05 -48.41 14.52
C LYS H 147 -12.87 -47.64 15.12
N LYS H 148 -11.99 -47.09 14.27
CA LYS H 148 -10.78 -46.33 14.70
C LYS H 148 -11.20 -44.96 15.25
N TRP H 149 -12.03 -44.22 14.51
CA TRP H 149 -12.47 -42.85 14.89
C TRP H 149 -13.21 -42.88 16.23
N MET H 150 -14.07 -43.89 16.45
CA MET H 150 -14.84 -44.10 17.71
C MET H 150 -13.88 -44.29 18.88
N ASN H 151 -12.69 -44.87 18.64
CA ASN H 151 -11.65 -45.14 19.67
C ASN H 151 -10.88 -43.85 19.99
N LEU H 152 -10.57 -43.03 18.98
CA LEU H 152 -9.79 -41.77 19.14
C LEU H 152 -10.61 -40.72 19.90
N VAL H 153 -11.94 -40.84 19.92
CA VAL H 153 -12.86 -39.83 20.53
C VAL H 153 -13.70 -40.45 21.66
N ALA H 154 -13.34 -41.64 22.15
CA ALA H 154 -14.08 -42.36 23.22
C ALA H 154 -14.18 -41.50 24.49
N LYS H 155 -13.22 -40.60 24.71
CA LYS H 155 -13.24 -39.62 25.83
C LYS H 155 -14.37 -38.60 25.62
N ASN H 156 -14.74 -38.34 24.36
CA ASN H 156 -15.82 -37.39 23.97
C ASN H 156 -16.68 -38.02 22.88
N PRO H 157 -17.45 -39.09 23.22
CA PRO H 157 -18.11 -39.91 22.19
C PRO H 157 -19.29 -39.19 21.54
N PRO H 158 -19.74 -39.63 20.34
CA PRO H 158 -20.91 -39.03 19.71
C PRO H 158 -22.20 -39.54 20.38
N ASP H 159 -23.30 -38.78 20.24
CA ASP H 159 -24.63 -39.12 20.81
C ASP H 159 -25.26 -40.26 20.01
N TYR H 160 -25.03 -40.30 18.70
CA TYR H 160 -25.60 -41.29 17.75
C TYR H 160 -24.49 -41.86 16.86
N LEU H 161 -24.56 -43.17 16.59
CA LEU H 161 -23.72 -43.86 15.56
C LEU H 161 -24.45 -43.75 14.21
N GLY H 162 -23.84 -43.06 13.24
CA GLY H 162 -24.34 -42.94 11.86
C GLY H 162 -23.85 -44.10 11.00
N LEU H 163 -24.77 -44.79 10.31
CA LEU H 163 -24.47 -45.94 9.42
C LEU H 163 -25.12 -45.73 8.04
N HIS H 164 -24.48 -46.26 6.99
CA HIS H 164 -25.07 -46.52 5.65
C HIS H 164 -25.15 -48.03 5.43
N TRP H 165 -26.14 -48.48 4.64
CA TRP H 165 -26.21 -49.87 4.12
C TRP H 165 -26.93 -49.90 2.77
N TYR H 166 -26.29 -50.48 1.76
CA TYR H 166 -26.84 -50.72 0.41
C TYR H 166 -26.60 -52.20 0.04
N GLY H 167 -27.64 -52.87 -0.48
CA GLY H 167 -27.60 -54.31 -0.85
C GLY H 167 -28.98 -54.86 -1.17
N THR H 168 -29.04 -56.15 -1.52
CA THR H 168 -30.24 -56.82 -2.10
C THR H 168 -30.94 -57.71 -1.07
N LYS H 169 -30.24 -58.11 0.00
CA LYS H 169 -30.75 -59.09 1.01
C LYS H 169 -31.00 -58.36 2.34
N GLY H 170 -32.25 -58.39 2.81
CA GLY H 170 -32.71 -57.68 4.04
C GLY H 170 -32.16 -58.34 5.29
N ASP H 171 -32.08 -59.68 5.30
CA ASP H 171 -31.52 -60.47 6.42
C ASP H 171 -30.03 -60.12 6.60
N GLU H 172 -29.38 -59.62 5.55
CA GLU H 172 -27.95 -59.19 5.56
C GLU H 172 -27.82 -57.80 6.20
N MET H 173 -28.79 -56.91 5.99
CA MET H 173 -28.80 -55.55 6.61
C MET H 173 -29.13 -55.67 8.09
N ILE H 174 -30.17 -56.44 8.45
CA ILE H 174 -30.54 -56.76 9.86
C ILE H 174 -29.26 -57.18 10.61
N ARG H 175 -28.53 -58.15 10.04
CA ARG H 175 -27.29 -58.74 10.61
C ARG H 175 -26.22 -57.64 10.79
N TYR H 176 -26.08 -56.72 9.82
CA TYR H 176 -25.09 -55.61 9.86
C TYR H 176 -25.40 -54.67 11.04
N LEU H 177 -26.67 -54.37 11.26
CA LEU H 177 -27.12 -53.40 12.31
C LEU H 177 -26.91 -54.02 13.70
N GLU H 178 -27.34 -55.28 13.91
CA GLU H 178 -27.12 -56.02 15.18
C GLU H 178 -25.62 -56.09 15.46
N SER H 179 -24.82 -56.35 14.43
CA SER H 179 -23.34 -56.50 14.48
C SER H 179 -22.68 -55.20 14.97
N MET H 180 -23.08 -54.05 14.41
CA MET H 180 -22.52 -52.72 14.76
C MET H 180 -23.05 -52.25 16.12
N HIS H 181 -24.25 -52.70 16.49
CA HIS H 181 -24.88 -52.45 17.82
C HIS H 181 -24.10 -53.21 18.90
N LYS H 182 -23.68 -54.44 18.61
CA LYS H 182 -22.82 -55.28 19.49
C LYS H 182 -21.44 -54.63 19.63
N GLU H 183 -20.85 -54.20 18.51
CA GLU H 183 -19.48 -53.60 18.43
C GLU H 183 -19.46 -52.26 19.17
N HIS H 184 -20.43 -51.39 18.90
CA HIS H 184 -20.62 -50.06 19.55
C HIS H 184 -21.99 -50.00 20.20
N PRO H 185 -22.14 -50.48 21.46
CA PRO H 185 -23.45 -50.56 22.11
C PRO H 185 -23.83 -49.36 22.99
N HIS H 186 -23.05 -48.28 22.95
CA HIS H 186 -23.15 -47.12 23.89
C HIS H 186 -24.10 -46.04 23.33
N GLN H 187 -24.22 -45.93 22.01
CA GLN H 187 -25.16 -44.97 21.33
C GLN H 187 -26.34 -45.74 20.75
N PRO H 188 -27.48 -45.06 20.50
CA PRO H 188 -28.47 -45.55 19.54
C PRO H 188 -27.96 -45.31 18.12
N ILE H 189 -28.41 -46.13 17.16
CA ILE H 189 -27.95 -46.13 15.74
C ILE H 189 -28.91 -45.26 14.91
N ILE H 190 -28.36 -44.40 14.05
CA ILE H 190 -29.10 -43.68 12.97
C ILE H 190 -28.61 -44.24 11.62
N VAL H 191 -29.53 -44.78 10.81
CA VAL H 191 -29.26 -45.24 9.41
C VAL H 191 -29.48 -44.01 8.50
N SER H 192 -28.42 -43.23 8.27
CA SER H 192 -28.48 -41.89 7.62
C SER H 192 -28.71 -42.03 6.10
N GLU H 193 -28.39 -43.19 5.51
CA GLU H 193 -28.82 -43.60 4.15
C GLU H 193 -28.95 -45.13 4.10
N TRP H 194 -29.94 -45.65 3.38
CA TRP H 194 -30.09 -47.10 3.10
C TRP H 194 -31.12 -47.30 1.98
N ALA H 195 -31.00 -48.39 1.23
CA ALA H 195 -31.89 -48.77 0.11
C ALA H 195 -31.54 -50.17 -0.40
N SER H 196 -32.44 -50.76 -1.20
CA SER H 196 -32.16 -51.97 -2.01
C SER H 196 -31.43 -51.55 -3.29
N THR H 197 -30.44 -52.35 -3.71
CA THR H 197 -29.67 -52.16 -4.96
C THR H 197 -30.18 -53.12 -6.04
N SER H 198 -31.22 -53.91 -5.73
CA SER H 198 -31.83 -54.92 -6.64
C SER H 198 -32.51 -54.21 -7.82
N ARG H 199 -32.34 -54.75 -9.02
CA ARG H 199 -32.94 -54.22 -10.29
C ARG H 199 -34.34 -54.84 -10.49
N SER H 200 -34.74 -55.78 -9.61
CA SER H 200 -36.09 -56.39 -9.55
C SER H 200 -36.94 -55.68 -8.49
N TYR H 201 -38.10 -55.14 -8.86
CA TYR H 201 -38.94 -54.29 -7.98
C TYR H 201 -39.52 -55.10 -6.82
N PRO H 202 -40.12 -56.30 -7.04
CA PRO H 202 -40.63 -57.11 -5.93
C PRO H 202 -39.60 -57.28 -4.80
N ASP H 203 -38.31 -57.26 -5.13
CA ASP H 203 -37.18 -57.45 -4.19
C ASP H 203 -36.85 -56.13 -3.46
N VAL H 204 -36.95 -54.98 -4.15
CA VAL H 204 -36.75 -53.63 -3.54
C VAL H 204 -37.85 -53.41 -2.50
N LEU H 205 -39.10 -53.67 -2.89
CA LEU H 205 -40.31 -53.52 -2.03
C LEU H 205 -40.21 -54.50 -0.84
N GLY H 206 -39.89 -55.76 -1.12
CA GLY H 206 -39.73 -56.84 -0.12
C GLY H 206 -38.72 -56.46 0.97
N LEU H 207 -37.56 -55.93 0.57
CA LEU H 207 -36.48 -55.49 1.49
C LEU H 207 -36.93 -54.24 2.23
N THR H 208 -37.28 -53.18 1.49
CA THR H 208 -37.71 -51.85 2.02
C THR H 208 -38.78 -52.07 3.09
N VAL H 209 -39.76 -52.92 2.81
CA VAL H 209 -40.90 -53.24 3.74
C VAL H 209 -40.34 -53.97 4.98
N GLN H 210 -39.56 -55.04 4.76
CA GLN H 210 -39.02 -55.91 5.85
C GLN H 210 -38.27 -55.05 6.88
N LEU H 211 -37.40 -54.17 6.41
CA LEU H 211 -36.45 -53.38 7.24
C LEU H 211 -37.18 -52.25 7.97
N ALA H 212 -38.06 -51.52 7.26
CA ALA H 212 -38.91 -50.45 7.84
C ALA H 212 -39.65 -51.00 9.06
N ASN H 213 -40.27 -52.18 8.93
CA ASN H 213 -41.07 -52.84 10.00
C ASN H 213 -40.15 -53.37 11.10
N TRP H 214 -38.96 -53.86 10.75
CA TRP H 214 -37.96 -54.40 11.72
C TRP H 214 -37.36 -53.26 12.55
N MET H 215 -36.92 -52.18 11.88
CA MET H 215 -36.25 -51.01 12.53
C MET H 215 -37.25 -50.24 13.39
N ASP H 216 -38.53 -50.21 12.99
CA ASP H 216 -39.64 -49.60 13.76
C ASP H 216 -39.74 -50.28 15.14
N SER H 217 -39.59 -51.60 15.19
CA SER H 217 -39.79 -52.44 16.41
C SER H 217 -38.46 -52.68 17.13
N THR H 218 -37.40 -51.93 16.80
CA THR H 218 -36.05 -52.02 17.44
C THR H 218 -35.72 -50.68 18.09
N PRO H 219 -35.84 -50.55 19.44
CA PRO H 219 -35.61 -49.27 20.11
C PRO H 219 -34.24 -48.62 19.84
N TRP H 220 -33.16 -49.40 19.70
CA TRP H 220 -31.78 -48.87 19.57
C TRP H 220 -31.52 -48.29 18.16
N VAL H 221 -32.53 -48.33 17.27
CA VAL H 221 -32.54 -47.53 16.01
C VAL H 221 -33.39 -46.27 16.25
N ALA H 222 -32.75 -45.11 16.37
CA ALA H 222 -33.40 -43.79 16.60
C ALA H 222 -34.23 -43.41 15.38
N GLU H 223 -33.59 -43.36 14.21
CA GLU H 223 -34.26 -43.04 12.91
C GLU H 223 -33.50 -43.71 11.75
N TYR H 224 -34.18 -43.94 10.64
CA TYR H 224 -33.62 -44.49 9.38
C TYR H 224 -34.10 -43.64 8.19
N ALA H 225 -33.29 -43.59 7.12
CA ALA H 225 -33.43 -42.65 5.99
C ALA H 225 -33.32 -43.39 4.66
N LEU H 226 -34.45 -43.69 4.02
CA LEU H 226 -34.52 -44.41 2.71
C LEU H 226 -34.07 -43.47 1.59
N PHE H 227 -33.04 -43.86 0.84
CA PHE H 227 -32.44 -43.08 -0.28
C PHE H 227 -33.26 -43.33 -1.57
N GLY H 228 -33.36 -42.32 -2.43
CA GLY H 228 -34.00 -42.43 -3.75
C GLY H 228 -34.76 -41.18 -4.16
N CYS H 229 -35.29 -40.41 -3.20
CA CYS H 229 -36.18 -39.25 -3.48
C CYS H 229 -35.38 -38.12 -4.14
N MET H 230 -35.11 -38.28 -5.44
CA MET H 230 -34.42 -37.30 -6.32
C MET H 230 -34.71 -37.68 -7.78
N ARG H 231 -34.68 -36.70 -8.69
CA ARG H 231 -35.12 -36.86 -10.10
C ARG H 231 -34.20 -37.82 -10.84
N GLN H 232 -32.92 -37.48 -10.98
CA GLN H 232 -31.89 -38.27 -11.72
C GLN H 232 -31.28 -39.32 -10.80
N MET H 233 -30.79 -40.42 -11.38
CA MET H 233 -29.99 -41.45 -10.68
C MET H 233 -28.72 -40.79 -10.13
N ALA H 234 -28.43 -40.99 -8.84
CA ALA H 234 -27.24 -40.42 -8.16
C ALA H 234 -25.96 -40.98 -8.79
N ASP H 235 -25.99 -42.24 -9.24
CA ASP H 235 -24.82 -42.96 -9.80
C ASP H 235 -25.30 -44.26 -10.47
N ASP H 236 -24.35 -45.08 -10.96
CA ASP H 236 -24.60 -46.39 -11.61
C ASP H 236 -25.00 -47.43 -10.55
N PHE H 237 -24.59 -47.24 -9.30
CA PHE H 237 -24.65 -48.25 -8.20
C PHE H 237 -26.09 -48.40 -7.69
N VAL H 238 -26.79 -47.29 -7.43
CA VAL H 238 -28.21 -47.30 -6.95
C VAL H 238 -29.12 -47.81 -8.08
N SER H 239 -30.20 -48.51 -7.70
CA SER H 239 -31.18 -49.15 -8.62
C SER H 239 -32.20 -48.10 -9.08
N PRO H 240 -32.52 -48.03 -10.40
CA PRO H 240 -33.67 -47.23 -10.87
C PRO H 240 -35.01 -47.64 -10.25
N GLU H 241 -35.16 -48.91 -9.86
CA GLU H 241 -36.41 -49.48 -9.29
C GLU H 241 -36.54 -49.09 -7.80
N ALA H 242 -35.51 -48.44 -7.23
CA ALA H 242 -35.48 -47.97 -5.83
C ALA H 242 -35.72 -46.46 -5.74
N GLN H 243 -35.90 -45.78 -6.89
CA GLN H 243 -36.20 -44.32 -6.95
C GLN H 243 -37.50 -44.05 -6.19
N LEU H 244 -37.58 -42.88 -5.53
CA LEU H 244 -38.76 -42.41 -4.75
C LEU H 244 -39.36 -41.17 -5.42
N MET H 245 -38.68 -40.61 -6.42
CA MET H 245 -39.16 -39.46 -7.25
C MET H 245 -38.99 -39.81 -8.74
N ASN H 246 -40.06 -39.66 -9.53
CA ASN H 246 -40.03 -39.82 -11.01
C ASN H 246 -39.33 -38.60 -11.63
N LYS H 247 -39.00 -38.67 -12.91
CA LYS H 247 -38.17 -37.66 -13.63
C LYS H 247 -38.92 -36.31 -13.72
N ASP H 248 -40.25 -36.30 -13.56
CA ASP H 248 -41.09 -35.08 -13.61
C ASP H 248 -41.10 -34.39 -12.24
N GLY H 249 -41.10 -35.17 -11.15
CA GLY H 249 -41.13 -34.67 -9.75
C GLY H 249 -42.12 -35.41 -8.88
N SER H 250 -43.07 -36.14 -9.49
CA SER H 250 -44.07 -37.01 -8.80
C SER H 250 -43.34 -38.08 -8.00
N PHE H 251 -43.98 -38.60 -6.94
CA PHE H 251 -43.44 -39.64 -6.04
C PHE H 251 -43.86 -41.03 -6.53
N THR H 252 -42.98 -42.02 -6.35
CA THR H 252 -43.20 -43.44 -6.71
C THR H 252 -44.14 -44.07 -5.68
N ASP H 253 -44.69 -45.26 -5.98
CA ASP H 253 -45.54 -46.03 -5.04
C ASP H 253 -44.71 -46.37 -3.80
N LEU H 254 -43.43 -46.68 -3.99
CA LEU H 254 -42.45 -46.99 -2.89
C LEU H 254 -42.38 -45.79 -1.93
N MET H 255 -42.27 -44.58 -2.48
CA MET H 255 -42.15 -43.32 -1.70
C MET H 255 -43.43 -43.11 -0.89
N TRP H 256 -44.61 -43.30 -1.52
CA TRP H 256 -45.93 -43.19 -0.83
C TRP H 256 -45.95 -44.13 0.39
N LYS H 257 -45.64 -45.41 0.18
CA LYS H 257 -45.66 -46.47 1.21
C LYS H 257 -44.70 -46.10 2.35
N TYR H 258 -43.51 -45.60 2.00
CA TYR H 258 -42.44 -45.20 2.96
C TYR H 258 -42.97 -44.09 3.88
N MET H 259 -43.77 -43.16 3.36
CA MET H 259 -44.19 -41.93 4.08
C MET H 259 -45.67 -41.98 4.50
N SER H 260 -46.37 -43.10 4.26
CA SER H 260 -47.84 -43.22 4.52
C SER H 260 -48.15 -44.44 5.41
N ASP H 261 -47.64 -45.63 5.06
CA ASP H 261 -48.07 -46.93 5.64
C ASP H 261 -47.22 -47.27 6.88
N GLN H 262 -47.87 -47.71 7.96
CA GLN H 262 -47.22 -48.16 9.23
C GLN H 262 -48.19 -49.07 9.99
N PRO H 263 -47.96 -50.40 10.06
CA PRO H 263 -46.76 -51.03 9.50
C PRO H 263 -46.74 -50.99 7.97
N MET H 264 -45.53 -50.99 7.39
CA MET H 264 -45.30 -50.96 5.92
C MET H 264 -45.67 -52.33 5.34
N HIS H 265 -46.38 -52.36 4.20
CA HIS H 265 -46.88 -53.58 3.54
C HIS H 265 -46.47 -53.60 2.07
N ILE H 266 -46.42 -54.80 1.47
CA ILE H 266 -46.08 -55.04 0.04
C ILE H 266 -47.37 -54.90 -0.79
N HIS I 20 -9.37 52.55 -33.63
CA HIS I 20 -7.88 52.54 -33.53
C HIS I 20 -7.25 51.96 -34.80
N MET I 21 -6.12 52.51 -35.25
CA MET I 21 -5.15 51.78 -36.10
C MET I 21 -4.66 50.58 -35.30
N VAL I 22 -4.58 49.40 -35.92
CA VAL I 22 -4.06 48.17 -35.26
C VAL I 22 -2.54 48.19 -35.34
N LYS I 23 -1.87 48.15 -34.19
CA LYS I 23 -0.39 48.19 -34.05
C LYS I 23 0.08 46.97 -33.27
N LYS I 24 0.43 45.89 -33.96
CA LYS I 24 1.02 44.66 -33.35
C LYS I 24 2.08 44.08 -34.31
N ARG I 25 2.90 44.97 -34.91
CA ARG I 25 4.03 44.60 -35.79
C ARG I 25 5.35 44.88 -35.05
N VAL I 26 6.25 43.89 -35.05
CA VAL I 26 7.57 43.95 -34.35
C VAL I 26 8.65 44.26 -35.40
N LEU I 27 9.56 45.19 -35.08
CA LEU I 27 10.75 45.51 -35.90
C LEU I 27 11.92 44.62 -35.45
N LEU I 28 12.23 43.57 -36.20
CA LEU I 28 13.44 42.72 -35.99
C LEU I 28 14.67 43.50 -36.44
N TRP I 29 15.56 43.83 -35.49
CA TRP I 29 16.74 44.71 -35.70
C TRP I 29 18.04 43.92 -35.46
N ASP I 30 18.40 43.05 -36.41
CA ASP I 30 19.65 42.24 -36.37
C ASP I 30 20.82 43.15 -36.02
N TYR I 31 21.74 42.68 -35.17
CA TYR I 31 22.83 43.48 -34.55
C TYR I 31 23.76 44.07 -35.62
N THR I 32 23.79 43.47 -36.81
CA THR I 32 24.61 43.95 -37.98
C THR I 32 24.15 45.35 -38.37
N ASN I 33 22.86 45.66 -38.17
CA ASN I 33 22.29 47.04 -38.30
C ASN I 33 22.93 47.93 -37.23
N THR I 34 22.87 47.51 -35.96
CA THR I 34 23.43 48.25 -34.79
C THR I 34 24.92 48.47 -34.99
N ARG I 35 25.62 47.48 -35.58
CA ARG I 35 27.10 47.46 -35.75
C ARG I 35 27.51 48.42 -36.88
N ASP I 36 26.80 48.38 -38.02
CA ASP I 36 27.23 49.03 -39.29
C ASP I 36 26.39 50.27 -39.59
N VAL I 37 25.05 50.16 -39.52
CA VAL I 37 24.10 51.20 -40.03
C VAL I 37 23.12 51.59 -38.91
N LYS I 38 23.63 52.19 -37.83
CA LYS I 38 22.82 52.89 -36.79
C LYS I 38 21.77 53.78 -37.45
N TRP I 39 22.24 54.67 -38.32
CA TRP I 39 21.47 55.77 -38.98
C TRP I 39 20.16 55.26 -39.58
N ALA I 40 20.10 53.99 -39.98
CA ALA I 40 18.90 53.32 -40.54
C ALA I 40 17.69 53.48 -39.61
N MET I 41 17.92 53.38 -38.29
CA MET I 41 16.86 53.37 -37.24
C MET I 41 16.07 54.69 -37.27
N ASP I 42 16.71 55.81 -37.62
CA ASP I 42 16.09 57.16 -37.67
C ASP I 42 15.17 57.28 -38.90
N LYS I 43 15.36 56.44 -39.91
CA LYS I 43 14.59 56.47 -41.19
C LYS I 43 13.34 55.58 -41.09
N ILE I 44 13.16 54.89 -39.96
CA ILE I 44 11.95 54.04 -39.66
C ILE I 44 10.72 54.95 -39.54
N ASN I 45 9.55 54.42 -39.90
CA ASN I 45 8.22 55.08 -39.72
C ASN I 45 7.62 54.58 -38.40
N PHE I 46 7.55 55.46 -37.39
CA PHE I 46 7.10 55.15 -36.00
C PHE I 46 5.62 55.51 -35.82
N LYS I 47 5.01 56.18 -36.81
CA LYS I 47 3.59 56.64 -36.77
C LYS I 47 2.69 55.56 -37.39
N GLY I 48 3.27 54.44 -37.82
CA GLY I 48 2.56 53.32 -38.48
C GLY I 48 2.25 52.19 -37.51
N PRO I 49 2.04 50.94 -38.01
CA PRO I 49 1.67 49.81 -37.17
C PRO I 49 2.81 49.16 -36.38
N LEU I 50 4.05 49.68 -36.47
CA LEU I 50 5.19 49.22 -35.64
C LEU I 50 4.88 49.52 -34.16
N HIS I 51 4.93 48.49 -33.33
CA HIS I 51 4.44 48.50 -31.92
C HIS I 51 5.51 48.00 -30.93
N SER I 52 6.62 47.43 -31.41
CA SER I 52 7.71 46.89 -30.56
C SER I 52 8.95 46.53 -31.41
N CYS I 53 10.02 46.09 -30.75
CA CYS I 53 11.34 45.78 -31.35
C CYS I 53 12.02 44.63 -30.57
N SER I 54 12.73 43.75 -31.28
CA SER I 54 13.60 42.68 -30.71
C SER I 54 14.84 42.52 -31.60
N ASN I 55 15.99 42.14 -31.02
CA ASN I 55 17.30 42.07 -31.74
C ASN I 55 18.08 40.80 -31.36
N TRP I 56 17.39 39.77 -30.84
CA TRP I 56 17.98 38.43 -30.52
C TRP I 56 19.02 38.50 -29.40
N ASN I 57 19.23 39.67 -28.79
CA ASN I 57 20.34 39.91 -27.82
C ASN I 57 19.77 40.47 -26.51
N THR I 58 20.50 40.27 -25.41
CA THR I 58 20.16 40.74 -24.04
C THR I 58 20.33 42.26 -23.96
N TRP I 59 21.30 42.81 -24.71
CA TRP I 59 21.67 44.26 -24.71
C TRP I 59 20.65 45.07 -25.53
N TYR I 60 20.67 46.40 -25.38
CA TYR I 60 19.66 47.35 -25.92
C TYR I 60 20.22 48.06 -27.15
N PRO I 61 19.44 48.19 -28.25
CA PRO I 61 19.86 48.99 -29.40
C PRO I 61 19.63 50.49 -29.10
N ASP I 62 20.70 51.19 -28.74
CA ASP I 62 20.69 52.62 -28.30
C ASP I 62 19.93 53.48 -29.31
N GLU I 63 20.16 53.25 -30.61
CA GLU I 63 19.61 54.06 -31.73
C GLU I 63 18.07 54.02 -31.74
N LEU I 64 17.45 52.97 -31.16
CA LEU I 64 15.97 52.86 -31.00
C LEU I 64 15.47 54.07 -30.20
N LYS I 65 16.22 54.49 -29.16
CA LYS I 65 15.95 55.69 -28.33
C LYS I 65 14.56 55.61 -27.70
N HIS I 66 14.15 54.40 -27.28
CA HIS I 66 12.90 54.11 -26.53
C HIS I 66 11.66 54.57 -27.31
N ARG I 67 11.73 54.61 -28.65
CA ARG I 67 10.60 55.01 -29.53
C ARG I 67 9.60 53.85 -29.63
N LEU I 68 10.02 52.63 -29.26
CA LEU I 68 9.17 51.42 -29.22
C LEU I 68 9.53 50.56 -28.01
N PRO I 69 8.57 49.78 -27.47
CA PRO I 69 8.89 48.77 -26.44
C PRO I 69 9.87 47.73 -26.98
N PHE I 70 11.04 47.60 -26.33
CA PHE I 70 12.08 46.59 -26.67
C PHE I 70 11.84 45.32 -25.84
N ARG I 71 12.05 44.15 -26.44
CA ARG I 71 12.02 42.83 -25.76
C ARG I 71 13.43 42.24 -25.76
N PRO I 72 14.14 42.24 -24.61
CA PRO I 72 15.39 41.50 -24.49
C PRO I 72 15.18 40.00 -24.75
N MET I 73 16.18 39.34 -25.34
CA MET I 73 16.15 37.88 -25.63
C MET I 73 17.27 37.17 -24.88
N ILE I 74 16.95 36.02 -24.28
CA ILE I 74 17.92 35.04 -23.73
C ILE I 74 18.12 33.95 -24.80
N HIS I 75 19.05 34.21 -25.74
CA HIS I 75 19.21 33.49 -27.03
C HIS I 75 19.53 32.01 -26.78
N GLY I 76 20.65 31.73 -26.11
CA GLY I 76 21.13 30.37 -25.80
C GLY I 76 21.73 30.29 -24.40
N LYS I 77 22.44 29.19 -24.11
CA LYS I 77 23.10 28.92 -22.81
C LYS I 77 24.13 30.02 -22.50
N ASN I 78 24.67 30.68 -23.54
CA ASN I 78 25.77 31.66 -23.46
C ASN I 78 25.27 33.01 -22.91
N ASN I 79 23.96 33.21 -22.78
CA ASN I 79 23.34 34.49 -22.33
C ASN I 79 22.79 34.36 -20.91
N LEU I 80 23.26 33.37 -20.14
CA LEU I 80 22.73 33.02 -18.79
C LEU I 80 23.66 33.51 -17.68
N THR I 81 24.85 34.04 -18.01
CA THR I 81 25.90 34.43 -17.02
C THR I 81 26.57 35.74 -17.40
N GLY I 82 27.34 36.31 -16.46
CA GLY I 82 28.23 37.48 -16.66
C GLY I 82 27.47 38.70 -17.13
N GLY I 83 28.09 39.48 -18.02
CA GLY I 83 27.54 40.73 -18.58
C GLY I 83 26.23 40.51 -19.31
N GLU I 84 26.04 39.32 -19.90
CA GLU I 84 24.82 38.95 -20.67
C GLU I 84 23.60 38.87 -19.75
N TRP I 85 23.73 38.19 -18.60
CA TRP I 85 22.61 37.94 -17.66
C TRP I 85 22.32 39.21 -16.83
N GLN I 86 23.34 40.02 -16.56
CA GLN I 86 23.19 41.31 -15.82
C GLN I 86 22.38 42.30 -16.66
N ASN I 87 22.55 42.25 -17.98
CA ASN I 87 21.73 43.01 -18.97
C ASN I 87 20.25 42.70 -18.75
N ILE I 88 19.92 41.41 -18.56
CA ILE I 88 18.53 40.90 -18.37
C ILE I 88 17.98 41.39 -17.02
N LEU I 89 18.77 41.28 -15.94
CA LEU I 89 18.34 41.59 -14.55
C LEU I 89 18.02 43.08 -14.41
N LYS I 90 18.73 43.96 -15.13
CA LYS I 90 18.70 45.43 -14.94
C LYS I 90 17.73 46.10 -15.93
N THR I 91 17.31 45.40 -17.00
CA THR I 91 16.43 45.95 -18.06
C THR I 91 15.16 46.53 -17.43
N ASN I 92 14.68 47.66 -17.97
CA ASN I 92 13.46 48.38 -17.50
C ASN I 92 12.25 47.92 -18.31
N GLU I 93 12.48 47.09 -19.35
CA GLU I 93 11.46 46.70 -20.36
C GLU I 93 10.57 45.60 -19.78
N GLU I 94 9.33 45.47 -20.29
CA GLU I 94 8.21 44.74 -19.64
C GLU I 94 8.17 43.27 -20.10
N VAL I 95 8.62 42.97 -21.32
CA VAL I 95 8.50 41.64 -21.98
C VAL I 95 9.89 41.10 -22.32
N ILE I 96 10.13 39.80 -22.09
CA ILE I 96 11.46 39.14 -22.30
C ILE I 96 11.25 37.80 -23.02
N HIS I 97 12.14 37.51 -23.99
CA HIS I 97 12.16 36.27 -24.82
C HIS I 97 13.15 35.26 -24.22
N PHE I 98 12.79 33.97 -24.21
CA PHE I 98 13.67 32.85 -23.79
C PHE I 98 14.36 32.30 -25.05
N PHE I 99 14.78 31.03 -25.05
CA PHE I 99 15.73 30.44 -26.04
C PHE I 99 15.16 30.54 -27.46
N ASN I 100 16.06 30.71 -28.44
CA ASN I 100 15.75 30.84 -29.89
C ASN I 100 16.12 29.53 -30.59
N GLU I 101 15.11 28.77 -31.05
CA GLU I 101 15.26 27.47 -31.75
C GLU I 101 16.21 26.59 -30.95
N PRO I 102 15.86 26.22 -29.70
CA PRO I 102 16.74 25.43 -28.82
C PRO I 102 16.98 24.00 -29.32
N GLU I 103 16.03 23.45 -30.10
CA GLU I 103 16.09 22.07 -30.67
C GLU I 103 17.16 22.00 -31.77
N ARG I 104 17.70 23.16 -32.19
CA ARG I 104 18.77 23.26 -33.22
C ARG I 104 20.05 23.87 -32.63
N ALA I 105 20.12 23.99 -31.30
CA ALA I 105 21.33 24.39 -30.54
C ALA I 105 21.68 23.32 -29.49
N GLY I 106 21.04 22.15 -29.57
CA GLY I 106 21.32 20.97 -28.72
C GLY I 106 20.88 21.17 -27.27
N ILE I 107 19.83 21.99 -27.05
CA ILE I 107 19.21 22.23 -25.71
C ILE I 107 17.89 21.45 -25.66
N SER I 108 17.76 20.50 -24.72
CA SER I 108 16.59 19.60 -24.56
C SER I 108 15.46 20.32 -23.82
N PRO I 109 14.20 19.83 -23.91
CA PRO I 109 13.10 20.37 -23.10
C PRO I 109 13.39 20.34 -21.59
N GLU I 110 13.92 19.23 -21.09
CA GLU I 110 14.27 18.99 -19.66
C GLU I 110 15.32 20.03 -19.23
N GLU I 111 16.29 20.31 -20.09
CA GLU I 111 17.43 21.22 -19.84
C GLU I 111 16.93 22.67 -19.74
N ALA I 112 16.01 23.05 -20.64
CA ALA I 112 15.38 24.40 -20.71
C ALA I 112 14.39 24.57 -19.54
N ALA I 113 13.68 23.49 -19.16
CA ALA I 113 12.74 23.44 -18.03
C ALA I 113 13.47 23.75 -16.72
N LYS I 114 14.72 23.30 -16.60
CA LYS I 114 15.58 23.48 -15.39
C LYS I 114 16.01 24.95 -15.28
N ILE I 115 16.49 25.54 -16.38
CA ILE I 115 16.98 26.96 -16.45
C ILE I 115 15.79 27.90 -16.18
N TRP I 116 14.60 27.53 -16.67
CA TRP I 116 13.33 28.31 -16.53
C TRP I 116 13.01 28.54 -15.05
N ASN I 117 12.81 27.47 -14.28
CA ASN I 117 12.42 27.51 -12.84
C ASN I 117 13.54 28.16 -12.01
N ASP I 118 14.80 27.79 -12.28
CA ASP I 118 15.96 28.05 -11.40
C ASP I 118 16.46 29.50 -11.53
N GLN I 119 16.24 30.14 -12.68
CA GLN I 119 16.98 31.38 -13.05
C GLN I 119 16.10 32.38 -13.82
N VAL I 120 15.20 31.94 -14.70
CA VAL I 120 14.38 32.84 -15.58
C VAL I 120 13.12 33.28 -14.82
N LEU I 121 12.39 32.33 -14.22
CA LEU I 121 11.04 32.54 -13.63
C LEU I 121 11.07 33.67 -12.59
N ALA I 122 12.20 33.85 -11.90
CA ALA I 122 12.47 34.91 -10.91
C ALA I 122 12.19 36.30 -11.53
N LEU I 123 12.36 36.44 -12.86
CA LEU I 123 12.12 37.71 -13.60
C LEU I 123 10.63 38.10 -13.55
N ARG I 124 9.73 37.14 -13.37
CA ARG I 124 8.27 37.41 -13.20
C ARG I 124 7.94 37.61 -11.72
N THR I 125 8.24 36.62 -10.88
CA THR I 125 7.83 36.56 -9.45
C THR I 125 8.51 37.69 -8.64
N SER I 126 9.69 38.16 -9.07
CA SER I 126 10.49 39.20 -8.36
C SER I 126 10.50 40.52 -9.14
N HIS I 127 10.80 40.49 -10.45
CA HIS I 127 11.03 41.69 -11.30
C HIS I 127 9.78 42.05 -12.12
N HIS I 128 8.76 41.19 -12.13
CA HIS I 128 7.43 41.43 -12.76
C HIS I 128 7.59 41.70 -14.27
N LYS I 129 8.45 40.93 -14.93
CA LYS I 129 8.56 40.87 -16.41
C LYS I 129 7.61 39.77 -16.90
N ARG I 130 7.08 39.90 -18.11
CA ARG I 130 6.25 38.85 -18.77
C ARG I 130 7.13 38.08 -19.75
N LEU I 131 7.20 36.75 -19.57
CA LEU I 131 8.18 35.86 -20.25
C LEU I 131 7.53 35.19 -21.45
N VAL I 132 8.13 35.36 -22.64
CA VAL I 132 7.76 34.62 -23.89
C VAL I 132 8.46 33.26 -23.82
N SER I 133 7.76 32.18 -24.22
CA SER I 133 8.31 30.81 -24.35
C SER I 133 9.48 30.83 -25.32
N PRO I 134 10.33 29.78 -25.34
CA PRO I 134 11.32 29.63 -26.40
C PRO I 134 10.60 29.48 -27.76
N SER I 135 11.00 30.27 -28.76
CA SER I 135 10.43 30.26 -30.13
C SER I 135 11.08 29.14 -30.96
N CYS I 136 10.35 28.05 -31.19
CA CYS I 136 10.79 26.86 -31.96
C CYS I 136 10.31 26.97 -33.41
N ALA I 137 10.92 26.19 -34.32
CA ALA I 137 10.58 26.13 -35.76
C ALA I 137 9.25 25.38 -35.94
N SER I 138 8.73 25.36 -37.17
CA SER I 138 7.38 24.85 -37.52
C SER I 138 7.41 23.35 -37.90
N ASP I 139 8.60 22.76 -38.02
CA ASP I 139 8.77 21.32 -38.40
C ASP I 139 8.38 20.45 -37.21
N PRO I 140 8.07 19.15 -37.42
CA PRO I 140 7.60 18.26 -36.35
C PRO I 140 8.49 18.20 -35.10
N ALA I 141 9.80 18.43 -35.25
CA ALA I 141 10.78 18.51 -34.15
C ALA I 141 10.49 19.74 -33.27
N GLY I 142 10.24 20.88 -33.91
CA GLY I 142 9.88 22.16 -33.24
C GLY I 142 8.59 22.03 -32.44
N ILE I 143 7.55 21.44 -33.04
CA ILE I 143 6.20 21.23 -32.43
C ILE I 143 6.35 20.36 -31.17
N ALA I 144 7.02 19.21 -31.29
CA ALA I 144 7.15 18.19 -30.22
C ALA I 144 8.07 18.70 -29.10
N TRP I 145 9.05 19.55 -29.43
CA TRP I 145 9.95 20.20 -28.44
C TRP I 145 9.11 21.11 -27.53
N ILE I 146 8.41 22.08 -28.12
CA ILE I 146 7.57 23.07 -27.39
C ILE I 146 6.40 22.33 -26.73
N LYS I 147 5.89 21.25 -27.34
CA LYS I 147 4.81 20.39 -26.77
C LYS I 147 5.26 19.85 -25.41
N LYS I 148 6.51 19.40 -25.29
CA LYS I 148 7.07 18.77 -24.07
C LYS I 148 7.33 19.85 -23.01
N TRP I 149 8.11 20.88 -23.36
CA TRP I 149 8.54 21.98 -22.45
C TRP I 149 7.33 22.64 -21.79
N MET I 150 6.24 22.83 -22.53
CA MET I 150 4.99 23.49 -22.06
C MET I 150 4.28 22.60 -21.03
N ASN I 151 4.46 21.29 -21.10
CA ASN I 151 3.89 20.30 -20.14
C ASN I 151 4.75 20.28 -18.87
N LEU I 152 6.08 20.37 -19.02
CA LEU I 152 7.06 20.33 -17.89
C LEU I 152 6.88 21.57 -17.00
N VAL I 153 6.53 22.73 -17.57
CA VAL I 153 6.41 24.03 -16.84
C VAL I 153 4.95 24.48 -16.80
N ALA I 154 4.00 23.54 -16.88
CA ALA I 154 2.54 23.81 -16.86
C ALA I 154 2.12 24.44 -15.53
N LYS I 155 2.91 24.24 -14.46
CA LYS I 155 2.67 24.82 -13.11
C LYS I 155 3.05 26.30 -13.10
N ASN I 156 3.95 26.73 -13.98
CA ASN I 156 4.41 28.14 -14.13
C ASN I 156 4.54 28.46 -15.61
N PRO I 157 3.42 28.48 -16.37
CA PRO I 157 3.47 28.59 -17.83
C PRO I 157 3.92 29.97 -18.31
N PRO I 158 4.26 30.12 -19.61
CA PRO I 158 4.67 31.41 -20.16
C PRO I 158 3.47 32.35 -20.38
N ASP I 159 3.72 33.66 -20.39
CA ASP I 159 2.70 34.70 -20.68
C ASP I 159 2.37 34.68 -22.18
N TYR I 160 3.35 34.30 -23.01
CA TYR I 160 3.27 34.32 -24.49
C TYR I 160 3.91 33.04 -25.06
N LEU I 161 3.15 32.32 -25.90
CA LEU I 161 3.68 31.20 -26.72
C LEU I 161 4.42 31.80 -27.93
N GLY I 162 5.75 31.64 -27.97
CA GLY I 162 6.61 32.11 -29.08
C GLY I 162 6.66 31.10 -30.20
N LEU I 163 6.42 31.54 -31.44
CA LEU I 163 6.41 30.67 -32.66
C LEU I 163 7.26 31.29 -33.77
N HIS I 164 7.87 30.43 -34.60
CA HIS I 164 8.50 30.76 -35.90
C HIS I 164 7.70 30.07 -37.01
N TRP I 165 7.63 30.69 -38.20
CA TRP I 165 7.08 30.06 -39.43
C TRP I 165 7.72 30.70 -40.68
N TYR I 166 8.36 29.87 -41.50
CA TYR I 166 8.92 30.24 -42.83
C TYR I 166 8.34 29.28 -43.88
N GLY I 167 7.88 29.83 -45.02
CA GLY I 167 7.26 29.06 -46.12
C GLY I 167 6.83 29.94 -47.27
N THR I 168 6.08 29.38 -48.23
CA THR I 168 5.64 30.04 -49.48
C THR I 168 4.11 30.18 -49.54
N LYS I 169 3.37 29.29 -48.87
CA LYS I 169 1.88 29.25 -48.89
C LYS I 169 1.34 29.87 -47.60
N GLY I 170 0.67 31.01 -47.72
CA GLY I 170 0.11 31.79 -46.59
C GLY I 170 -1.00 31.04 -45.87
N ASP I 171 -1.81 30.27 -46.61
CA ASP I 171 -2.93 29.46 -46.07
C ASP I 171 -2.39 28.37 -45.13
N GLU I 172 -1.11 27.99 -45.29
CA GLU I 172 -0.44 26.95 -44.47
C GLU I 172 0.03 27.55 -43.14
N MET I 173 0.47 28.81 -43.14
CA MET I 173 0.90 29.55 -41.91
C MET I 173 -0.31 29.78 -41.01
N ILE I 174 -1.42 30.26 -41.58
CA ILE I 174 -2.73 30.44 -40.88
C ILE I 174 -3.14 29.10 -40.26
N ARG I 175 -3.05 28.02 -41.03
CA ARG I 175 -3.43 26.65 -40.60
C ARG I 175 -2.54 26.20 -39.42
N TYR I 176 -1.29 26.64 -39.38
CA TYR I 176 -0.30 26.33 -38.31
C TYR I 176 -0.60 27.15 -37.05
N LEU I 177 -0.87 28.45 -37.20
CA LEU I 177 -1.22 29.37 -36.07
C LEU I 177 -2.52 28.87 -35.41
N GLU I 178 -3.55 28.59 -36.23
CA GLU I 178 -4.87 28.06 -35.78
C GLU I 178 -4.65 26.73 -35.05
N SER I 179 -3.68 25.92 -35.50
CA SER I 179 -3.34 24.58 -34.94
C SER I 179 -2.65 24.72 -33.59
N MET I 180 -1.71 25.66 -33.45
CA MET I 180 -0.91 25.88 -32.20
C MET I 180 -1.77 26.58 -31.15
N HIS I 181 -2.72 27.43 -31.58
CA HIS I 181 -3.69 28.15 -30.70
C HIS I 181 -4.69 27.13 -30.11
N LYS I 182 -4.96 26.05 -30.82
CA LYS I 182 -5.87 24.94 -30.40
C LYS I 182 -5.14 24.06 -29.37
N GLU I 183 -3.90 23.66 -29.69
CA GLU I 183 -3.03 22.79 -28.85
C GLU I 183 -2.72 23.50 -27.52
N HIS I 184 -2.31 24.78 -27.60
CA HIS I 184 -1.94 25.64 -26.44
C HIS I 184 -2.89 26.84 -26.37
N PRO I 185 -4.13 26.65 -25.88
CA PRO I 185 -5.13 27.73 -25.86
C PRO I 185 -5.05 28.73 -24.70
N HIS I 186 -4.19 28.49 -23.71
CA HIS I 186 -4.23 29.16 -22.37
C HIS I 186 -3.43 30.47 -22.34
N GLN I 187 -3.01 31.00 -23.50
CA GLN I 187 -2.14 32.21 -23.57
C GLN I 187 -2.09 32.76 -24.98
N PRO I 188 -1.92 34.10 -25.16
CA PRO I 188 -1.70 34.70 -26.47
C PRO I 188 -0.42 34.19 -27.14
N ILE I 189 -0.34 34.33 -28.47
CA ILE I 189 0.78 33.86 -29.33
C ILE I 189 1.60 35.07 -29.80
N ILE I 190 2.92 34.92 -29.85
CA ILE I 190 3.87 35.87 -30.52
C ILE I 190 4.60 35.10 -31.64
N VAL I 191 4.60 35.67 -32.85
CA VAL I 191 5.38 35.17 -34.02
C VAL I 191 6.68 35.99 -34.10
N SER I 192 7.69 35.59 -33.33
CA SER I 192 8.97 36.32 -33.14
C SER I 192 9.80 36.30 -34.43
N GLU I 193 9.57 35.33 -35.32
CA GLU I 193 10.15 35.26 -36.68
C GLU I 193 9.13 34.66 -37.65
N TRP I 194 8.84 35.35 -38.76
CA TRP I 194 8.10 34.80 -39.92
C TRP I 194 8.46 35.61 -41.18
N ALA I 195 8.29 34.99 -42.34
CA ALA I 195 8.62 35.56 -43.67
C ALA I 195 8.28 34.53 -44.76
N SER I 196 7.99 35.01 -45.98
CA SER I 196 7.85 34.17 -47.19
C SER I 196 9.25 33.80 -47.72
N THR I 197 9.44 32.53 -48.07
CA THR I 197 10.73 31.96 -48.54
C THR I 197 10.73 31.83 -50.07
N SER I 198 9.67 32.30 -50.75
CA SER I 198 9.51 32.23 -52.22
C SER I 198 10.49 33.18 -52.91
N ARG I 199 11.03 32.78 -54.06
CA ARG I 199 11.94 33.61 -54.92
C ARG I 199 11.10 34.42 -55.91
N SER I 200 9.79 34.18 -55.97
CA SER I 200 8.79 34.99 -56.73
C SER I 200 8.32 36.14 -55.83
N TYR I 201 8.69 37.38 -56.17
CA TYR I 201 8.42 38.58 -55.33
C TYR I 201 6.90 38.78 -55.17
N PRO I 202 6.09 38.70 -56.25
CA PRO I 202 4.64 38.73 -56.11
C PRO I 202 4.09 37.78 -55.03
N ASP I 203 4.65 36.58 -54.92
CA ASP I 203 4.20 35.52 -53.96
C ASP I 203 4.63 35.89 -52.54
N VAL I 204 5.80 36.54 -52.39
CA VAL I 204 6.33 37.04 -51.08
C VAL I 204 5.40 38.14 -50.57
N LEU I 205 5.16 39.17 -51.39
CA LEU I 205 4.28 40.33 -51.08
C LEU I 205 2.86 39.83 -50.77
N GLY I 206 2.33 38.94 -51.61
CA GLY I 206 0.98 38.36 -51.47
C GLY I 206 0.77 37.68 -50.13
N LEU I 207 1.75 36.90 -49.68
CA LEU I 207 1.73 36.18 -48.38
C LEU I 207 1.84 37.19 -47.23
N THR I 208 2.87 38.05 -47.27
CA THR I 208 3.18 39.07 -46.24
C THR I 208 1.93 39.93 -45.97
N VAL I 209 1.26 40.38 -47.04
CA VAL I 209 -0.02 41.16 -46.97
C VAL I 209 -1.09 40.31 -46.28
N GLN I 210 -1.37 39.12 -46.82
CA GLN I 210 -2.45 38.21 -46.36
C GLN I 210 -2.40 38.05 -44.84
N LEU I 211 -1.21 37.71 -44.31
CA LEU I 211 -1.02 37.30 -42.89
C LEU I 211 -1.03 38.52 -41.97
N ALA I 212 -0.31 39.57 -42.33
CA ALA I 212 -0.29 40.86 -41.59
C ALA I 212 -1.73 41.28 -41.28
N ASN I 213 -2.57 41.37 -42.31
CA ASN I 213 -4.00 41.80 -42.21
C ASN I 213 -4.80 40.76 -41.40
N TRP I 214 -4.55 39.46 -41.64
CA TRP I 214 -5.23 38.34 -40.94
C TRP I 214 -4.85 38.34 -39.45
N MET I 215 -3.57 38.56 -39.14
CA MET I 215 -3.02 38.52 -37.75
C MET I 215 -3.41 39.80 -37.01
N ASP I 216 -3.48 40.93 -37.71
CA ASP I 216 -3.98 42.23 -37.19
C ASP I 216 -5.39 42.05 -36.60
N SER I 217 -6.22 41.23 -37.24
CA SER I 217 -7.67 41.04 -36.91
C SER I 217 -7.92 39.70 -36.20
N THR I 218 -6.87 39.02 -35.73
CA THR I 218 -6.96 37.80 -34.87
C THR I 218 -6.58 38.19 -33.44
N PRO I 219 -7.54 38.35 -32.52
CA PRO I 219 -7.26 38.86 -31.17
C PRO I 219 -6.20 38.06 -30.39
N TRP I 220 -6.11 36.74 -30.57
CA TRP I 220 -5.21 35.84 -29.79
C TRP I 220 -3.79 35.84 -30.35
N VAL I 221 -3.51 36.65 -31.38
CA VAL I 221 -2.13 36.91 -31.89
C VAL I 221 -1.66 38.27 -31.32
N ALA I 222 -0.76 38.24 -30.33
CA ALA I 222 -0.31 39.42 -29.55
C ALA I 222 0.47 40.38 -30.46
N GLU I 223 1.49 39.87 -31.15
CA GLU I 223 2.33 40.65 -32.11
C GLU I 223 3.01 39.68 -33.09
N TYR I 224 3.55 40.21 -34.20
CA TYR I 224 4.24 39.44 -35.26
C TYR I 224 5.42 40.25 -35.81
N ALA I 225 6.51 39.55 -36.15
CA ALA I 225 7.84 40.11 -36.51
C ALA I 225 8.30 39.55 -37.86
N LEU I 226 8.32 40.40 -38.91
CA LEU I 226 8.72 40.01 -40.29
C LEU I 226 10.25 40.06 -40.40
N PHE I 227 10.88 38.93 -40.73
CA PHE I 227 12.35 38.78 -40.90
C PHE I 227 12.78 39.42 -42.22
N GLY I 228 14.02 39.97 -42.27
CA GLY I 228 14.66 40.43 -43.51
C GLY I 228 15.43 41.73 -43.37
N CYS I 229 15.21 42.52 -42.31
CA CYS I 229 15.80 43.87 -42.14
C CYS I 229 17.28 43.75 -41.76
N MET I 230 18.14 43.57 -42.76
CA MET I 230 19.61 43.40 -42.63
C MET I 230 20.25 43.47 -44.03
N ARG I 231 21.50 43.92 -44.11
CA ARG I 231 22.21 44.25 -45.38
C ARG I 231 22.44 42.98 -46.22
N GLN I 232 23.01 41.94 -45.62
CA GLN I 232 23.36 40.65 -46.30
C GLN I 232 22.24 39.64 -46.08
N MET I 233 22.19 38.59 -46.91
CA MET I 233 21.31 37.40 -46.72
C MET I 233 21.78 36.66 -45.46
N ALA I 234 20.85 36.35 -44.55
CA ALA I 234 21.11 35.63 -43.28
C ALA I 234 21.68 34.24 -43.58
N ASP I 235 21.14 33.58 -44.61
CA ASP I 235 21.50 32.20 -45.04
C ASP I 235 20.88 31.93 -46.42
N ASP I 236 21.03 30.71 -46.93
CA ASP I 236 20.53 30.29 -48.27
C ASP I 236 19.08 29.80 -48.17
N PHE I 237 18.49 29.81 -46.96
CA PHE I 237 17.09 29.35 -46.70
C PHE I 237 16.11 30.50 -47.01
N VAL I 238 16.38 31.71 -46.50
CA VAL I 238 15.53 32.92 -46.71
C VAL I 238 15.69 33.41 -48.15
N SER I 239 14.66 34.09 -48.66
CA SER I 239 14.59 34.62 -50.05
C SER I 239 15.17 36.03 -50.12
N PRO I 240 16.07 36.32 -51.09
CA PRO I 240 16.47 37.69 -51.39
C PRO I 240 15.32 38.64 -51.76
N GLU I 241 14.15 38.09 -52.15
CA GLU I 241 12.94 38.86 -52.55
C GLU I 241 12.17 39.30 -51.30
N ALA I 242 12.41 38.64 -50.16
CA ALA I 242 11.77 38.94 -48.86
C ALA I 242 12.68 39.83 -47.99
N GLN I 243 13.82 40.28 -48.53
CA GLN I 243 14.73 41.24 -47.85
C GLN I 243 13.99 42.55 -47.60
N LEU I 244 14.12 43.11 -46.38
CA LEU I 244 13.48 44.37 -45.93
C LEU I 244 14.50 45.52 -45.97
N MET I 245 15.78 45.21 -46.19
CA MET I 245 16.87 46.23 -46.29
C MET I 245 17.72 45.92 -47.53
N ASN I 246 18.14 46.97 -48.24
CA ASN I 246 19.04 46.91 -49.42
C ASN I 246 20.50 46.89 -48.92
N LYS I 247 21.44 46.52 -49.78
CA LYS I 247 22.88 46.33 -49.45
C LYS I 247 23.50 47.64 -48.96
N ASP I 248 22.97 48.80 -49.40
CA ASP I 248 23.46 50.15 -49.01
C ASP I 248 22.90 50.52 -47.62
N GLY I 249 21.83 49.85 -47.17
CA GLY I 249 21.25 50.02 -45.83
C GLY I 249 19.86 50.64 -45.87
N SER I 250 19.45 51.18 -47.03
CA SER I 250 18.09 51.74 -47.27
C SER I 250 17.06 50.61 -47.26
N PHE I 251 15.80 50.92 -46.96
CA PHE I 251 14.70 49.94 -46.81
C PHE I 251 14.10 49.60 -48.17
N THR I 252 13.65 48.35 -48.34
CA THR I 252 12.95 47.85 -49.54
C THR I 252 11.49 48.29 -49.47
N ASP I 253 10.73 48.10 -50.56
CA ASP I 253 9.31 48.51 -50.65
C ASP I 253 8.46 47.63 -49.74
N LEU I 254 8.83 46.35 -49.57
CA LEU I 254 8.12 45.41 -48.67
C LEU I 254 8.24 45.90 -47.22
N MET I 255 9.40 46.49 -46.87
CA MET I 255 9.65 47.07 -45.52
C MET I 255 8.77 48.32 -45.34
N TRP I 256 8.75 49.22 -46.33
CA TRP I 256 7.90 50.44 -46.29
C TRP I 256 6.46 50.03 -45.97
N LYS I 257 5.89 49.13 -46.79
CA LYS I 257 4.50 48.63 -46.67
C LYS I 257 4.30 48.00 -45.28
N TYR I 258 5.31 47.30 -44.75
CA TYR I 258 5.29 46.64 -43.43
C TYR I 258 5.11 47.67 -42.32
N MET I 259 5.85 48.78 -42.37
CA MET I 259 5.97 49.77 -41.26
C MET I 259 5.06 50.98 -41.49
N SER I 260 4.26 51.01 -42.57
CA SER I 260 3.47 52.20 -42.98
C SER I 260 1.97 51.88 -43.16
N ASP I 261 1.62 50.73 -43.75
CA ASP I 261 0.27 50.44 -44.29
C ASP I 261 -0.51 49.51 -43.34
N GLN I 262 -1.75 49.89 -43.00
CA GLN I 262 -2.71 49.07 -42.20
C GLN I 262 -4.14 49.47 -42.59
N PRO I 263 -4.91 48.63 -43.32
CA PRO I 263 -4.47 47.31 -43.78
C PRO I 263 -3.28 47.36 -44.74
N MET I 264 -2.52 46.26 -44.83
CA MET I 264 -1.43 46.08 -45.81
C MET I 264 -2.05 45.70 -47.16
N HIS I 265 -1.57 46.33 -48.25
CA HIS I 265 -2.10 46.19 -49.63
C HIS I 265 -0.98 45.74 -50.57
N ILE I 266 -1.31 44.92 -51.58
CA ILE I 266 -0.33 44.40 -52.58
C ILE I 266 -0.03 45.50 -53.60
N HIS J 20 21.52 43.48 -9.03
CA HIS J 20 20.73 44.59 -9.67
C HIS J 20 20.46 45.71 -8.66
N MET J 21 20.69 46.96 -9.07
CA MET J 21 20.00 48.16 -8.52
C MET J 21 18.49 47.90 -8.64
N VAL J 22 17.75 47.93 -7.53
CA VAL J 22 16.28 47.69 -7.52
C VAL J 22 15.59 48.93 -8.12
N LYS J 23 14.68 48.71 -9.08
CA LYS J 23 13.95 49.76 -9.83
C LYS J 23 12.46 49.44 -9.84
N LYS J 24 11.69 50.04 -8.91
CA LYS J 24 10.21 49.89 -8.83
C LYS J 24 9.58 51.16 -8.25
N ARG J 25 10.19 52.33 -8.52
CA ARG J 25 9.72 53.65 -8.00
C ARG J 25 9.08 54.42 -9.16
N VAL J 26 7.79 54.72 -9.01
CA VAL J 26 6.95 55.42 -10.04
C VAL J 26 7.16 56.93 -9.88
N LEU J 27 7.24 57.65 -11.00
CA LEU J 27 7.25 59.14 -11.04
C LEU J 27 5.82 59.64 -11.29
N LEU J 28 5.10 60.00 -10.23
CA LEU J 28 3.78 60.71 -10.33
C LEU J 28 4.06 62.12 -10.87
N TRP J 29 3.57 62.40 -12.08
CA TRP J 29 3.82 63.69 -12.81
C TRP J 29 2.48 64.38 -13.07
N ASP J 30 1.94 65.07 -12.04
CA ASP J 30 0.64 65.80 -12.10
C ASP J 30 0.65 66.73 -13.32
N TYR J 31 -0.50 66.88 -13.97
CA TYR J 31 -0.67 67.60 -15.26
C TYR J 31 -0.27 69.07 -15.12
N THR J 32 -0.22 69.60 -13.88
CA THR J 32 0.20 70.99 -13.56
C THR J 32 1.69 71.18 -13.90
N ASN J 33 2.49 70.11 -13.85
CA ASN J 33 3.92 70.11 -14.25
C ASN J 33 4.01 70.31 -15.77
N THR J 34 3.28 69.48 -16.53
CA THR J 34 3.16 69.57 -18.02
C THR J 34 2.76 70.99 -18.43
N ARG J 35 1.81 71.58 -17.70
CA ARG J 35 1.17 72.88 -18.02
C ARG J 35 2.14 74.05 -17.79
N ASP J 36 2.90 74.01 -16.70
CA ASP J 36 3.71 75.17 -16.20
C ASP J 36 5.21 74.90 -16.34
N VAL J 37 5.68 73.73 -15.92
CA VAL J 37 7.15 73.43 -15.73
C VAL J 37 7.49 72.10 -16.41
N LYS J 38 7.24 72.01 -17.72
CA LYS J 38 7.72 70.92 -18.63
C LYS J 38 9.20 70.63 -18.34
N TRP J 39 10.02 71.68 -18.38
CA TRP J 39 11.51 71.67 -18.28
C TRP J 39 12.00 70.87 -17.05
N ALA J 40 11.18 70.79 -15.99
CA ALA J 40 11.52 70.12 -14.70
C ALA J 40 11.72 68.61 -14.92
N MET J 41 11.12 68.03 -15.96
CA MET J 41 11.27 66.59 -16.31
C MET J 41 12.71 66.30 -16.74
N ASP J 42 13.36 67.23 -17.46
CA ASP J 42 14.75 67.10 -17.96
C ASP J 42 15.73 67.04 -16.78
N LYS J 43 15.32 67.54 -15.60
CA LYS J 43 16.16 67.56 -14.37
C LYS J 43 16.00 66.25 -13.57
N ILE J 44 15.10 65.36 -13.99
CA ILE J 44 14.92 64.01 -13.37
C ILE J 44 16.21 63.21 -13.59
N ASN J 45 16.58 62.38 -12.60
CA ASN J 45 17.70 61.39 -12.68
C ASN J 45 17.10 60.03 -13.05
N PHE J 46 17.27 59.61 -14.31
CA PHE J 46 16.69 58.37 -14.90
C PHE J 46 17.66 57.19 -14.71
N LYS J 47 18.80 57.42 -14.05
CA LYS J 47 19.87 56.41 -13.80
C LYS J 47 19.73 55.86 -12.37
N GLY J 48 18.73 56.33 -11.62
CA GLY J 48 18.40 55.85 -10.27
C GLY J 48 17.33 54.75 -10.31
N PRO J 49 16.55 54.56 -9.21
CA PRO J 49 15.54 53.50 -9.15
C PRO J 49 14.15 53.85 -9.72
N LEU J 50 14.02 54.96 -10.48
CA LEU J 50 12.79 55.29 -11.23
C LEU J 50 12.61 54.26 -12.35
N HIS J 51 11.44 53.61 -12.40
CA HIS J 51 11.13 52.44 -13.27
C HIS J 51 9.94 52.72 -14.19
N SER J 52 9.05 53.66 -13.84
CA SER J 52 7.85 54.01 -14.63
C SER J 52 7.31 55.40 -14.23
N CYS J 53 6.20 55.83 -14.85
CA CYS J 53 5.58 57.17 -14.69
C CYS J 53 4.06 57.08 -14.93
N SER J 54 3.28 57.91 -14.23
CA SER J 54 1.81 58.09 -14.42
C SER J 54 1.42 59.53 -14.09
N ASN J 55 0.24 59.99 -14.54
CA ASN J 55 -0.21 61.40 -14.39
C ASN J 55 -1.75 61.49 -14.26
N TRP J 56 -2.43 60.42 -13.83
CA TRP J 56 -3.89 60.36 -13.61
C TRP J 56 -4.68 60.67 -14.90
N ASN J 57 -4.05 60.54 -16.08
CA ASN J 57 -4.66 60.97 -17.37
C ASN J 57 -4.36 59.95 -18.47
N THR J 58 -5.16 59.99 -19.54
CA THR J 58 -5.08 59.09 -20.72
C THR J 58 -3.95 59.56 -21.64
N TRP J 59 -3.80 60.87 -21.80
CA TRP J 59 -2.78 61.51 -22.69
C TRP J 59 -1.38 61.35 -22.08
N TYR J 60 -0.35 61.36 -22.94
CA TYR J 60 1.07 61.07 -22.59
C TYR J 60 1.81 62.39 -22.36
N PRO J 61 2.64 62.49 -21.29
CA PRO J 61 3.47 63.68 -21.06
C PRO J 61 4.70 63.68 -21.99
N ASP J 62 4.67 64.50 -23.04
CA ASP J 62 5.69 64.57 -24.12
C ASP J 62 7.08 64.81 -23.53
N GLU J 63 7.18 65.62 -22.46
CA GLU J 63 8.46 65.97 -21.78
C GLU J 63 9.18 64.70 -21.30
N LEU J 64 8.43 63.63 -21.02
CA LEU J 64 8.96 62.31 -20.56
C LEU J 64 9.86 61.70 -21.65
N LYS J 65 9.63 62.05 -22.93
CA LYS J 65 10.44 61.63 -24.10
C LYS J 65 10.78 60.13 -23.99
N HIS J 66 9.80 59.32 -23.55
CA HIS J 66 9.84 57.83 -23.46
C HIS J 66 11.07 57.33 -22.69
N ARG J 67 11.57 58.09 -21.72
CA ARG J 67 12.73 57.68 -20.87
C ARG J 67 12.27 56.67 -19.81
N LEU J 68 10.96 56.64 -19.51
CA LEU J 68 10.32 55.65 -18.60
C LEU J 68 9.04 55.12 -19.25
N PRO J 69 8.66 53.85 -18.99
CA PRO J 69 7.35 53.34 -19.40
C PRO J 69 6.23 54.14 -18.72
N PHE J 70 5.26 54.61 -19.50
CA PHE J 70 4.08 55.39 -19.03
C PHE J 70 2.91 54.42 -18.75
N ARG J 71 2.05 54.81 -17.80
CA ARG J 71 0.77 54.11 -17.48
C ARG J 71 -0.39 55.08 -17.66
N PRO J 72 -1.11 55.03 -18.81
CA PRO J 72 -2.36 55.77 -18.96
C PRO J 72 -3.37 55.37 -17.87
N MET J 73 -4.14 56.35 -17.37
CA MET J 73 -5.21 56.12 -16.35
C MET J 73 -6.57 56.43 -16.98
N ILE J 74 -7.52 55.50 -16.83
CA ILE J 74 -8.98 55.75 -16.99
C ILE J 74 -9.50 56.27 -15.64
N HIS J 75 -9.35 57.58 -15.40
CA HIS J 75 -9.52 58.24 -14.09
C HIS J 75 -10.97 58.13 -13.61
N GLY J 76 -11.92 58.62 -14.42
CA GLY J 76 -13.35 58.66 -14.09
C GLY J 76 -14.23 58.29 -15.28
N LYS J 77 -15.53 58.61 -15.20
CA LYS J 77 -16.55 58.25 -16.22
C LYS J 77 -16.40 59.15 -17.46
N ASN J 78 -15.79 60.32 -17.31
CA ASN J 78 -15.56 61.30 -18.41
C ASN J 78 -14.41 60.84 -19.32
N ASN J 79 -13.69 59.79 -18.92
CA ASN J 79 -12.49 59.26 -19.65
C ASN J 79 -12.88 58.05 -20.51
N LEU J 80 -14.18 57.75 -20.64
CA LEU J 80 -14.69 56.51 -21.28
C LEU J 80 -15.13 56.79 -22.73
N THR J 81 -15.15 58.05 -23.17
CA THR J 81 -15.66 58.47 -24.50
C THR J 81 -14.73 59.51 -25.14
N GLY J 82 -14.95 59.80 -26.43
CA GLY J 82 -14.26 60.85 -27.20
C GLY J 82 -12.76 60.61 -27.28
N GLY J 83 -11.99 61.70 -27.38
CA GLY J 83 -10.50 61.68 -27.47
C GLY J 83 -9.86 61.09 -26.23
N GLU J 84 -10.54 61.14 -25.08
CA GLU J 84 -10.07 60.55 -23.80
C GLU J 84 -9.94 59.03 -23.96
N TRP J 85 -10.99 58.36 -24.45
CA TRP J 85 -11.01 56.89 -24.70
C TRP J 85 -10.14 56.55 -25.92
N GLN J 86 -9.94 57.52 -26.82
CA GLN J 86 -9.11 57.38 -28.04
C GLN J 86 -7.64 57.23 -27.65
N ASN J 87 -7.17 58.07 -26.73
CA ASN J 87 -5.79 58.03 -26.15
C ASN J 87 -5.51 56.63 -25.61
N ILE J 88 -6.54 55.99 -25.03
CA ILE J 88 -6.44 54.64 -24.37
C ILE J 88 -6.35 53.54 -25.43
N LEU J 89 -7.13 53.64 -26.52
CA LEU J 89 -7.18 52.59 -27.58
C LEU J 89 -5.92 52.61 -28.44
N LYS J 90 -5.25 53.77 -28.56
CA LYS J 90 -4.09 53.96 -29.48
C LYS J 90 -2.76 53.82 -28.73
N THR J 91 -2.77 53.65 -27.40
CA THR J 91 -1.56 53.68 -26.54
C THR J 91 -0.67 52.47 -26.87
N ASN J 92 0.65 52.71 -26.93
CA ASN J 92 1.69 51.67 -27.20
C ASN J 92 2.30 51.21 -25.87
N GLU J 93 1.97 51.92 -24.77
CA GLU J 93 2.45 51.61 -23.39
C GLU J 93 1.66 50.39 -22.88
N GLU J 94 2.29 49.56 -22.04
CA GLU J 94 1.82 48.18 -21.71
C GLU J 94 0.74 48.21 -20.63
N VAL J 95 0.97 48.92 -19.52
CA VAL J 95 0.15 48.83 -18.26
C VAL J 95 -0.80 50.03 -18.19
N ILE J 96 -2.09 49.78 -17.91
CA ILE J 96 -3.17 50.81 -17.84
C ILE J 96 -3.86 50.73 -16.48
N HIS J 97 -4.10 51.90 -15.85
CA HIS J 97 -4.83 52.06 -14.56
C HIS J 97 -6.33 52.26 -14.84
N PHE J 98 -7.19 51.67 -14.00
CA PHE J 98 -8.66 51.93 -14.00
C PHE J 98 -8.93 53.11 -13.03
N PHE J 99 -10.12 53.18 -12.44
CA PHE J 99 -10.66 54.40 -11.76
C PHE J 99 -9.78 54.80 -10.56
N ASN J 100 -9.63 56.12 -10.36
CA ASN J 100 -8.93 56.74 -9.20
C ASN J 100 -9.96 57.03 -8.10
N GLU J 101 -9.77 56.43 -6.92
CA GLU J 101 -10.67 56.56 -5.74
C GLU J 101 -12.12 56.67 -6.21
N PRO J 102 -12.64 55.62 -6.91
CA PRO J 102 -14.01 55.67 -7.43
C PRO J 102 -15.10 55.67 -6.34
N GLU J 103 -14.77 55.17 -5.15
CA GLU J 103 -15.69 55.13 -3.98
C GLU J 103 -15.99 56.56 -3.51
N ARG J 104 -15.20 57.54 -3.95
CA ARG J 104 -15.37 59.00 -3.62
C ARG J 104 -15.79 59.79 -4.86
N ALA J 105 -16.23 59.12 -5.93
CA ALA J 105 -16.79 59.75 -7.16
C ALA J 105 -18.22 59.26 -7.40
N GLY J 106 -18.83 58.62 -6.39
CA GLY J 106 -20.20 58.04 -6.46
C GLY J 106 -20.29 56.92 -7.47
N ILE J 107 -19.15 56.36 -7.91
CA ILE J 107 -19.06 55.19 -8.83
C ILE J 107 -19.22 53.93 -7.99
N SER J 108 -20.30 53.15 -8.22
CA SER J 108 -20.63 51.91 -7.47
C SER J 108 -19.76 50.77 -7.95
N PRO J 109 -19.52 49.71 -7.13
CA PRO J 109 -18.82 48.51 -7.57
C PRO J 109 -19.56 47.76 -8.70
N GLU J 110 -20.89 47.77 -8.67
CA GLU J 110 -21.78 47.13 -9.70
C GLU J 110 -21.57 47.82 -11.05
N GLU J 111 -21.33 49.14 -11.04
CA GLU J 111 -21.25 50.00 -12.24
C GLU J 111 -19.83 49.95 -12.84
N ALA J 112 -18.80 49.98 -11.98
CA ALA J 112 -17.37 49.94 -12.37
C ALA J 112 -17.03 48.56 -12.97
N ALA J 113 -17.59 47.49 -12.39
CA ALA J 113 -17.42 46.08 -12.84
C ALA J 113 -18.14 45.86 -14.17
N LYS J 114 -19.21 46.63 -14.42
CA LYS J 114 -20.04 46.54 -15.65
C LYS J 114 -19.34 47.26 -16.81
N ILE J 115 -18.55 48.30 -16.52
CA ILE J 115 -17.71 49.03 -17.51
C ILE J 115 -16.47 48.18 -17.84
N TRP J 116 -15.89 47.55 -16.82
CA TRP J 116 -14.72 46.63 -16.91
C TRP J 116 -15.00 45.52 -17.93
N ASN J 117 -16.14 44.84 -17.80
CA ASN J 117 -16.56 43.68 -18.64
C ASN J 117 -16.94 44.17 -20.04
N ASP J 118 -17.54 45.36 -20.15
CA ASP J 118 -18.15 45.89 -21.40
C ASP J 118 -17.09 46.53 -22.30
N GLN J 119 -16.17 47.30 -21.73
CA GLN J 119 -15.36 48.31 -22.47
C GLN J 119 -13.85 48.19 -22.18
N VAL J 120 -13.43 47.78 -20.98
CA VAL J 120 -12.01 47.85 -20.53
C VAL J 120 -11.29 46.52 -20.77
N LEU J 121 -11.94 45.38 -20.50
CA LEU J 121 -11.35 44.01 -20.68
C LEU J 121 -10.68 43.91 -22.05
N ALA J 122 -11.35 44.42 -23.10
CA ALA J 122 -10.90 44.39 -24.51
C ALA J 122 -9.44 44.81 -24.63
N LEU J 123 -8.98 45.76 -23.80
CA LEU J 123 -7.58 46.26 -23.79
C LEU J 123 -6.60 45.11 -23.49
N ARG J 124 -7.04 44.04 -22.83
CA ARG J 124 -6.22 42.83 -22.57
C ARG J 124 -6.53 41.75 -23.60
N THR J 125 -7.79 41.34 -23.73
CA THR J 125 -8.25 40.21 -24.58
C THR J 125 -7.99 40.50 -26.06
N SER J 126 -7.75 41.76 -26.44
CA SER J 126 -7.52 42.18 -27.85
C SER J 126 -6.18 42.93 -28.00
N HIS J 127 -5.89 43.92 -27.14
CA HIS J 127 -4.69 44.79 -27.24
C HIS J 127 -3.54 44.27 -26.36
N HIS J 128 -3.83 43.32 -25.47
CA HIS J 128 -2.84 42.61 -24.60
C HIS J 128 -2.10 43.61 -23.70
N LYS J 129 -2.83 44.60 -23.20
CA LYS J 129 -2.35 45.54 -22.13
C LYS J 129 -2.57 44.84 -20.79
N ARG J 130 -1.74 45.16 -19.79
CA ARG J 130 -1.91 44.67 -18.40
C ARG J 130 -2.69 45.74 -17.61
N LEU J 131 -3.71 45.29 -16.86
CA LEU J 131 -4.72 46.17 -16.23
C LEU J 131 -4.53 46.20 -14.71
N VAL J 132 -4.49 47.40 -14.13
CA VAL J 132 -4.52 47.65 -12.66
C VAL J 132 -5.97 47.87 -12.25
N SER J 133 -6.41 47.24 -11.15
CA SER J 133 -7.72 47.48 -10.51
C SER J 133 -7.88 48.97 -10.22
N PRO J 134 -9.11 49.48 -10.02
CA PRO J 134 -9.30 50.83 -9.48
C PRO J 134 -8.54 50.99 -8.16
N SER J 135 -7.90 52.15 -7.95
CA SER J 135 -7.07 52.45 -6.75
C SER J 135 -7.90 53.21 -5.71
N CYS J 136 -8.38 52.49 -4.69
CA CYS J 136 -9.19 53.02 -3.56
C CYS J 136 -8.28 53.41 -2.39
N ALA J 137 -8.69 54.41 -1.60
CA ALA J 137 -7.99 54.88 -0.38
C ALA J 137 -8.06 53.79 0.69
N SER J 138 -7.31 53.95 1.79
CA SER J 138 -7.04 52.91 2.82
C SER J 138 -8.06 52.96 3.96
N ASP J 139 -9.18 53.67 3.80
CA ASP J 139 -10.27 53.77 4.81
C ASP J 139 -11.28 52.64 4.54
N PRO J 140 -12.09 52.23 5.56
CA PRO J 140 -13.08 51.16 5.38
C PRO J 140 -13.99 51.30 4.15
N ALA J 141 -14.22 52.53 3.67
CA ALA J 141 -14.98 52.82 2.43
C ALA J 141 -14.27 52.20 1.22
N GLY J 142 -12.98 52.52 1.05
CA GLY J 142 -12.13 52.03 -0.06
C GLY J 142 -11.93 50.53 0.00
N ILE J 143 -11.74 49.98 1.22
CA ILE J 143 -11.49 48.52 1.45
C ILE J 143 -12.77 47.73 1.15
N ALA J 144 -13.93 48.22 1.61
CA ALA J 144 -15.27 47.63 1.36
C ALA J 144 -15.53 47.58 -0.15
N TRP J 145 -15.17 48.65 -0.86
CA TRP J 145 -15.41 48.85 -2.31
C TRP J 145 -14.57 47.85 -3.13
N ILE J 146 -13.25 47.86 -2.92
CA ILE J 146 -12.25 47.06 -3.70
C ILE J 146 -12.47 45.56 -3.42
N LYS J 147 -12.86 45.21 -2.19
CA LYS J 147 -13.17 43.81 -1.78
C LYS J 147 -14.34 43.29 -2.62
N LYS J 148 -15.41 44.08 -2.75
CA LYS J 148 -16.68 43.69 -3.42
C LYS J 148 -16.49 43.67 -4.94
N TRP J 149 -15.65 44.56 -5.48
CA TRP J 149 -15.39 44.70 -6.94
C TRP J 149 -14.66 43.46 -7.47
N MET J 150 -13.58 43.06 -6.79
CA MET J 150 -12.73 41.88 -7.15
C MET J 150 -13.58 40.61 -7.09
N ASN J 151 -14.59 40.57 -6.21
CA ASN J 151 -15.57 39.47 -6.07
C ASN J 151 -16.46 39.43 -7.32
N LEU J 152 -16.92 40.59 -7.82
CA LEU J 152 -17.84 40.70 -8.97
C LEU J 152 -17.09 40.48 -10.30
N VAL J 153 -15.75 40.50 -10.30
CA VAL J 153 -14.91 40.31 -11.52
C VAL J 153 -13.89 39.18 -11.29
N ALA J 154 -14.26 38.16 -10.52
CA ALA J 154 -13.40 36.99 -10.18
C ALA J 154 -13.12 36.15 -11.43
N LYS J 155 -14.09 36.08 -12.36
CA LYS J 155 -13.98 35.34 -13.65
C LYS J 155 -12.97 36.03 -14.57
N ASN J 156 -12.69 37.32 -14.35
CA ASN J 156 -11.78 38.16 -15.17
C ASN J 156 -11.01 39.11 -14.27
N PRO J 157 -10.07 38.61 -13.44
CA PRO J 157 -9.40 39.44 -12.43
C PRO J 157 -8.29 40.30 -13.05
N PRO J 158 -7.94 41.44 -12.42
CA PRO J 158 -6.91 42.32 -12.96
C PRO J 158 -5.49 41.76 -12.78
N ASP J 159 -4.50 42.40 -13.43
CA ASP J 159 -3.07 41.98 -13.42
C ASP J 159 -2.38 42.54 -12.19
N TYR J 160 -2.95 43.57 -11.56
CA TYR J 160 -2.38 44.29 -10.39
C TYR J 160 -3.51 44.80 -9.48
N LEU J 161 -3.33 44.68 -8.16
CA LEU J 161 -4.21 45.35 -7.14
C LEU J 161 -3.63 46.73 -6.85
N GLY J 162 -4.32 47.78 -7.33
CA GLY J 162 -3.92 49.20 -7.12
C GLY J 162 -4.35 49.69 -5.75
N LEU J 163 -3.41 50.24 -4.98
CA LEU J 163 -3.65 50.74 -3.59
C LEU J 163 -3.16 52.20 -3.48
N HIS J 164 -3.85 52.99 -2.65
CA HIS J 164 -3.35 54.25 -2.04
C HIS J 164 -3.14 54.02 -0.55
N TRP J 165 -2.22 54.76 0.07
CA TRP J 165 -2.08 54.84 1.55
C TRP J 165 -1.48 56.19 1.96
N TYR J 166 -2.19 56.91 2.83
CA TYR J 166 -1.73 58.16 3.49
C TYR J 166 -1.87 58.01 5.00
N GLY J 167 -0.86 58.49 5.74
CA GLY J 167 -0.79 58.39 7.22
C GLY J 167 0.58 58.84 7.72
N THR J 168 0.83 58.69 9.03
CA THR J 168 2.06 59.18 9.72
C THR J 168 2.95 58.00 10.16
N LYS J 169 2.38 56.80 10.30
CA LYS J 169 3.06 55.62 10.90
C LYS J 169 3.42 54.61 9.79
N GLY J 170 4.71 54.29 9.67
CA GLY J 170 5.26 53.39 8.63
C GLY J 170 4.86 51.94 8.88
N ASP J 171 4.97 51.48 10.13
CA ASP J 171 4.54 50.13 10.58
C ASP J 171 3.05 49.93 10.24
N GLU J 172 2.29 51.02 10.15
CA GLU J 172 0.84 51.02 9.81
C GLU J 172 0.64 50.66 8.34
N MET J 173 1.33 51.35 7.42
CA MET J 173 1.24 51.13 5.94
C MET J 173 1.62 49.69 5.63
N ILE J 174 2.75 49.21 6.18
CA ILE J 174 3.28 47.83 6.01
C ILE J 174 2.19 46.83 6.41
N ARG J 175 1.45 47.10 7.49
CA ARG J 175 0.39 46.20 8.03
C ARG J 175 -0.82 46.20 7.08
N TYR J 176 -1.10 47.34 6.42
CA TYR J 176 -2.19 47.48 5.42
C TYR J 176 -1.85 46.66 4.16
N LEU J 177 -0.60 46.75 3.68
CA LEU J 177 -0.11 46.04 2.47
C LEU J 177 -0.06 44.54 2.73
N GLU J 178 0.45 44.13 3.90
CA GLU J 178 0.47 42.71 4.36
C GLU J 178 -0.96 42.20 4.53
N SER J 179 -1.88 43.07 4.98
CA SER J 179 -3.32 42.76 5.21
C SER J 179 -4.04 42.58 3.86
N MET J 180 -3.62 43.30 2.81
CA MET J 180 -4.27 43.32 1.48
C MET J 180 -3.64 42.26 0.56
N HIS J 181 -2.36 41.93 0.75
CA HIS J 181 -1.67 40.81 0.05
C HIS J 181 -2.26 39.47 0.53
N LYS J 182 -2.75 39.43 1.77
CA LYS J 182 -3.37 38.23 2.41
C LYS J 182 -4.83 38.11 1.95
N GLU J 183 -5.54 39.25 1.81
CA GLU J 183 -6.97 39.32 1.42
C GLU J 183 -7.12 39.01 -0.07
N HIS J 184 -6.28 39.62 -0.91
CA HIS J 184 -6.26 39.46 -2.40
C HIS J 184 -4.89 38.93 -2.83
N PRO J 185 -4.66 37.60 -2.68
CA PRO J 185 -3.31 37.02 -2.81
C PRO J 185 -2.90 36.51 -4.19
N HIS J 186 -3.73 36.71 -5.22
CA HIS J 186 -3.62 36.02 -6.54
C HIS J 186 -2.87 36.88 -7.56
N GLN J 187 -2.67 38.18 -7.29
CA GLN J 187 -1.98 39.13 -8.21
C GLN J 187 -1.08 40.05 -7.39
N PRO J 188 0.02 40.59 -7.97
CA PRO J 188 0.89 41.52 -7.25
C PRO J 188 0.20 42.87 -6.98
N ILE J 189 0.74 43.64 -6.04
CA ILE J 189 0.18 44.96 -5.60
C ILE J 189 1.00 46.09 -6.22
N ILE J 190 0.32 47.06 -6.86
CA ILE J 190 0.87 48.40 -7.22
C ILE J 190 0.33 49.41 -6.21
N VAL J 191 1.19 50.28 -5.67
CA VAL J 191 0.83 51.41 -4.78
C VAL J 191 0.83 52.69 -5.63
N SER J 192 -0.34 53.04 -6.19
CA SER J 192 -0.54 54.14 -7.19
C SER J 192 -0.33 55.51 -6.54
N GLU J 193 -0.55 55.62 -5.22
CA GLU J 193 -0.31 56.85 -4.42
C GLU J 193 0.07 56.46 -2.99
N TRP J 194 1.07 57.14 -2.41
CA TRP J 194 1.41 57.02 -0.96
C TRP J 194 2.31 58.19 -0.55
N ALA J 195 2.24 58.57 0.73
CA ALA J 195 3.05 59.66 1.35
C ALA J 195 2.85 59.66 2.86
N SER J 196 3.82 60.21 3.59
CA SER J 196 3.67 60.65 5.01
C SER J 196 2.83 61.94 5.02
N THR J 197 1.79 61.98 5.86
CA THR J 197 0.87 63.15 6.01
C THR J 197 1.30 63.99 7.23
N SER J 198 2.42 63.66 7.85
CA SER J 198 2.97 64.35 9.06
C SER J 198 3.57 65.71 8.66
N ARG J 199 3.48 66.70 9.56
CA ARG J 199 4.01 68.07 9.37
C ARG J 199 5.41 68.20 9.99
N SER J 200 5.92 67.14 10.62
CA SER J 200 7.32 67.01 11.08
C SER J 200 8.16 66.39 9.96
N TYR J 201 9.08 67.15 9.37
CA TYR J 201 9.88 66.71 8.19
C TYR J 201 10.64 65.42 8.53
N PRO J 202 11.31 65.32 9.69
CA PRO J 202 12.04 64.10 10.05
C PRO J 202 11.15 62.84 10.13
N ASP J 203 9.86 63.00 10.45
CA ASP J 203 8.88 61.88 10.53
C ASP J 203 8.41 61.51 9.11
N VAL J 204 8.46 62.45 8.16
CA VAL J 204 8.19 62.20 6.71
C VAL J 204 9.36 61.43 6.11
N LEU J 205 10.58 61.95 6.28
CA LEU J 205 11.84 61.34 5.80
C LEU J 205 11.97 59.92 6.34
N GLY J 206 11.56 59.71 7.60
CA GLY J 206 11.59 58.40 8.29
C GLY J 206 10.69 57.38 7.63
N LEU J 207 9.45 57.75 7.31
CA LEU J 207 8.44 56.84 6.69
C LEU J 207 8.85 56.56 5.23
N THR J 208 9.17 57.61 4.47
CA THR J 208 9.62 57.52 3.05
C THR J 208 10.76 56.49 2.95
N VAL J 209 11.84 56.71 3.73
CA VAL J 209 13.05 55.84 3.78
C VAL J 209 12.63 54.41 4.13
N GLN J 210 11.82 54.24 5.19
CA GLN J 210 11.40 52.92 5.73
C GLN J 210 10.69 52.11 4.63
N LEU J 211 9.72 52.73 3.95
CA LEU J 211 8.74 52.03 3.05
C LEU J 211 9.36 51.83 1.66
N ALA J 212 10.13 52.81 1.16
CA ALA J 212 10.92 52.70 -0.08
C ALA J 212 11.81 51.45 0.00
N ASN J 213 12.53 51.30 1.12
CA ASN J 213 13.48 50.18 1.38
C ASN J 213 12.71 48.89 1.64
N TRP J 214 11.57 48.95 2.35
CA TRP J 214 10.73 47.77 2.68
C TRP J 214 10.14 47.17 1.39
N MET J 215 9.48 48.00 0.59
CA MET J 215 8.77 47.59 -0.64
C MET J 215 9.78 47.19 -1.73
N ASP J 216 10.98 47.76 -1.70
CA ASP J 216 12.12 47.41 -2.61
C ASP J 216 12.44 45.92 -2.47
N SER J 217 12.53 45.41 -1.23
CA SER J 217 12.93 44.03 -0.89
C SER J 217 11.69 43.14 -0.65
N THR J 218 10.48 43.67 -0.88
CA THR J 218 9.20 42.92 -0.89
C THR J 218 8.87 42.55 -2.34
N PRO J 219 8.96 41.25 -2.73
CA PRO J 219 8.77 40.85 -4.12
C PRO J 219 7.35 41.05 -4.66
N TRP J 220 6.31 40.81 -3.85
CA TRP J 220 4.89 40.86 -4.28
C TRP J 220 4.40 42.31 -4.41
N VAL J 221 5.27 43.31 -4.21
CA VAL J 221 5.01 44.74 -4.49
C VAL J 221 5.71 45.12 -5.79
N ALA J 222 4.95 45.25 -6.88
CA ALA J 222 5.42 45.48 -8.26
C ALA J 222 6.09 46.86 -8.36
N GLU J 223 5.36 47.91 -7.96
CA GLU J 223 5.86 49.32 -7.94
C GLU J 223 5.06 50.14 -6.93
N TYR J 224 5.61 51.28 -6.51
CA TYR J 224 5.01 52.22 -5.53
C TYR J 224 5.31 53.66 -5.99
N ALA J 225 4.30 54.54 -5.89
CA ALA J 225 4.31 55.91 -6.45
C ALA J 225 4.19 56.94 -5.32
N LEU J 226 5.31 57.57 -4.95
CA LEU J 226 5.37 58.61 -3.88
C LEU J 226 4.77 59.91 -4.41
N PHE J 227 3.82 60.49 -3.67
CA PHE J 227 3.01 61.68 -4.04
C PHE J 227 3.70 62.95 -3.56
N GLY J 228 3.53 64.05 -4.32
CA GLY J 228 3.91 65.42 -3.89
C GLY J 228 4.79 66.17 -4.89
N CYS J 229 4.94 65.68 -6.13
CA CYS J 229 5.77 66.33 -7.18
C CYS J 229 4.91 67.30 -7.98
N MET J 230 4.53 68.42 -7.36
CA MET J 230 3.71 69.51 -7.94
C MET J 230 3.97 70.80 -7.15
N ARG J 231 3.85 71.96 -7.81
CA ARG J 231 4.23 73.29 -7.27
C ARG J 231 3.37 73.63 -6.04
N GLN J 232 2.05 73.69 -6.22
CA GLN J 232 1.06 74.02 -5.17
C GLN J 232 0.68 72.74 -4.42
N MET J 233 0.27 72.87 -3.16
CA MET J 233 -0.32 71.77 -2.35
C MET J 233 -1.59 71.28 -3.05
N ALA J 234 -1.74 69.97 -3.24
CA ALA J 234 -2.91 69.32 -3.86
C ALA J 234 -4.18 69.73 -3.10
N ASP J 235 -4.15 69.61 -1.77
CA ASP J 235 -5.30 69.91 -0.86
C ASP J 235 -4.74 70.26 0.53
N ASP J 236 -5.58 70.23 1.56
CA ASP J 236 -5.20 70.56 2.97
C ASP J 236 -4.98 69.28 3.78
N PHE J 237 -5.25 68.11 3.19
CA PHE J 237 -5.07 66.77 3.84
C PHE J 237 -3.60 66.35 3.77
N VAL J 238 -2.94 66.55 2.63
CA VAL J 238 -1.49 66.22 2.40
C VAL J 238 -0.63 67.29 3.09
N SER J 239 0.65 66.96 3.33
CA SER J 239 1.60 67.74 4.16
C SER J 239 2.58 68.52 3.28
N PRO J 240 2.78 69.84 3.52
CA PRO J 240 3.86 70.60 2.88
C PRO J 240 5.27 70.00 2.98
N GLU J 241 5.56 69.29 4.08
CA GLU J 241 6.91 68.70 4.37
C GLU J 241 7.15 67.47 3.48
N ALA J 242 6.09 66.88 2.94
CA ALA J 242 6.12 65.68 2.08
C ALA J 242 6.22 66.06 0.59
N GLN J 243 6.22 67.37 0.28
CA GLN J 243 6.29 67.88 -1.11
C GLN J 243 7.63 67.45 -1.74
N LEU J 244 7.58 67.05 -3.01
CA LEU J 244 8.73 66.55 -3.81
C LEU J 244 9.22 67.64 -4.77
N MET J 245 8.54 68.80 -4.79
CA MET J 245 8.85 69.94 -5.69
C MET J 245 8.52 71.25 -4.96
N ASN J 246 9.40 72.26 -5.07
CA ASN J 246 9.21 73.62 -4.51
C ASN J 246 8.24 74.39 -5.42
N LYS J 247 7.91 75.63 -5.04
CA LYS J 247 6.94 76.50 -5.78
C LYS J 247 7.60 77.10 -7.03
N ASP J 248 8.93 77.02 -7.15
CA ASP J 248 9.70 77.49 -8.34
C ASP J 248 9.94 76.32 -9.31
N GLY J 249 9.56 75.09 -8.91
CA GLY J 249 9.61 73.89 -9.77
C GLY J 249 10.85 73.05 -9.53
N SER J 250 11.85 73.58 -8.82
CA SER J 250 13.06 72.83 -8.35
C SER J 250 12.62 71.74 -7.39
N PHE J 251 13.41 70.66 -7.28
CA PHE J 251 13.08 69.44 -6.50
C PHE J 251 13.56 69.61 -5.05
N THR J 252 12.78 69.08 -4.10
CA THR J 252 13.12 69.01 -2.65
C THR J 252 14.15 67.89 -2.45
N ASP J 253 14.84 67.90 -1.31
CA ASP J 253 15.86 66.87 -0.94
C ASP J 253 15.18 65.51 -0.82
N LEU J 254 13.91 65.47 -0.37
CA LEU J 254 13.11 64.22 -0.29
C LEU J 254 13.00 63.59 -1.68
N MET J 255 12.75 64.42 -2.71
CA MET J 255 12.60 63.97 -4.12
C MET J 255 13.93 63.43 -4.63
N TRP J 256 15.03 64.15 -4.41
CA TRP J 256 16.39 63.70 -4.79
C TRP J 256 16.61 62.28 -4.25
N LYS J 257 16.45 62.10 -2.94
CA LYS J 257 16.64 60.82 -2.22
C LYS J 257 15.73 59.75 -2.81
N TYR J 258 14.49 60.11 -3.19
CA TYR J 258 13.48 59.18 -3.77
C TYR J 258 13.97 58.64 -5.12
N MET J 259 14.62 59.49 -5.94
CA MET J 259 14.95 59.19 -7.36
C MET J 259 16.46 58.97 -7.56
N SER J 260 17.27 59.02 -6.49
CA SER J 260 18.76 58.94 -6.58
C SER J 260 19.34 57.84 -5.67
N ASP J 261 18.72 57.56 -4.52
CA ASP J 261 19.29 56.69 -3.45
C ASP J 261 18.53 55.37 -3.37
N GLN J 262 19.22 54.25 -3.61
CA GLN J 262 18.73 52.86 -3.37
C GLN J 262 19.87 52.05 -2.77
N PRO J 263 19.80 51.62 -1.49
CA PRO J 263 18.62 51.83 -0.65
C PRO J 263 18.56 53.28 -0.13
N MET J 264 17.35 53.78 0.18
CA MET J 264 17.12 55.13 0.74
C MET J 264 17.76 55.22 2.13
N HIS J 265 18.27 56.41 2.48
CA HIS J 265 18.89 56.73 3.80
C HIS J 265 18.35 58.08 4.29
N ILE J 266 18.33 58.28 5.61
CA ILE J 266 17.82 59.53 6.26
C ILE J 266 18.93 60.59 6.25
#